data_5U8O
#
_entry.id   5U8O
#
_cell.length_a   45.520
_cell.length_b   106.830
_cell.length_c   144.330
_cell.angle_alpha   90.000
_cell.angle_beta   91.300
_cell.angle_gamma   90.000
#
_symmetry.space_group_name_H-M   'P 1 21 1'
#
loop_
_entity.id
_entity.type
_entity.pdbx_description
1 polymer 'Zn-dependent hydrolase'
2 non-polymer 'ZINC ION'
3 non-polymer 'UNKNOWN ATOM OR ION'
4 non-polymer 'CALCIUM ION'
5 non-polymer 'CHLORIDE ION'
6 water water
#
_entity_poly.entity_id   1
_entity_poly.type   'polypeptide(L)'
_entity_poly.pdbx_seq_one_letter_code
;MAHHHHHHMNALEHQLDYPFADTLPAAGDTFEVAPGVRWLRMPLPFSLDHINLWLLRDEIDGQAGWTVVDCGIASDAIRT
HWEQIFDAHLDGLPVLRVIVTHCHPDHFGLANWLCEGGDKRRWNVRLWMTLGEYMFGCLMAAGNGSNAGGAAAADHFARH
GLTDAASLEKLRNRRSYYSDLVPAVPPRYRRLRDGDAVTIGTRTWRVVTGYGHSPEHCALHSEADGVLISGDMVLPRIST
NVSVFDLEPEANPLALYLQSLGRYETMAPDTLVLPSHGKPFRGVRTRIAQLRAHHDARLDEVRVACAEQPMSAADIVPIM
FRRRELDIHQMTFALGEAIAHLNLLWLAGELVREQGDDGVLRFRIAR
;
_entity_poly.pdbx_strand_id   A,B,C,D
#
# COMPACT_ATOMS: atom_id res chain seq x y z
N HIS A 6 19.35 -18.86 46.03
CA HIS A 6 18.51 -18.73 44.84
C HIS A 6 17.28 -17.85 45.13
N HIS A 7 16.69 -17.99 46.32
CA HIS A 7 15.48 -17.28 46.69
C HIS A 7 15.77 -15.94 47.36
N HIS A 8 14.76 -15.05 47.36
CA HIS A 8 14.81 -13.74 47.99
C HIS A 8 13.99 -13.78 49.27
N MET A 9 14.64 -13.63 50.43
CA MET A 9 13.99 -13.76 51.73
C MET A 9 13.27 -12.49 52.18
N ASN A 10 12.13 -12.68 52.83
CA ASN A 10 11.28 -11.59 53.31
C ASN A 10 11.78 -11.11 54.67
N ALA A 11 12.41 -9.93 54.70
CA ALA A 11 12.88 -9.35 55.96
C ALA A 11 11.77 -8.67 56.76
N LEU A 12 10.63 -8.38 56.13
CA LEU A 12 9.47 -7.77 56.77
C LEU A 12 8.43 -8.81 57.18
N GLU A 13 8.89 -10.00 57.52
CA GLU A 13 8.00 -11.06 57.97
C GLU A 13 7.23 -10.68 59.23
N HIS A 14 7.79 -9.83 60.09
CA HIS A 14 7.10 -9.42 61.31
C HIS A 14 5.80 -8.68 61.03
N GLN A 15 5.64 -8.17 59.80
CA GLN A 15 4.41 -7.47 59.45
C GLN A 15 3.28 -8.44 59.14
N LEU A 16 3.58 -9.73 59.05
CA LEU A 16 2.60 -10.79 58.92
C LEU A 16 2.37 -11.41 60.30
N ASP A 17 1.18 -12.00 60.48
CA ASP A 17 0.89 -12.69 61.73
C ASP A 17 0.66 -14.16 61.42
N TYR A 18 1.34 -15.01 62.17
CA TYR A 18 1.20 -16.44 62.04
C TYR A 18 0.23 -16.94 63.10
N PRO A 19 -1.02 -17.26 62.75
CA PRO A 19 -2.01 -17.61 63.78
C PRO A 19 -1.65 -18.83 64.63
N PHE A 20 -0.75 -19.71 64.17
CA PHE A 20 -0.28 -20.86 64.94
C PHE A 20 1.19 -20.71 65.35
N ALA A 21 1.74 -19.51 65.29
CA ALA A 21 3.09 -19.22 65.79
C ALA A 21 4.08 -20.14 65.09
N ASP A 22 4.86 -20.94 65.82
CA ASP A 22 5.88 -21.79 65.22
C ASP A 22 5.47 -23.24 65.17
N THR A 23 4.19 -23.55 65.41
CA THR A 23 3.70 -24.91 65.26
C THR A 23 3.86 -25.39 63.82
N LEU A 24 4.29 -26.65 63.69
CA LEU A 24 4.48 -27.34 62.42
C LEU A 24 3.95 -28.74 62.62
N PRO A 25 3.16 -29.28 61.69
CA PRO A 25 2.82 -30.69 61.79
C PRO A 25 4.07 -31.53 61.60
N ALA A 26 4.21 -32.55 62.44
CA ALA A 26 5.32 -33.47 62.30
C ALA A 26 5.13 -34.27 61.01
N ALA A 27 6.25 -34.67 60.39
CA ALA A 27 6.17 -35.53 59.21
C ALA A 27 5.35 -36.77 59.53
N GLY A 28 4.34 -37.07 58.69
CA GLY A 28 3.45 -38.18 58.96
C GLY A 28 2.26 -37.87 59.85
N ASP A 29 2.10 -36.62 60.25
CA ASP A 29 1.00 -36.16 61.09
C ASP A 29 0.27 -35.06 60.33
N THR A 30 -0.88 -34.66 60.86
CA THR A 30 -1.65 -33.55 60.32
C THR A 30 -1.98 -32.59 61.47
N PHE A 31 -2.29 -31.35 61.12
CA PHE A 31 -2.72 -30.34 62.09
C PHE A 31 -3.90 -29.59 61.51
N GLU A 32 -4.97 -29.46 62.29
CA GLU A 32 -6.19 -28.86 61.76
C GLU A 32 -6.08 -27.34 61.80
N VAL A 33 -6.04 -26.68 60.62
CA VAL A 33 -5.98 -25.22 60.57
C VAL A 33 -7.33 -24.56 60.42
N ALA A 34 -8.35 -25.32 60.07
CA ALA A 34 -9.72 -24.85 60.01
C ALA A 34 -10.62 -26.07 60.04
N PRO A 35 -11.89 -25.92 60.40
CA PRO A 35 -12.76 -27.11 60.46
C PRO A 35 -12.77 -27.85 59.13
N GLY A 36 -12.28 -29.08 59.15
CA GLY A 36 -12.22 -29.90 57.96
C GLY A 36 -11.10 -29.55 56.99
N VAL A 37 -10.10 -28.79 57.42
CA VAL A 37 -8.98 -28.38 56.58
C VAL A 37 -7.72 -28.71 57.37
N ARG A 38 -7.00 -29.74 56.94
CA ARG A 38 -5.82 -30.22 57.63
C ARG A 38 -4.54 -29.91 56.87
N TRP A 39 -3.50 -29.59 57.63
CA TRP A 39 -2.19 -29.18 57.12
C TRP A 39 -1.22 -30.34 57.29
N LEU A 40 -0.53 -30.68 56.20
CA LEU A 40 0.53 -31.68 56.16
C LEU A 40 1.80 -30.99 55.69
N ARG A 41 2.94 -31.42 56.21
CA ARG A 41 4.22 -30.83 55.80
C ARG A 41 5.16 -31.96 55.42
N MET A 42 5.60 -31.94 54.19
CA MET A 42 6.46 -32.99 53.73
C MET A 42 7.88 -32.48 53.60
N PRO A 43 8.89 -33.32 53.86
CA PRO A 43 10.27 -32.90 53.65
C PRO A 43 10.68 -32.97 52.18
N LEU A 44 11.59 -32.08 51.80
CA LEU A 44 12.18 -31.98 50.48
C LEU A 44 13.70 -31.89 50.63
N PRO A 45 14.47 -32.51 49.72
CA PRO A 45 15.93 -32.55 49.90
C PRO A 45 16.69 -31.40 49.21
N PHE A 46 16.07 -30.24 49.10
CA PHE A 46 16.70 -29.08 48.50
C PHE A 46 16.92 -28.01 49.57
N SER A 47 17.34 -26.82 49.12
CA SER A 47 17.47 -25.66 50.01
C SER A 47 16.11 -25.24 50.55
N LEU A 48 15.05 -25.41 49.76
CA LEU A 48 13.67 -25.31 50.22
C LEU A 48 13.30 -26.69 50.77
N ASP A 49 13.27 -26.82 52.10
CA ASP A 49 13.32 -28.15 52.69
C ASP A 49 11.95 -28.76 52.96
N HIS A 50 10.88 -28.18 52.40
CA HIS A 50 9.56 -28.68 52.75
C HIS A 50 8.55 -28.16 51.74
N ILE A 51 7.42 -28.85 51.68
CA ILE A 51 6.22 -28.37 51.01
C ILE A 51 5.03 -28.68 51.90
N ASN A 52 4.06 -27.76 51.93
CA ASN A 52 2.81 -27.97 52.65
C ASN A 52 1.75 -28.53 51.71
N LEU A 53 1.09 -29.60 52.11
CA LEU A 53 -0.02 -30.18 51.39
C LEU A 53 -1.27 -30.09 52.26
N TRP A 54 -2.45 -30.22 51.66
CA TRP A 54 -3.71 -29.97 52.36
C TRP A 54 -4.63 -31.16 52.23
N LEU A 55 -5.24 -31.56 53.35
CA LEU A 55 -6.27 -32.59 53.41
C LEU A 55 -7.60 -31.93 53.75
N LEU A 56 -8.59 -32.09 52.88
CA LEU A 56 -9.88 -31.44 53.04
C LEU A 56 -10.99 -32.48 53.19
N ARG A 57 -11.64 -32.48 54.35
CA ARG A 57 -12.78 -33.36 54.60
C ARG A 57 -13.87 -33.08 53.59
N ASP A 58 -14.49 -34.16 53.11
CA ASP A 58 -15.34 -34.04 51.94
C ASP A 58 -16.30 -35.21 51.91
N GLU A 59 -17.28 -35.12 51.00
CA GLU A 59 -18.21 -36.20 50.74
C GLU A 59 -18.68 -36.06 49.30
N ILE A 60 -18.42 -37.08 48.49
CA ILE A 60 -18.77 -37.06 47.06
C ILE A 60 -19.65 -38.26 46.76
N ASP A 61 -20.88 -37.99 46.31
CA ASP A 61 -21.82 -39.04 45.92
C ASP A 61 -22.07 -40.02 47.07
N GLY A 62 -22.18 -39.49 48.29
CA GLY A 62 -22.48 -40.28 49.47
C GLY A 62 -21.32 -40.97 50.15
N GLN A 63 -20.11 -40.92 49.58
CA GLN A 63 -18.94 -41.53 50.18
C GLN A 63 -18.15 -40.46 50.94
N ALA A 64 -18.04 -40.62 52.26
CA ALA A 64 -17.26 -39.68 53.03
C ALA A 64 -15.78 -39.94 52.81
N GLY A 65 -15.00 -38.87 52.73
CA GLY A 65 -13.58 -39.02 52.51
C GLY A 65 -12.80 -37.72 52.47
N TRP A 66 -11.74 -37.68 51.66
CA TRP A 66 -10.81 -36.58 51.69
C TRP A 66 -10.41 -36.18 50.27
N THR A 67 -10.33 -34.87 50.06
CA THR A 67 -9.74 -34.29 48.87
C THR A 67 -8.35 -33.78 49.22
N VAL A 68 -7.34 -34.25 48.48
CA VAL A 68 -5.95 -33.88 48.67
C VAL A 68 -5.63 -32.68 47.78
N VAL A 69 -4.87 -31.72 48.30
CA VAL A 69 -4.35 -30.62 47.51
C VAL A 69 -2.84 -30.73 47.48
N ASP A 70 -2.29 -31.12 46.32
CA ASP A 70 -0.85 -31.28 46.06
C ASP A 70 -0.28 -32.51 46.75
N CYS A 71 0.89 -32.95 46.28
CA CYS A 71 1.27 -34.35 46.39
C CYS A 71 2.67 -34.63 46.94
N GLY A 72 3.60 -33.73 46.69
CA GLY A 72 4.99 -34.01 46.96
C GLY A 72 5.72 -34.55 45.74
N ILE A 73 7.06 -34.48 45.80
CA ILE A 73 7.92 -35.22 44.87
C ILE A 73 7.81 -36.71 45.17
N ALA A 74 8.23 -37.53 44.20
CA ALA A 74 8.19 -38.98 44.35
C ALA A 74 9.45 -39.46 45.06
N SER A 75 9.48 -39.29 46.37
CA SER A 75 10.58 -39.82 47.18
C SER A 75 10.08 -40.92 48.10
N ASP A 76 10.99 -41.80 48.49
CA ASP A 76 10.64 -42.84 49.45
C ASP A 76 10.18 -42.21 50.78
N ALA A 77 10.84 -41.15 51.23
CA ALA A 77 10.42 -40.46 52.45
C ALA A 77 8.97 -39.99 52.37
N ILE A 78 8.61 -39.29 51.31
CA ILE A 78 7.25 -38.73 51.22
C ILE A 78 6.21 -39.84 51.02
N ARG A 79 6.56 -40.90 50.27
CA ARG A 79 5.63 -42.03 50.18
C ARG A 79 5.38 -42.65 51.55
N THR A 80 6.43 -42.75 52.37
CA THR A 80 6.27 -43.35 53.69
C THR A 80 5.37 -42.49 54.57
N HIS A 81 5.56 -41.17 54.55
CA HIS A 81 4.72 -40.32 55.37
C HIS A 81 3.26 -40.33 54.91
N TRP A 82 3.02 -40.46 53.60
CA TRP A 82 1.64 -40.56 53.15
C TRP A 82 0.98 -41.82 53.70
N GLU A 83 1.70 -42.94 53.66
CA GLU A 83 1.16 -44.21 54.16
C GLU A 83 0.83 -44.14 55.66
N GLN A 84 1.70 -43.48 56.45
CA GLN A 84 1.40 -43.19 57.86
C GLN A 84 0.09 -42.43 57.99
N ILE A 85 -0.07 -41.37 57.19
CA ILE A 85 -1.30 -40.60 57.17
C ILE A 85 -2.48 -41.45 56.74
N PHE A 86 -2.29 -42.31 55.72
CA PHE A 86 -3.36 -43.22 55.31
C PHE A 86 -3.78 -44.11 56.48
N ASP A 87 -2.81 -44.67 57.19
CA ASP A 87 -3.12 -45.62 58.23
C ASP A 87 -3.75 -44.94 59.45
N ALA A 88 -3.31 -43.73 59.77
CA ALA A 88 -3.58 -43.20 61.10
C ALA A 88 -4.46 -41.96 61.13
N HIS A 89 -4.42 -41.09 60.12
CA HIS A 89 -4.99 -39.77 60.24
C HIS A 89 -6.07 -39.46 59.20
N LEU A 90 -6.66 -40.49 58.58
CA LEU A 90 -7.75 -40.29 57.65
C LEU A 90 -9.07 -40.74 58.23
N ASP A 91 -9.10 -41.06 59.53
CA ASP A 91 -10.27 -41.61 60.20
C ASP A 91 -10.79 -42.83 59.47
N GLY A 92 -9.86 -43.56 58.84
CA GLY A 92 -10.21 -44.73 58.06
C GLY A 92 -10.99 -44.44 56.81
N LEU A 93 -11.08 -43.18 56.38
CA LEU A 93 -11.82 -42.87 55.16
C LEU A 93 -10.87 -42.75 53.97
N PRO A 94 -11.35 -42.99 52.75
CA PRO A 94 -10.49 -42.89 51.57
C PRO A 94 -10.30 -41.46 51.05
N VAL A 95 -9.27 -41.32 50.20
CA VAL A 95 -9.15 -40.11 49.37
C VAL A 95 -10.17 -40.18 48.25
N LEU A 96 -10.80 -39.04 47.94
CA LEU A 96 -11.86 -38.99 46.94
C LEU A 96 -11.40 -38.43 45.59
N ARG A 97 -10.38 -37.57 45.56
CA ARG A 97 -9.85 -36.95 44.36
C ARG A 97 -8.58 -36.21 44.76
N VAL A 98 -7.77 -35.86 43.76
CA VAL A 98 -6.53 -35.13 43.99
C VAL A 98 -6.56 -33.84 43.17
N ILE A 99 -6.40 -32.71 43.84
CA ILE A 99 -6.25 -31.41 43.21
C ILE A 99 -4.78 -31.00 43.27
N VAL A 100 -4.24 -30.56 42.14
CA VAL A 100 -2.85 -30.15 42.01
C VAL A 100 -2.83 -28.71 41.52
N THR A 101 -2.13 -27.84 42.26
CA THR A 101 -2.14 -26.42 41.93
C THR A 101 -1.34 -26.10 40.66
N HIS A 102 -0.18 -26.74 40.47
CA HIS A 102 0.59 -26.55 39.24
C HIS A 102 1.58 -27.69 39.05
N CYS A 103 2.24 -27.69 37.89
CA CYS A 103 2.99 -28.85 37.40
C CYS A 103 4.37 -29.03 38.05
N HIS A 104 4.80 -28.12 38.92
CA HIS A 104 6.14 -28.24 39.47
C HIS A 104 6.27 -29.50 40.36
N PRO A 105 7.47 -30.09 40.40
CA PRO A 105 7.59 -31.48 40.86
C PRO A 105 7.17 -31.69 42.30
N ASP A 106 7.38 -30.69 43.15
CA ASP A 106 6.99 -30.89 44.53
C ASP A 106 5.48 -30.84 44.68
N HIS A 107 4.75 -30.29 43.72
CA HIS A 107 3.29 -30.31 43.79
C HIS A 107 2.68 -31.51 43.05
N PHE A 108 3.36 -32.01 42.01
CA PHE A 108 2.78 -32.92 41.03
C PHE A 108 3.40 -34.32 41.05
N GLY A 109 4.57 -34.48 41.67
CA GLY A 109 5.37 -35.68 41.45
C GLY A 109 4.65 -36.96 41.81
N LEU A 110 3.86 -36.94 42.89
CA LEU A 110 3.15 -38.13 43.35
C LEU A 110 1.67 -38.10 43.02
N ALA A 111 1.25 -37.27 42.06
CA ALA A 111 -0.18 -37.24 41.71
C ALA A 111 -0.65 -38.61 41.20
N ASN A 112 0.16 -39.27 40.36
CA ASN A 112 -0.26 -40.58 39.83
C ASN A 112 -0.29 -41.66 40.91
N TRP A 113 0.70 -41.68 41.80
CA TRP A 113 0.73 -42.64 42.89
C TRP A 113 -0.49 -42.51 43.81
N LEU A 114 -0.86 -41.27 44.16
CA LEU A 114 -2.04 -41.03 44.99
C LEU A 114 -3.32 -41.45 44.26
N CYS A 115 -3.44 -41.06 42.98
CA CYS A 115 -4.62 -41.43 42.21
C CYS A 115 -4.78 -42.93 42.10
N GLU A 116 -3.68 -43.68 42.10
CA GLU A 116 -3.73 -45.14 42.03
C GLU A 116 -3.80 -45.77 43.43
N GLY A 117 -3.90 -44.95 44.47
CA GLY A 117 -4.17 -45.43 45.81
C GLY A 117 -2.97 -45.65 46.68
N GLY A 118 -1.81 -45.12 46.34
CA GLY A 118 -0.63 -45.36 47.15
C GLY A 118 -0.15 -46.80 47.05
N ASP A 119 0.82 -47.13 47.92
CA ASP A 119 1.51 -48.41 47.81
C ASP A 119 0.59 -49.61 47.91
N LYS A 120 -0.57 -49.47 48.57
CA LYS A 120 -1.51 -50.57 48.74
C LYS A 120 -2.75 -50.46 47.84
N ARG A 121 -2.74 -49.56 46.85
CA ARG A 121 -3.82 -49.38 45.89
C ARG A 121 -5.20 -49.35 46.57
N ARG A 122 -5.35 -48.43 47.51
CA ARG A 122 -6.53 -48.39 48.37
C ARG A 122 -7.75 -47.79 47.69
N TRP A 123 -7.57 -47.13 46.54
CA TRP A 123 -8.65 -46.44 45.83
C TRP A 123 -8.13 -46.08 44.44
N ASN A 124 -9.04 -45.63 43.58
CA ASN A 124 -8.71 -45.17 42.23
C ASN A 124 -9.53 -43.91 42.00
N VAL A 125 -8.88 -42.74 41.97
CA VAL A 125 -9.59 -41.46 41.93
C VAL A 125 -8.99 -40.56 40.85
N ARG A 126 -9.70 -39.45 40.57
CA ARG A 126 -9.41 -38.56 39.45
C ARG A 126 -8.52 -37.39 39.88
N LEU A 127 -7.55 -37.06 39.02
CA LEU A 127 -6.76 -35.83 39.14
C LEU A 127 -7.53 -34.63 38.63
N TRP A 128 -7.53 -33.54 39.41
CA TRP A 128 -8.11 -32.26 39.03
C TRP A 128 -6.99 -31.23 38.85
N MET A 129 -6.98 -30.54 37.71
CA MET A 129 -5.84 -29.72 37.30
C MET A 129 -6.30 -28.75 36.22
N THR A 130 -5.58 -27.63 36.07
CA THR A 130 -5.83 -26.75 34.94
C THR A 130 -5.19 -27.32 33.68
N LEU A 131 -5.74 -26.95 32.53
CA LEU A 131 -5.23 -27.54 31.28
C LEU A 131 -3.76 -27.20 31.06
N GLY A 132 -3.38 -25.94 31.30
CA GLY A 132 -2.01 -25.54 31.06
C GLY A 132 -1.02 -26.25 31.97
N GLU A 133 -1.38 -26.44 33.24
CA GLU A 133 -0.47 -27.13 34.14
C GLU A 133 -0.38 -28.61 33.79
N TYR A 134 -1.51 -29.24 33.45
CA TYR A 134 -1.49 -30.65 33.11
C TYR A 134 -0.72 -30.93 31.82
N MET A 135 -0.98 -30.12 30.78
CA MET A 135 -0.28 -30.31 29.49
C MET A 135 1.22 -30.11 29.65
N PHE A 136 1.62 -29.04 30.35
CA PHE A 136 3.04 -28.75 30.49
C PHE A 136 3.75 -29.83 31.29
N GLY A 137 3.09 -30.31 32.37
CA GLY A 137 3.67 -31.41 33.14
C GLY A 137 3.79 -32.69 32.33
N CYS A 138 2.75 -33.01 31.56
CA CYS A 138 2.82 -34.16 30.66
C CYS A 138 3.99 -34.02 29.70
N LEU A 139 4.14 -32.83 29.09
CA LEU A 139 5.25 -32.61 28.17
C LEU A 139 6.59 -32.76 28.89
N MET A 140 6.73 -32.13 30.06
CA MET A 140 7.99 -32.21 30.78
C MET A 140 8.27 -33.61 31.34
N ALA A 141 7.22 -34.33 31.76
CA ALA A 141 7.44 -35.69 32.24
C ALA A 141 7.70 -36.67 31.12
N ALA A 142 7.52 -36.24 29.86
CA ALA A 142 7.76 -37.07 28.69
C ALA A 142 9.02 -36.68 27.95
N GLY A 143 9.64 -35.58 28.32
CA GLY A 143 10.99 -35.27 27.89
C GLY A 143 11.99 -35.95 28.82
N GLY A 150 17.82 -28.98 26.33
CA GLY A 150 19.11 -29.63 26.12
C GLY A 150 20.13 -28.67 25.56
N ALA A 151 20.53 -28.88 24.30
CA ALA A 151 21.38 -27.91 23.61
C ALA A 151 20.66 -26.59 23.40
N ALA A 152 19.34 -26.62 23.22
CA ALA A 152 18.55 -25.40 23.03
C ALA A 152 18.65 -24.50 24.26
N ALA A 153 18.63 -25.10 25.46
CA ALA A 153 18.74 -24.30 26.68
C ALA A 153 20.09 -23.61 26.78
N ALA A 154 21.15 -24.26 26.31
CA ALA A 154 22.48 -23.66 26.38
C ALA A 154 22.60 -22.43 25.48
N ASP A 155 22.03 -22.50 24.27
CA ASP A 155 22.12 -21.36 23.37
C ASP A 155 21.28 -20.19 23.85
N HIS A 156 20.13 -20.49 24.45
CA HIS A 156 19.31 -19.45 25.06
C HIS A 156 20.10 -18.65 26.09
N PHE A 157 20.75 -19.34 27.03
CA PHE A 157 21.52 -18.62 28.04
C PHE A 157 22.76 -17.97 27.45
N ALA A 158 23.31 -18.55 26.39
CA ALA A 158 24.47 -17.95 25.73
C ALA A 158 24.12 -16.57 25.17
N ARG A 159 22.93 -16.42 24.56
CA ARG A 159 22.55 -15.11 24.08
C ARG A 159 22.30 -14.13 25.21
N HIS A 160 22.17 -14.60 26.45
CA HIS A 160 21.94 -13.71 27.57
C HIS A 160 23.16 -13.54 28.46
N GLY A 161 24.35 -13.85 27.94
CA GLY A 161 25.59 -13.47 28.57
C GLY A 161 26.36 -14.60 29.22
N LEU A 162 25.81 -15.81 29.27
CA LEU A 162 26.53 -16.94 29.86
C LEU A 162 27.59 -17.37 28.86
N THR A 163 28.83 -16.99 29.13
CA THR A 163 29.95 -17.25 28.24
C THR A 163 30.98 -18.20 28.84
N ASP A 164 30.86 -18.54 30.13
CA ASP A 164 31.77 -19.50 30.74
C ASP A 164 31.70 -20.80 29.97
N ALA A 165 32.78 -21.12 29.25
CA ALA A 165 32.76 -22.27 28.35
C ALA A 165 32.47 -23.55 29.10
N ALA A 166 33.03 -23.70 30.30
CA ALA A 166 32.75 -24.88 31.11
C ALA A 166 31.27 -24.98 31.43
N SER A 167 30.65 -23.85 31.76
CA SER A 167 29.24 -23.83 32.12
C SER A 167 28.35 -24.18 30.93
N LEU A 168 28.61 -23.60 29.76
CA LEU A 168 27.78 -23.87 28.58
C LEU A 168 27.86 -25.33 28.15
N GLU A 169 29.05 -25.94 28.27
CA GLU A 169 29.18 -27.36 27.94
C GLU A 169 28.39 -28.25 28.91
N LYS A 170 28.41 -27.89 30.21
CA LYS A 170 27.65 -28.67 31.18
C LYS A 170 26.16 -28.61 30.89
N LEU A 171 25.66 -27.44 30.47
CA LEU A 171 24.23 -27.31 30.17
C LEU A 171 23.80 -28.21 29.02
N ARG A 172 24.64 -28.30 27.98
CA ARG A 172 24.28 -29.12 26.82
C ARG A 172 24.17 -30.59 27.20
N ASN A 173 25.09 -31.07 28.04
CA ASN A 173 25.08 -32.46 28.47
C ASN A 173 24.09 -32.59 29.63
N TYR A 177 15.95 -34.63 35.01
CA TYR A 177 15.69 -34.34 36.41
C TYR A 177 14.20 -34.37 36.75
N TYR A 178 13.37 -33.85 35.84
CA TYR A 178 11.93 -33.73 36.12
C TYR A 178 11.27 -35.11 36.20
N SER A 179 11.64 -35.99 35.28
CA SER A 179 11.03 -37.31 35.19
C SER A 179 11.36 -38.18 36.40
N ASP A 180 12.50 -37.94 37.07
CA ASP A 180 12.81 -38.71 38.28
C ASP A 180 11.89 -38.32 39.43
N LEU A 181 11.55 -37.03 39.53
CA LEU A 181 10.67 -36.55 40.58
C LEU A 181 9.21 -36.74 40.23
N VAL A 182 8.88 -36.70 38.94
CA VAL A 182 7.53 -36.93 38.43
C VAL A 182 7.62 -38.18 37.57
N PRO A 183 7.71 -39.36 38.19
CA PRO A 183 8.01 -40.58 37.41
C PRO A 183 6.86 -41.03 36.55
N ALA A 184 5.66 -40.60 36.89
CA ALA A 184 4.46 -40.97 36.15
C ALA A 184 3.47 -39.83 36.27
N VAL A 185 2.52 -39.82 35.35
CA VAL A 185 1.53 -38.75 35.29
C VAL A 185 0.18 -39.45 35.13
N PRO A 186 -0.88 -38.99 35.78
CA PRO A 186 -2.17 -39.62 35.56
C PRO A 186 -2.57 -39.49 34.10
N PRO A 187 -3.13 -40.56 33.52
CA PRO A 187 -3.49 -40.52 32.09
C PRO A 187 -4.78 -39.76 31.81
N ARG A 188 -5.47 -39.30 32.85
CA ARG A 188 -6.68 -38.52 32.67
C ARG A 188 -6.69 -37.45 33.74
N TYR A 189 -7.47 -36.41 33.48
CA TYR A 189 -7.62 -35.35 34.45
C TYR A 189 -9.00 -34.75 34.22
N ARG A 190 -9.47 -34.06 35.26
CA ARG A 190 -10.67 -33.22 35.21
C ARG A 190 -10.21 -31.78 35.29
N ARG A 191 -10.60 -30.99 34.29
CA ARG A 191 -10.04 -29.65 34.08
C ARG A 191 -10.69 -28.61 35.00
N LEU A 192 -9.85 -27.85 35.73
CA LEU A 192 -10.26 -26.65 36.42
C LEU A 192 -9.96 -25.41 35.58
N ARG A 193 -10.86 -24.43 35.63
CA ARG A 193 -10.69 -23.14 34.99
C ARG A 193 -11.02 -22.03 35.98
N ASP A 194 -10.47 -20.84 35.70
CA ASP A 194 -10.69 -19.66 36.53
C ASP A 194 -12.17 -19.44 36.78
N GLY A 195 -12.53 -19.26 38.04
CA GLY A 195 -13.90 -19.02 38.39
C GLY A 195 -14.72 -20.25 38.69
N ASP A 196 -14.22 -21.45 38.39
CA ASP A 196 -14.95 -22.69 38.69
C ASP A 196 -15.23 -22.81 40.19
N ALA A 197 -16.42 -23.30 40.51
CA ALA A 197 -16.79 -23.58 41.90
C ALA A 197 -16.52 -25.04 42.17
N VAL A 198 -15.70 -25.31 43.17
CA VAL A 198 -15.41 -26.68 43.61
C VAL A 198 -16.02 -26.83 45.00
N THR A 199 -17.02 -27.69 45.12
CA THR A 199 -17.63 -27.95 46.42
C THR A 199 -16.82 -29.00 47.16
N ILE A 200 -16.27 -28.64 48.33
CA ILE A 200 -15.45 -29.53 49.15
C ILE A 200 -15.98 -29.47 50.58
N GLY A 201 -16.62 -30.53 51.03
CA GLY A 201 -17.19 -30.52 52.36
C GLY A 201 -18.23 -29.42 52.46
N THR A 202 -18.06 -28.50 53.42
CA THR A 202 -19.04 -27.45 53.69
C THR A 202 -18.76 -26.16 52.95
N ARG A 203 -17.74 -26.11 52.09
CA ARG A 203 -17.31 -24.87 51.47
C ARG A 203 -17.48 -24.91 49.96
N THR A 204 -17.59 -23.73 49.36
CA THR A 204 -17.43 -23.58 47.93
C THR A 204 -16.07 -22.92 47.70
N TRP A 205 -15.11 -23.69 47.24
CA TRP A 205 -13.84 -23.11 46.87
C TRP A 205 -13.93 -22.63 45.43
N ARG A 206 -13.37 -21.46 45.19
CA ARG A 206 -13.39 -20.86 43.87
C ARG A 206 -11.98 -20.92 43.28
N VAL A 207 -11.88 -21.38 42.03
CA VAL A 207 -10.59 -21.40 41.35
C VAL A 207 -10.17 -19.97 41.05
N VAL A 208 -8.93 -19.64 41.39
CA VAL A 208 -8.35 -18.33 41.10
C VAL A 208 -7.05 -18.59 40.36
N THR A 209 -7.04 -18.32 39.05
CA THR A 209 -5.90 -18.64 38.21
C THR A 209 -4.80 -17.60 38.36
N GLY A 210 -3.54 -18.06 38.30
CA GLY A 210 -2.42 -17.14 38.36
C GLY A 210 -1.40 -17.47 37.28
N TYR A 211 -0.75 -16.41 36.77
CA TYR A 211 0.16 -16.50 35.63
C TYR A 211 1.54 -15.98 35.99
N GLY A 212 2.49 -16.30 35.12
CA GLY A 212 3.85 -15.79 35.25
C GLY A 212 4.78 -16.75 35.96
N HIS A 213 4.29 -17.39 37.00
CA HIS A 213 5.12 -18.38 37.70
C HIS A 213 5.07 -19.72 37.01
N SER A 214 3.92 -20.06 36.45
CA SER A 214 3.68 -21.36 35.81
C SER A 214 2.57 -21.15 34.82
N PRO A 215 2.30 -22.13 33.95
CA PRO A 215 1.33 -21.89 32.86
C PRO A 215 -0.05 -21.38 33.29
N GLU A 216 -0.66 -21.99 34.32
CA GLU A 216 -2.04 -21.68 34.69
C GLU A 216 -2.30 -22.09 36.14
N HIS A 217 -1.63 -21.41 37.05
CA HIS A 217 -1.62 -21.81 38.46
C HIS A 217 -3.01 -21.70 39.08
N CYS A 218 -3.42 -22.78 39.75
CA CYS A 218 -4.74 -22.87 40.39
C CYS A 218 -4.60 -22.61 41.89
N ALA A 219 -5.08 -21.44 42.34
CA ALA A 219 -5.28 -21.15 43.76
C ALA A 219 -6.76 -21.32 44.09
N LEU A 220 -7.06 -21.67 45.34
CA LEU A 220 -8.42 -21.95 45.77
C LEU A 220 -8.85 -20.97 46.86
N HIS A 221 -9.98 -20.30 46.66
CA HIS A 221 -10.46 -19.28 47.57
C HIS A 221 -11.82 -19.69 48.09
N SER A 222 -11.95 -19.74 49.42
CA SER A 222 -13.21 -19.97 50.12
C SER A 222 -13.62 -18.63 50.73
N GLU A 223 -14.48 -17.90 50.02
CA GLU A 223 -14.73 -16.50 50.36
C GLU A 223 -15.59 -16.36 51.61
N ALA A 224 -16.55 -17.27 51.83
CA ALA A 224 -17.47 -17.13 52.97
C ALA A 224 -16.72 -17.08 54.28
N ASP A 225 -15.69 -17.90 54.45
CA ASP A 225 -14.92 -17.94 55.68
C ASP A 225 -13.50 -17.43 55.54
N GLY A 226 -13.10 -16.91 54.38
CA GLY A 226 -11.81 -16.26 54.30
C GLY A 226 -10.60 -17.19 54.40
N VAL A 227 -10.55 -18.22 53.59
CA VAL A 227 -9.38 -19.10 53.49
C VAL A 227 -8.89 -19.13 52.05
N LEU A 228 -7.58 -19.04 51.86
CA LEU A 228 -6.96 -19.04 50.54
C LEU A 228 -5.85 -20.07 50.48
N ILE A 229 -5.98 -21.07 49.61
CA ILE A 229 -4.88 -21.97 49.29
C ILE A 229 -4.11 -21.33 48.13
N SER A 230 -3.00 -20.68 48.45
CA SER A 230 -2.32 -19.78 47.53
C SER A 230 -1.26 -20.48 46.70
N GLY A 231 -1.03 -21.77 46.91
CA GLY A 231 -0.01 -22.47 46.16
C GLY A 231 1.32 -21.77 46.34
N ASP A 232 1.98 -21.50 45.22
CA ASP A 232 3.24 -20.78 45.22
C ASP A 232 3.09 -19.31 44.84
N MET A 233 1.86 -18.83 44.63
CA MET A 233 1.69 -17.44 44.17
C MET A 233 1.90 -16.42 45.28
N VAL A 234 1.53 -16.75 46.52
CA VAL A 234 1.72 -15.88 47.67
C VAL A 234 2.34 -16.72 48.79
N LEU A 235 3.62 -16.52 49.03
CA LEU A 235 4.40 -17.20 50.04
C LEU A 235 4.91 -16.17 51.04
N PRO A 236 4.84 -16.45 52.34
CA PRO A 236 5.17 -15.42 53.36
C PRO A 236 6.66 -15.08 53.45
N ARG A 237 7.55 -16.07 53.20
CA ARG A 237 8.99 -15.92 53.45
C ARG A 237 9.83 -15.76 52.19
N ILE A 238 9.36 -16.22 51.03
CA ILE A 238 10.18 -16.16 49.83
C ILE A 238 9.39 -15.54 48.68
N SER A 239 10.12 -15.04 47.70
CA SER A 239 9.49 -14.55 46.48
C SER A 239 9.13 -15.73 45.57
N THR A 240 8.20 -15.48 44.67
CA THR A 240 7.77 -16.50 43.73
C THR A 240 8.66 -16.44 42.49
N ASN A 241 9.25 -17.57 42.12
CA ASN A 241 10.17 -17.57 40.98
C ASN A 241 9.42 -17.20 39.71
N VAL A 242 9.98 -16.26 38.94
CA VAL A 242 9.52 -15.96 37.58
C VAL A 242 10.73 -16.00 36.67
N SER A 243 10.71 -16.87 35.67
CA SER A 243 11.87 -17.07 34.81
C SER A 243 11.45 -17.04 33.35
N VAL A 244 12.36 -16.60 32.47
CA VAL A 244 12.18 -16.74 31.04
C VAL A 244 13.03 -17.91 30.58
N PHE A 245 12.41 -18.88 29.94
CA PHE A 245 13.10 -20.08 29.49
C PHE A 245 13.12 -20.12 27.96
N ASP A 246 13.84 -21.11 27.41
CA ASP A 246 14.07 -21.19 25.98
C ASP A 246 12.77 -21.43 25.19
N LEU A 247 11.80 -22.13 25.80
CA LEU A 247 10.56 -22.47 25.09
C LEU A 247 9.78 -21.22 24.69
N GLU A 248 9.84 -20.18 25.50
CA GLU A 248 9.11 -18.95 25.26
C GLU A 248 10.05 -17.78 25.50
N PRO A 249 10.99 -17.57 24.57
CA PRO A 249 12.06 -16.60 24.84
C PRO A 249 11.60 -15.15 24.92
N GLU A 250 10.42 -14.78 24.41
CA GLU A 250 9.93 -13.43 24.58
C GLU A 250 8.87 -13.33 25.69
N ALA A 251 8.79 -14.31 26.57
CA ALA A 251 7.77 -14.29 27.62
C ALA A 251 7.93 -13.08 28.54
N ASN A 252 6.81 -12.65 29.12
CA ASN A 252 6.79 -11.56 30.10
C ASN A 252 6.24 -12.08 31.43
N PRO A 253 6.86 -13.10 32.03
CA PRO A 253 6.26 -13.69 33.23
C PRO A 253 6.13 -12.72 34.39
N LEU A 254 7.07 -11.76 34.54
CA LEU A 254 6.98 -10.84 35.68
C LEU A 254 5.76 -9.94 35.58
N ALA A 255 5.50 -9.36 34.41
CA ALA A 255 4.26 -8.61 34.23
C ALA A 255 3.04 -9.46 34.48
N LEU A 256 3.03 -10.69 33.94
CA LEU A 256 1.93 -11.59 34.21
C LEU A 256 1.78 -11.82 35.71
N TYR A 257 2.89 -11.98 36.42
CA TYR A 257 2.83 -12.28 37.85
C TYR A 257 2.25 -11.09 38.61
N LEU A 258 2.77 -9.89 38.35
CA LEU A 258 2.33 -8.69 39.06
C LEU A 258 0.83 -8.43 38.84
N GLN A 259 0.33 -8.72 37.64
CA GLN A 259 -1.10 -8.57 37.35
C GLN A 259 -1.92 -9.61 38.12
N SER A 260 -1.44 -10.85 38.17
CA SER A 260 -2.16 -11.91 38.85
C SER A 260 -2.30 -11.62 40.35
N LEU A 261 -1.33 -10.89 40.92
CA LEU A 261 -1.37 -10.52 42.32
C LEU A 261 -2.57 -9.65 42.66
N GLY A 262 -3.11 -8.92 41.68
CA GLY A 262 -4.30 -8.12 41.93
C GLY A 262 -5.48 -8.95 42.43
N ARG A 263 -5.55 -10.24 42.04
CA ARG A 263 -6.64 -11.12 42.48
C ARG A 263 -6.65 -11.30 44.00
N TYR A 264 -5.50 -11.27 44.65
CA TYR A 264 -5.47 -11.45 46.10
C TYR A 264 -5.55 -10.14 46.87
N GLU A 265 -5.17 -9.02 46.25
CA GLU A 265 -5.20 -7.73 46.93
C GLU A 265 -6.61 -7.36 47.38
N THR A 266 -7.63 -7.82 46.67
CA THR A 266 -9.00 -7.45 47.02
C THR A 266 -9.64 -8.38 48.05
N MET A 267 -8.99 -9.47 48.41
CA MET A 267 -9.61 -10.41 49.35
C MET A 267 -9.65 -9.78 50.76
N ALA A 268 -10.52 -10.31 51.59
CA ALA A 268 -10.71 -9.72 52.91
C ALA A 268 -9.37 -9.64 53.63
N PRO A 269 -9.14 -8.55 54.39
CA PRO A 269 -7.85 -8.41 55.08
C PRO A 269 -7.54 -9.55 56.04
N ASP A 270 -8.53 -10.17 56.68
CA ASP A 270 -8.23 -11.23 57.62
C ASP A 270 -8.16 -12.61 56.97
N THR A 271 -8.05 -12.67 55.64
CA THR A 271 -7.99 -13.94 54.95
C THR A 271 -6.84 -14.78 55.49
N LEU A 272 -7.16 -16.03 55.81
CA LEU A 272 -6.17 -17.02 56.22
C LEU A 272 -5.51 -17.61 54.97
N VAL A 273 -4.23 -17.31 54.78
CA VAL A 273 -3.52 -17.79 53.61
C VAL A 273 -2.80 -19.08 53.95
N LEU A 274 -3.02 -20.12 53.15
CA LEU A 274 -2.37 -21.41 53.35
C LEU A 274 -1.35 -21.59 52.24
N PRO A 275 -0.09 -21.21 52.45
CA PRO A 275 0.92 -21.25 51.39
C PRO A 275 1.56 -22.62 51.25
N SER A 276 2.13 -22.88 50.08
CA SER A 276 2.81 -24.14 49.87
C SER A 276 4.18 -24.21 50.55
N HIS A 277 4.77 -23.08 50.88
CA HIS A 277 6.01 -23.04 51.64
C HIS A 277 5.91 -21.95 52.70
N GLY A 278 6.47 -22.22 53.88
CA GLY A 278 6.27 -21.36 55.03
C GLY A 278 5.15 -21.81 55.93
N LYS A 279 4.52 -20.87 56.64
CA LYS A 279 3.46 -21.20 57.58
C LYS A 279 2.17 -20.49 57.20
N PRO A 280 1.02 -21.05 57.61
CA PRO A 280 -0.24 -20.30 57.47
C PRO A 280 -0.10 -18.91 58.06
N PHE A 281 -0.62 -17.91 57.36
CA PHE A 281 -0.48 -16.54 57.80
C PHE A 281 -1.71 -15.70 57.45
N ARG A 282 -1.85 -14.58 58.14
CA ARG A 282 -2.82 -13.56 57.81
CA ARG A 282 -2.82 -13.56 57.81
C ARG A 282 -2.07 -12.28 57.44
N GLY A 283 -2.64 -11.52 56.52
CA GLY A 283 -1.97 -10.34 56.02
C GLY A 283 -1.69 -10.47 54.55
N VAL A 284 -2.65 -11.01 53.78
CA VAL A 284 -2.46 -11.19 52.34
C VAL A 284 -2.23 -9.83 51.67
N ARG A 285 -2.93 -8.79 52.10
CA ARG A 285 -2.75 -7.48 51.47
C ARG A 285 -1.36 -6.94 51.79
N THR A 286 -0.89 -7.15 53.02
CA THR A 286 0.46 -6.71 53.39
C THR A 286 1.53 -7.45 52.59
N ARG A 287 1.34 -8.76 52.37
CA ARG A 287 2.34 -9.53 51.63
C ARG A 287 2.36 -9.13 50.15
N ILE A 288 1.20 -8.85 49.56
CA ILE A 288 1.21 -8.37 48.18
C ILE A 288 1.98 -7.04 48.08
N ALA A 289 1.81 -6.14 49.06
CA ALA A 289 2.51 -4.85 49.00
C ALA A 289 4.03 -5.04 49.07
N GLN A 290 4.48 -6.02 49.86
CA GLN A 290 5.91 -6.33 49.96
C GLN A 290 6.45 -6.86 48.63
N LEU A 291 5.72 -7.79 48.02
CA LEU A 291 6.16 -8.36 46.75
C LEU A 291 6.25 -7.31 45.65
N ARG A 292 5.26 -6.39 45.58
CA ARG A 292 5.33 -5.34 44.58
C ARG A 292 6.54 -4.45 44.81
N ALA A 293 6.78 -4.07 46.06
CA ALA A 293 7.92 -3.21 46.38
C ALA A 293 9.23 -3.87 45.99
N HIS A 294 9.34 -5.17 46.23
CA HIS A 294 10.56 -5.92 45.93
C HIS A 294 10.85 -5.92 44.42
N HIS A 295 9.85 -6.24 43.59
CA HIS A 295 10.10 -6.25 42.15
C HIS A 295 10.26 -4.85 41.59
N ASP A 296 9.60 -3.85 42.20
CA ASP A 296 9.82 -2.48 41.75
C ASP A 296 11.22 -2.02 42.12
N ALA A 297 11.73 -2.47 43.28
CA ALA A 297 13.12 -2.16 43.62
C ALA A 297 14.08 -2.91 42.70
N ARG A 298 13.78 -4.18 42.42
CA ARG A 298 14.61 -4.96 41.51
C ARG A 298 14.56 -4.40 40.08
N LEU A 299 13.37 -3.97 39.62
CA LEU A 299 13.29 -3.35 38.30
C LEU A 299 14.11 -2.08 38.24
N ASP A 300 14.04 -1.25 39.28
CA ASP A 300 14.78 0.01 39.31
C ASP A 300 16.28 -0.23 39.22
N GLU A 301 16.78 -1.28 39.87
CA GLU A 301 18.20 -1.59 39.74
C GLU A 301 18.55 -1.88 38.28
N VAL A 302 17.67 -2.57 37.56
CA VAL A 302 17.92 -2.84 36.15
C VAL A 302 17.88 -1.55 35.33
N ARG A 303 16.91 -0.68 35.58
CA ARG A 303 16.84 0.61 34.89
C ARG A 303 18.14 1.39 35.07
N VAL A 304 18.62 1.45 36.31
CA VAL A 304 19.85 2.18 36.60
C VAL A 304 21.02 1.57 35.83
N ALA A 305 21.15 0.25 35.89
CA ALA A 305 22.29 -0.43 35.26
C ALA A 305 22.29 -0.25 33.74
N CYS A 306 21.11 -0.31 33.12
CA CYS A 306 20.99 -0.18 31.67
C CYS A 306 21.10 1.27 31.20
N ALA A 307 21.06 2.24 32.12
CA ALA A 307 21.27 3.64 31.76
C ALA A 307 22.74 4.00 31.64
N GLU A 308 23.62 3.23 32.27
CA GLU A 308 25.05 3.49 32.17
C GLU A 308 25.59 2.94 30.87
N GLN A 309 25.42 1.64 30.67
CA GLN A 309 25.94 0.90 29.52
C GLN A 309 24.97 -0.21 29.21
N PRO A 310 25.00 -0.74 27.98
CA PRO A 310 24.16 -1.90 27.66
C PRO A 310 24.52 -3.13 28.49
N MET A 311 23.48 -3.84 28.92
CA MET A 311 23.60 -4.94 29.88
C MET A 311 22.99 -6.21 29.35
N SER A 312 23.68 -7.33 29.57
CA SER A 312 23.14 -8.66 29.38
C SER A 312 22.54 -9.18 30.68
N ALA A 313 21.85 -10.33 30.60
CA ALA A 313 21.34 -10.98 31.80
C ALA A 313 22.46 -11.41 32.74
N ALA A 314 23.55 -11.94 32.19
CA ALA A 314 24.69 -12.29 33.04
C ALA A 314 25.26 -11.05 33.72
N ASP A 315 25.19 -9.90 33.05
CA ASP A 315 25.61 -8.65 33.67
C ASP A 315 24.66 -8.22 34.79
N ILE A 316 23.37 -8.56 34.64
CA ILE A 316 22.36 -8.14 35.61
C ILE A 316 22.40 -9.01 36.86
N VAL A 317 22.77 -10.29 36.73
CA VAL A 317 22.68 -11.22 37.85
C VAL A 317 23.43 -10.73 39.10
N PRO A 318 24.69 -10.28 39.03
CA PRO A 318 25.38 -9.86 40.26
C PRO A 318 24.76 -8.63 40.93
N ILE A 319 24.00 -7.80 40.23
CA ILE A 319 23.32 -6.71 40.90
C ILE A 319 22.03 -7.19 41.54
N MET A 320 21.27 -8.00 40.80
CA MET A 320 20.00 -8.52 41.30
C MET A 320 20.21 -9.55 42.43
N PHE A 321 21.27 -10.35 42.33
CA PHE A 321 21.58 -11.44 43.25
C PHE A 321 22.98 -11.21 43.84
N ARG A 322 23.06 -10.44 44.90
CA ARG A 322 24.34 -10.19 45.55
C ARG A 322 24.76 -11.42 46.35
N ARG A 323 26.02 -11.84 46.17
CA ARG A 323 26.62 -12.96 46.90
C ARG A 323 25.84 -14.26 46.64
N ARG A 324 25.96 -14.72 45.40
CA ARG A 324 25.36 -15.99 45.03
C ARG A 324 26.23 -17.17 45.48
N GLU A 325 27.50 -17.18 45.05
CA GLU A 325 28.35 -18.36 45.13
C GLU A 325 27.64 -19.57 44.53
N LEU A 326 26.86 -19.30 43.48
CA LEU A 326 25.84 -20.24 42.98
C LEU A 326 26.46 -21.37 42.18
N ASP A 327 25.75 -22.50 42.15
CA ASP A 327 26.13 -23.63 41.32
C ASP A 327 25.61 -23.42 39.91
N ILE A 328 25.87 -24.39 39.04
CA ILE A 328 25.37 -24.32 37.66
C ILE A 328 23.86 -24.30 37.65
N HIS A 329 23.23 -25.25 38.36
CA HIS A 329 21.78 -25.29 38.43
C HIS A 329 21.19 -23.99 38.97
N GLN A 330 21.85 -23.41 39.98
CA GLN A 330 21.38 -22.16 40.56
C GLN A 330 21.39 -21.02 39.55
N MET A 331 22.46 -20.93 38.74
CA MET A 331 22.58 -19.83 37.76
C MET A 331 21.46 -19.88 36.73
N THR A 332 20.89 -21.06 36.48
CA THR A 332 19.80 -21.21 35.53
C THR A 332 18.59 -20.38 35.96
N PHE A 333 18.24 -20.44 37.25
CA PHE A 333 17.08 -19.70 37.72
C PHE A 333 17.41 -18.23 37.95
N ALA A 334 18.64 -17.92 38.38
CA ALA A 334 19.08 -16.53 38.50
C ALA A 334 19.09 -15.84 37.14
N LEU A 335 19.64 -16.51 36.12
CA LEU A 335 19.64 -15.94 34.77
C LEU A 335 18.22 -15.80 34.24
N GLY A 336 17.38 -16.81 34.45
CA GLY A 336 16.01 -16.73 33.99
C GLY A 336 15.24 -15.59 34.63
N GLU A 337 15.56 -15.27 35.88
CA GLU A 337 14.87 -14.17 36.55
C GLU A 337 15.34 -12.82 36.03
N ALA A 338 16.64 -12.68 35.74
CA ALA A 338 17.12 -11.44 35.17
C ALA A 338 16.48 -11.17 33.81
N ILE A 339 16.39 -12.20 32.95
CA ILE A 339 15.73 -12.05 31.66
C ILE A 339 14.27 -11.65 31.86
N ALA A 340 13.61 -12.18 32.91
CA ALA A 340 12.24 -11.78 33.19
C ALA A 340 12.15 -10.29 33.45
N HIS A 341 13.09 -9.74 34.22
CA HIS A 341 13.07 -8.32 34.55
C HIS A 341 13.46 -7.48 33.33
N LEU A 342 14.47 -7.93 32.58
CA LEU A 342 14.84 -7.23 31.35
C LEU A 342 13.69 -7.25 30.35
N ASN A 343 13.00 -8.39 30.21
CA ASN A 343 11.93 -8.49 29.21
C ASN A 343 10.75 -7.57 29.55
N LEU A 344 10.36 -7.49 30.83
CA LEU A 344 9.27 -6.58 31.21
C LEU A 344 9.55 -5.15 30.76
N LEU A 345 10.77 -4.66 31.04
CA LEU A 345 11.14 -3.30 30.66
C LEU A 345 11.31 -3.16 29.15
N TRP A 346 11.88 -4.18 28.51
CA TRP A 346 12.00 -4.19 27.05
C TRP A 346 10.63 -4.10 26.40
N LEU A 347 9.75 -5.05 26.70
CA LEU A 347 8.44 -5.08 26.07
C LEU A 347 7.61 -3.86 26.40
N ALA A 348 7.88 -3.20 27.55
CA ALA A 348 7.18 -1.99 27.92
C ALA A 348 7.70 -0.73 27.23
N GLY A 349 8.79 -0.83 26.48
CA GLY A 349 9.34 0.33 25.81
C GLY A 349 10.37 1.11 26.60
N GLU A 350 10.69 0.69 27.82
CA GLU A 350 11.70 1.38 28.61
C GLU A 350 13.11 0.98 28.21
N LEU A 351 13.28 -0.13 27.51
CA LEU A 351 14.59 -0.58 27.06
C LEU A 351 14.55 -0.92 25.57
N VAL A 352 15.73 -0.93 24.97
CA VAL A 352 15.92 -1.37 23.59
C VAL A 352 16.83 -2.59 23.64
N ARG A 353 16.47 -3.64 22.92
CA ARG A 353 17.24 -4.87 22.91
C ARG A 353 18.00 -4.98 21.60
N GLU A 354 19.31 -5.24 21.69
CA GLU A 354 20.20 -5.35 20.54
C GLU A 354 21.10 -6.56 20.72
N GLN A 355 21.33 -7.27 19.62
CA GLN A 355 22.26 -8.39 19.60
C GLN A 355 23.62 -7.86 19.20
N GLY A 356 24.63 -8.11 20.02
CA GLY A 356 25.96 -7.64 19.73
C GLY A 356 26.70 -8.52 18.75
N ASP A 357 27.88 -8.06 18.34
CA ASP A 357 28.68 -8.80 17.38
C ASP A 357 29.08 -10.17 17.91
N ASP A 358 29.08 -10.36 19.23
CA ASP A 358 29.39 -11.64 19.85
C ASP A 358 28.16 -12.53 20.01
N GLY A 359 27.02 -12.13 19.45
CA GLY A 359 25.81 -12.93 19.54
C GLY A 359 25.04 -12.83 20.84
N VAL A 360 25.44 -11.93 21.76
CA VAL A 360 24.79 -11.77 23.06
C VAL A 360 23.79 -10.62 22.99
N LEU A 361 22.61 -10.82 23.57
CA LEU A 361 21.58 -9.79 23.61
C LEU A 361 21.81 -8.83 24.77
N ARG A 362 21.67 -7.52 24.49
CA ARG A 362 21.89 -6.49 25.49
C ARG A 362 20.75 -5.48 25.47
N PHE A 363 20.52 -4.83 26.61
CA PHE A 363 19.42 -3.91 26.81
C PHE A 363 19.96 -2.55 27.23
N ARG A 364 19.39 -1.48 26.67
CA ARG A 364 19.78 -0.12 26.99
C ARG A 364 18.52 0.73 27.13
N ILE A 365 18.64 1.80 27.92
CA ILE A 365 17.52 2.72 28.09
C ILE A 365 17.15 3.38 26.76
N ALA A 366 15.84 3.61 26.57
CA ALA A 366 15.32 4.29 25.39
C ALA A 366 15.60 5.79 25.44
N HIS B 5 -21.10 -37.92 6.16
CA HIS B 5 -20.12 -37.28 7.03
C HIS B 5 -20.75 -36.78 8.34
N HIS B 6 -19.99 -36.00 9.12
CA HIS B 6 -20.34 -35.67 10.50
C HIS B 6 -20.70 -34.21 10.75
N HIS B 7 -20.65 -33.34 9.74
CA HIS B 7 -21.00 -31.96 10.02
C HIS B 7 -22.50 -31.74 9.82
N HIS B 8 -23.03 -30.70 10.48
CA HIS B 8 -24.43 -30.32 10.36
C HIS B 8 -24.52 -29.10 9.46
N MET B 9 -25.23 -29.23 8.34
CA MET B 9 -25.34 -28.16 7.37
C MET B 9 -26.35 -27.13 7.81
N ASN B 10 -26.05 -25.87 7.53
CA ASN B 10 -26.91 -24.76 7.90
C ASN B 10 -28.02 -24.60 6.86
N ALA B 11 -29.24 -24.95 7.24
CA ALA B 11 -30.37 -24.77 6.35
C ALA B 11 -30.85 -23.31 6.30
N LEU B 12 -30.43 -22.49 7.26
CA LEU B 12 -30.75 -21.06 7.28
C LEU B 12 -29.61 -20.20 6.75
N GLU B 13 -28.78 -20.77 5.88
CA GLU B 13 -27.63 -20.06 5.32
C GLU B 13 -28.03 -18.82 4.55
N HIS B 14 -29.21 -18.82 3.94
CA HIS B 14 -29.67 -17.65 3.20
C HIS B 14 -29.82 -16.41 4.07
N GLN B 15 -29.90 -16.55 5.39
CA GLN B 15 -30.01 -15.39 6.29
C GLN B 15 -28.69 -14.67 6.50
N LEU B 16 -27.59 -15.22 6.01
CA LEU B 16 -26.30 -14.57 6.07
C LEU B 16 -26.04 -13.82 4.77
N ASP B 17 -25.12 -12.87 4.81
CA ASP B 17 -24.76 -12.07 3.64
C ASP B 17 -23.34 -12.40 3.25
N TYR B 18 -23.14 -12.81 1.99
CA TYR B 18 -21.79 -13.06 1.50
C TYR B 18 -21.32 -11.89 0.65
N PRO B 19 -20.49 -10.97 1.16
CA PRO B 19 -20.13 -9.78 0.35
C PRO B 19 -19.44 -10.11 -0.95
N PHE B 20 -18.84 -11.28 -1.09
CA PHE B 20 -18.20 -11.69 -2.33
C PHE B 20 -18.95 -12.80 -3.05
N ALA B 21 -20.21 -13.03 -2.67
CA ALA B 21 -21.10 -13.97 -3.35
C ALA B 21 -20.40 -15.33 -3.38
N ASP B 22 -20.15 -15.92 -4.54
CA ASP B 22 -19.51 -17.23 -4.62
C ASP B 22 -18.05 -17.14 -5.07
N THR B 23 -17.43 -15.96 -4.95
CA THR B 23 -16.00 -15.80 -5.20
C THR B 23 -15.21 -16.72 -4.28
N LEU B 24 -14.22 -17.39 -4.86
CA LEU B 24 -13.33 -18.28 -4.12
C LEU B 24 -11.96 -18.06 -4.73
N PRO B 25 -10.91 -17.88 -3.91
CA PRO B 25 -9.56 -17.87 -4.46
C PRO B 25 -9.15 -19.24 -4.98
N ALA B 26 -8.52 -19.26 -6.14
CA ALA B 26 -7.97 -20.52 -6.65
C ALA B 26 -6.77 -20.95 -5.81
N ALA B 27 -6.59 -22.27 -5.70
CA ALA B 27 -5.42 -22.82 -5.02
C ALA B 27 -4.13 -22.24 -5.62
N GLY B 28 -3.28 -21.72 -4.74
CA GLY B 28 -2.07 -21.04 -5.12
C GLY B 28 -2.28 -19.57 -5.42
N ASP B 29 -3.47 -19.05 -5.25
CA ASP B 29 -3.77 -17.65 -5.50
C ASP B 29 -4.32 -17.02 -4.21
N THR B 30 -4.48 -15.70 -4.25
CA THR B 30 -5.05 -14.95 -3.14
C THR B 30 -6.17 -14.04 -3.65
N PHE B 31 -7.05 -13.64 -2.73
CA PHE B 31 -8.11 -12.67 -3.00
C PHE B 31 -8.21 -11.71 -1.84
N GLU B 32 -8.22 -10.41 -2.13
CA GLU B 32 -8.22 -9.39 -1.07
C GLU B 32 -9.63 -9.18 -0.54
N VAL B 33 -9.86 -9.52 0.74
CA VAL B 33 -11.17 -9.34 1.37
C VAL B 33 -11.29 -8.05 2.17
N ALA B 34 -10.19 -7.40 2.52
CA ALA B 34 -10.14 -6.10 3.19
C ALA B 34 -8.74 -5.54 2.99
N PRO B 35 -8.56 -4.21 3.09
CA PRO B 35 -7.22 -3.64 2.84
C PRO B 35 -6.12 -4.28 3.69
N GLY B 36 -5.15 -4.89 3.02
CA GLY B 36 -4.05 -5.60 3.68
C GLY B 36 -4.40 -6.98 4.18
N VAL B 37 -5.52 -7.57 3.74
CA VAL B 37 -5.98 -8.86 4.24
C VAL B 37 -6.38 -9.72 3.05
N ARG B 38 -5.55 -10.72 2.73
CA ARG B 38 -5.76 -11.57 1.58
C ARG B 38 -6.22 -12.95 2.04
N TRP B 39 -7.09 -13.55 1.23
CA TRP B 39 -7.72 -14.83 1.50
C TRP B 39 -7.07 -15.91 0.63
N LEU B 40 -6.64 -17.00 1.26
CA LEU B 40 -6.12 -18.17 0.55
C LEU B 40 -7.02 -19.35 0.86
N ARG B 41 -7.18 -20.25 -0.10
CA ARG B 41 -7.97 -21.45 0.11
C ARG B 41 -7.15 -22.65 -0.32
N MET B 42 -6.88 -23.54 0.61
CA MET B 42 -6.09 -24.74 0.44
C MET B 42 -7.00 -25.97 0.37
N PRO B 43 -6.64 -26.99 -0.39
CA PRO B 43 -7.44 -28.21 -0.41
C PRO B 43 -7.10 -29.13 0.75
N LEU B 44 -8.12 -29.87 1.18
CA LEU B 44 -7.95 -30.90 2.20
C LEU B 44 -8.59 -32.18 1.69
N PRO B 45 -8.03 -33.32 2.03
CA PRO B 45 -8.55 -34.59 1.48
C PRO B 45 -9.62 -35.25 2.33
N PHE B 46 -10.46 -34.47 3.05
CA PHE B 46 -11.54 -35.03 3.85
C PHE B 46 -12.89 -34.61 3.27
N SER B 47 -13.96 -34.94 3.99
CA SER B 47 -15.30 -34.48 3.62
C SER B 47 -15.36 -32.95 3.69
N LEU B 48 -14.61 -32.36 4.59
CA LEU B 48 -14.35 -30.92 4.61
C LEU B 48 -13.15 -30.67 3.70
N ASP B 49 -13.39 -30.18 2.49
CA ASP B 49 -12.36 -30.31 1.46
C ASP B 49 -11.40 -29.13 1.40
N HIS B 50 -11.42 -28.23 2.38
CA HIS B 50 -10.64 -27.00 2.26
C HIS B 50 -10.46 -26.38 3.64
N ILE B 51 -9.45 -25.52 3.74
CA ILE B 51 -9.31 -24.60 4.86
C ILE B 51 -8.89 -23.26 4.27
N ASN B 52 -9.42 -22.19 4.85
CA ASN B 52 -9.03 -20.84 4.47
C ASN B 52 -7.90 -20.38 5.37
N LEU B 53 -6.85 -19.87 4.76
CA LEU B 53 -5.73 -19.28 5.47
C LEU B 53 -5.68 -17.79 5.14
N TRP B 54 -4.98 -17.01 5.96
CA TRP B 54 -5.01 -15.56 5.87
C TRP B 54 -3.62 -14.96 5.79
N LEU B 55 -3.44 -14.03 4.84
CA LEU B 55 -2.22 -13.26 4.67
C LEU B 55 -2.49 -11.81 5.03
N LEU B 56 -1.76 -11.28 6.00
CA LEU B 56 -1.97 -9.91 6.49
C LEU B 56 -0.73 -9.08 6.23
N ARG B 57 -0.86 -8.03 5.42
CA ARG B 57 0.22 -7.09 5.17
C ARG B 57 0.66 -6.45 6.48
N ASP B 58 1.97 -6.35 6.68
CA ASP B 58 2.49 -6.07 8.01
C ASP B 58 3.89 -5.45 7.90
N GLU B 59 4.35 -4.89 9.01
CA GLU B 59 5.69 -4.33 9.12
C GLU B 59 6.18 -4.42 10.56
N ILE B 60 7.25 -5.18 10.76
CA ILE B 60 7.82 -5.41 12.09
C ILE B 60 9.28 -4.97 12.04
N ASP B 61 9.63 -4.01 12.89
CA ASP B 61 10.99 -3.50 12.97
C ASP B 61 11.43 -2.93 11.62
N GLY B 62 10.51 -2.28 10.93
CA GLY B 62 10.85 -1.64 9.68
C GLY B 62 10.95 -2.56 8.48
N GLN B 63 10.80 -3.88 8.66
CA GLN B 63 10.87 -4.83 7.56
C GLN B 63 9.45 -5.17 7.12
N ALA B 64 9.11 -4.77 5.89
CA ALA B 64 7.79 -5.07 5.37
C ALA B 64 7.68 -6.54 5.00
N GLY B 65 6.51 -7.12 5.24
CA GLY B 65 6.27 -8.49 4.92
C GLY B 65 4.85 -8.91 5.25
N TRP B 66 4.67 -10.17 5.66
CA TRP B 66 3.36 -10.75 5.83
C TRP B 66 3.33 -11.55 7.13
N THR B 67 2.24 -11.39 7.86
CA THR B 67 1.90 -12.25 8.97
C THR B 67 0.87 -13.25 8.48
N VAL B 68 1.17 -14.53 8.65
CA VAL B 68 0.29 -15.61 8.23
C VAL B 68 -0.59 -16.03 9.40
N VAL B 69 -1.85 -16.32 9.10
CA VAL B 69 -2.79 -16.92 10.05
C VAL B 69 -3.17 -18.30 9.54
N ASP B 70 -2.67 -19.35 10.23
CA ASP B 70 -2.91 -20.78 9.99
C ASP B 70 -2.19 -21.32 8.74
N CYS B 71 -2.04 -22.66 8.65
CA CYS B 71 -0.96 -23.24 7.84
C CYS B 71 -1.37 -24.35 6.88
N GLY B 72 -2.41 -25.12 7.21
CA GLY B 72 -2.72 -26.29 6.43
C GLY B 72 -2.12 -27.56 7.03
N ILE B 73 -2.65 -28.70 6.59
CA ILE B 73 -1.98 -29.96 6.87
C ILE B 73 -0.68 -30.02 6.08
N ALA B 74 0.21 -30.93 6.48
CA ALA B 74 1.46 -31.12 5.76
C ALA B 74 1.23 -32.15 4.64
N SER B 75 0.61 -31.69 3.56
CA SER B 75 0.45 -32.50 2.35
C SER B 75 1.29 -31.93 1.22
N ASP B 76 1.62 -32.79 0.25
CA ASP B 76 2.38 -32.30 -0.90
C ASP B 76 1.63 -31.22 -1.64
N ALA B 77 0.33 -31.39 -1.83
CA ALA B 77 -0.47 -30.36 -2.49
C ALA B 77 -0.36 -29.03 -1.74
N ILE B 78 -0.52 -29.05 -0.41
CA ILE B 78 -0.54 -27.79 0.32
C ILE B 78 0.84 -27.14 0.32
N ARG B 79 1.90 -27.94 0.40
CA ARG B 79 3.25 -27.40 0.25
C ARG B 79 3.45 -26.73 -1.10
N THR B 80 3.01 -27.40 -2.17
CA THR B 80 3.18 -26.85 -3.52
C THR B 80 2.50 -25.50 -3.66
N HIS B 81 1.24 -25.39 -3.19
CA HIS B 81 0.54 -24.12 -3.29
C HIS B 81 1.20 -23.05 -2.44
N TRP B 82 1.75 -23.41 -1.28
CA TRP B 82 2.46 -22.40 -0.50
C TRP B 82 3.67 -21.88 -1.27
N GLU B 83 4.44 -22.77 -1.89
CA GLU B 83 5.59 -22.33 -2.69
C GLU B 83 5.15 -21.41 -3.80
N GLN B 84 4.00 -21.70 -4.42
CA GLN B 84 3.45 -20.81 -5.45
C GLN B 84 3.07 -19.45 -4.86
N ILE B 85 2.58 -19.43 -3.62
CA ILE B 85 2.24 -18.17 -2.97
C ILE B 85 3.51 -17.34 -2.77
N PHE B 86 4.57 -17.98 -2.27
CA PHE B 86 5.84 -17.31 -2.06
C PHE B 86 6.38 -16.70 -3.33
N ASP B 87 6.33 -17.46 -4.44
CA ASP B 87 6.97 -17.01 -5.66
C ASP B 87 6.20 -15.87 -6.30
N ALA B 88 4.88 -15.90 -6.21
CA ALA B 88 4.03 -15.08 -7.06
C ALA B 88 3.18 -14.08 -6.30
N HIS B 89 2.78 -14.34 -5.07
CA HIS B 89 1.72 -13.55 -4.47
C HIS B 89 2.14 -12.84 -3.20
N LEU B 90 3.44 -12.73 -2.94
CA LEU B 90 3.95 -12.05 -1.75
C LEU B 90 4.64 -10.72 -2.05
N ASP B 91 4.54 -10.21 -3.28
CA ASP B 91 5.26 -9.01 -3.72
C ASP B 91 6.76 -9.16 -3.46
N GLY B 92 7.25 -10.40 -3.46
CA GLY B 92 8.66 -10.65 -3.17
C GLY B 92 9.10 -10.31 -1.75
N LEU B 93 8.09 -10.03 -0.77
CA LEU B 93 8.40 -9.73 0.62
C LEU B 93 8.32 -10.98 1.48
N PRO B 94 9.06 -11.06 2.59
CA PRO B 94 9.06 -12.29 3.39
C PRO B 94 7.83 -12.39 4.27
N VAL B 95 7.62 -13.59 4.77
CA VAL B 95 6.75 -13.80 5.91
C VAL B 95 7.51 -13.36 7.16
N LEU B 96 6.82 -12.68 8.09
CA LEU B 96 7.42 -12.17 9.32
C LEU B 96 7.09 -13.00 10.56
N ARG B 97 5.95 -13.69 10.58
CA ARG B 97 5.53 -14.50 11.73
C ARG B 97 4.33 -15.33 11.30
N VAL B 98 4.08 -16.39 12.08
CA VAL B 98 2.96 -17.30 11.82
C VAL B 98 2.10 -17.35 13.09
N ILE B 99 0.83 -16.98 12.95
CA ILE B 99 -0.15 -17.09 14.02
C ILE B 99 -1.00 -18.31 13.75
N VAL B 100 -1.23 -19.12 14.79
CA VAL B 100 -2.05 -20.32 14.67
C VAL B 100 -3.20 -20.24 15.65
N THR B 101 -4.41 -20.43 15.15
CA THR B 101 -5.61 -20.27 15.98
C THR B 101 -5.78 -21.44 16.96
N HIS B 102 -5.49 -22.66 16.54
CA HIS B 102 -5.60 -23.82 17.42
C HIS B 102 -4.81 -25.01 16.86
N CYS B 103 -4.71 -26.06 17.68
CA CYS B 103 -3.77 -27.14 17.40
C CYS B 103 -4.23 -28.10 16.31
N HIS B 104 -5.42 -27.94 15.76
CA HIS B 104 -5.93 -28.99 14.90
C HIS B 104 -5.12 -29.10 13.60
N PRO B 105 -5.01 -30.30 13.04
CA PRO B 105 -3.97 -30.55 12.05
C PRO B 105 -4.04 -29.65 10.83
N ASP B 106 -5.24 -29.26 10.40
CA ASP B 106 -5.36 -28.40 9.22
C ASP B 106 -4.98 -26.95 9.48
N HIS B 107 -4.91 -26.53 10.75
CA HIS B 107 -4.45 -25.18 11.09
C HIS B 107 -2.97 -25.14 11.47
N PHE B 108 -2.43 -26.26 11.97
CA PHE B 108 -1.14 -26.29 12.64
C PHE B 108 -0.08 -27.12 11.91
N GLY B 109 -0.48 -27.98 10.97
CA GLY B 109 0.43 -29.00 10.46
C GLY B 109 1.71 -28.47 9.79
N LEU B 110 1.63 -27.35 9.06
CA LEU B 110 2.81 -26.82 8.38
C LEU B 110 3.40 -25.60 9.10
N ALA B 111 3.04 -25.38 10.37
CA ALA B 111 3.55 -24.21 11.10
C ALA B 111 5.07 -24.21 11.15
N ASN B 112 5.66 -25.37 11.46
CA ASN B 112 7.12 -25.45 11.51
C ASN B 112 7.73 -25.29 10.12
N TRP B 113 7.12 -25.91 9.11
CA TRP B 113 7.62 -25.76 7.74
C TRP B 113 7.55 -24.29 7.29
N LEU B 114 6.46 -23.60 7.61
CA LEU B 114 6.35 -22.17 7.29
C LEU B 114 7.39 -21.35 8.05
N CYS B 115 7.50 -21.57 9.37
CA CYS B 115 8.42 -20.78 10.20
C CYS B 115 9.87 -20.93 9.76
N GLU B 116 10.24 -22.09 9.20
CA GLU B 116 11.61 -22.31 8.75
C GLU B 116 11.81 -21.93 7.27
N GLY B 117 10.80 -21.33 6.66
CA GLY B 117 10.96 -20.74 5.35
C GLY B 117 10.57 -21.60 4.19
N GLY B 118 9.80 -22.66 4.42
CA GLY B 118 9.38 -23.51 3.32
C GLY B 118 10.54 -24.30 2.72
N ASP B 119 10.26 -24.90 1.57
CA ASP B 119 11.21 -25.82 0.96
C ASP B 119 12.55 -25.15 0.66
N LYS B 120 12.56 -23.83 0.46
CA LYS B 120 13.79 -23.12 0.11
C LYS B 120 14.40 -22.37 1.28
N ARG B 121 13.91 -22.60 2.50
CA ARG B 121 14.44 -21.99 3.73
C ARG B 121 14.66 -20.48 3.56
N ARG B 122 13.58 -19.78 3.19
CA ARG B 122 13.61 -18.36 2.81
C ARG B 122 13.64 -17.39 3.99
N TRP B 123 13.35 -17.85 5.22
CA TRP B 123 13.29 -17.00 6.41
C TRP B 123 13.27 -17.89 7.65
N ASN B 124 13.43 -17.26 8.82
CA ASN B 124 13.30 -17.95 10.12
C ASN B 124 12.53 -17.05 11.08
N VAL B 125 11.28 -17.43 11.35
CA VAL B 125 10.33 -16.56 12.03
C VAL B 125 9.67 -17.32 13.18
N ARG B 126 8.98 -16.57 14.05
CA ARG B 126 8.48 -17.06 15.32
C ARG B 126 7.04 -17.50 15.18
N LEU B 127 6.70 -18.61 15.82
CA LEU B 127 5.31 -19.06 15.96
C LEU B 127 4.61 -18.28 17.06
N TRP B 128 3.41 -17.77 16.77
CA TRP B 128 2.55 -17.13 17.76
C TRP B 128 1.33 -18.01 18.00
N MET B 129 1.04 -18.28 19.27
CA MET B 129 0.04 -19.29 19.61
C MET B 129 -0.35 -19.13 21.09
N THR B 130 -1.55 -19.59 21.43
CA THR B 130 -1.90 -19.66 22.85
C THR B 130 -1.18 -20.85 23.48
N LEU B 131 -0.94 -20.76 24.79
CA LEU B 131 -0.20 -21.81 25.50
C LEU B 131 -0.95 -23.13 25.42
N GLY B 132 -2.27 -23.10 25.60
CA GLY B 132 -3.04 -24.33 25.58
C GLY B 132 -3.00 -25.04 24.22
N GLU B 133 -3.05 -24.28 23.13
CA GLU B 133 -3.00 -24.90 21.82
C GLU B 133 -1.61 -25.44 21.52
N TYR B 134 -0.57 -24.68 21.88
CA TYR B 134 0.81 -25.09 21.62
C TYR B 134 1.19 -26.33 22.41
N MET B 135 0.89 -26.36 23.72
CA MET B 135 1.25 -27.54 24.50
C MET B 135 0.52 -28.77 23.99
N PHE B 136 -0.77 -28.64 23.74
CA PHE B 136 -1.56 -29.81 23.34
C PHE B 136 -1.12 -30.31 21.97
N GLY B 137 -0.80 -29.40 21.05
CA GLY B 137 -0.29 -29.84 19.77
C GLY B 137 1.04 -30.55 19.87
N CYS B 138 1.96 -30.01 20.68
CA CYS B 138 3.23 -30.69 20.91
C CYS B 138 3.01 -32.09 21.46
N LEU B 139 2.13 -32.21 22.46
CA LEU B 139 1.88 -33.51 23.05
C LEU B 139 1.34 -34.47 22.00
N MET B 140 0.34 -34.05 21.24
CA MET B 140 -0.24 -34.93 20.23
C MET B 140 0.74 -35.20 19.10
N ALA B 141 1.59 -34.23 18.77
CA ALA B 141 2.58 -34.47 17.73
C ALA B 141 3.69 -35.41 18.16
N ALA B 142 3.75 -35.76 19.44
CA ALA B 142 4.80 -36.64 19.94
C ALA B 142 4.24 -38.03 20.24
N SER B 146 -3.42 -39.67 20.17
CA SER B 146 -4.10 -38.43 19.80
C SER B 146 -5.58 -38.48 20.17
N ASN B 147 -6.34 -37.50 19.68
CA ASN B 147 -7.78 -37.48 19.92
C ASN B 147 -8.49 -38.62 19.18
N ALA B 148 -8.10 -38.87 17.93
CA ALA B 148 -8.83 -39.77 17.03
C ALA B 148 -8.04 -41.03 16.69
N GLY B 149 -7.05 -41.39 17.51
CA GLY B 149 -6.27 -42.60 17.29
C GLY B 149 -5.41 -43.01 18.48
N GLY B 150 -5.14 -44.30 18.61
CA GLY B 150 -4.38 -44.91 19.69
C GLY B 150 -5.24 -45.82 20.56
N ALA B 151 -4.58 -46.71 21.31
CA ALA B 151 -5.31 -47.63 22.17
C ALA B 151 -6.17 -46.89 23.20
N ALA B 152 -5.71 -45.73 23.66
CA ALA B 152 -6.51 -44.95 24.61
C ALA B 152 -7.82 -44.50 23.98
N ALA B 153 -7.78 -44.07 22.72
CA ALA B 153 -9.00 -43.63 22.05
C ALA B 153 -9.97 -44.78 21.83
N ALA B 154 -9.47 -45.95 21.47
CA ALA B 154 -10.33 -47.12 21.23
C ALA B 154 -11.00 -47.57 22.52
N ASP B 155 -10.27 -47.53 23.64
CA ASP B 155 -10.87 -47.88 24.92
C ASP B 155 -11.92 -46.84 25.35
N HIS B 156 -11.64 -45.56 25.10
CA HIS B 156 -12.61 -44.50 25.40
C HIS B 156 -13.91 -44.69 24.61
N PHE B 157 -13.81 -44.86 23.29
CA PHE B 157 -15.02 -45.03 22.49
C PHE B 157 -15.69 -46.38 22.74
N ALA B 158 -14.91 -47.39 23.12
CA ALA B 158 -15.53 -48.68 23.48
C ALA B 158 -16.45 -48.55 24.69
N ARG B 159 -16.03 -47.82 25.73
CA ARG B 159 -16.94 -47.65 26.87
C ARG B 159 -18.08 -46.69 26.56
N HIS B 160 -18.03 -45.97 25.44
CA HIS B 160 -19.17 -45.16 25.03
C HIS B 160 -19.96 -45.82 23.92
N GLY B 161 -19.81 -47.14 23.76
CA GLY B 161 -20.74 -47.92 22.98
C GLY B 161 -20.21 -48.46 21.66
N LEU B 162 -18.99 -48.09 21.25
CA LEU B 162 -18.43 -48.57 19.98
C LEU B 162 -17.98 -50.02 20.16
N THR B 163 -18.71 -50.94 19.53
CA THR B 163 -18.43 -52.36 19.69
C THR B 163 -17.91 -53.01 18.42
N ASP B 164 -18.03 -52.35 17.28
CA ASP B 164 -17.58 -52.88 16.00
C ASP B 164 -16.10 -53.25 16.03
N ALA B 165 -15.81 -54.55 15.92
CA ALA B 165 -14.44 -55.03 16.05
C ALA B 165 -13.52 -54.40 15.00
N ALA B 166 -14.00 -54.27 13.75
CA ALA B 166 -13.16 -53.63 12.73
C ALA B 166 -12.89 -52.18 13.07
N SER B 167 -13.90 -51.45 13.56
CA SER B 167 -13.70 -50.05 13.90
C SER B 167 -12.69 -49.90 15.02
N LEU B 168 -12.79 -50.74 16.06
CA LEU B 168 -11.82 -50.67 17.15
C LEU B 168 -10.42 -51.04 16.67
N GLU B 169 -10.33 -52.02 15.75
CA GLU B 169 -9.02 -52.31 15.16
C GLU B 169 -8.52 -51.15 14.31
N LYS B 170 -9.40 -50.54 13.53
CA LYS B 170 -8.99 -49.39 12.73
C LYS B 170 -8.56 -48.23 13.62
N LEU B 171 -9.24 -48.05 14.76
CA LEU B 171 -8.88 -46.98 15.70
C LEU B 171 -7.49 -47.16 16.31
N ARG B 172 -7.12 -48.41 16.63
CA ARG B 172 -5.79 -48.65 17.18
C ARG B 172 -4.69 -48.34 16.17
N ASN B 173 -4.92 -48.63 14.90
CA ASN B 173 -3.87 -48.42 13.90
C ASN B 173 -3.70 -46.95 13.54
N ARG B 174 -4.70 -46.11 13.80
CA ARG B 174 -4.57 -44.67 13.60
C ARG B 174 -3.79 -43.99 14.71
N ARG B 175 -2.92 -44.75 15.40
CA ARG B 175 -2.01 -44.20 16.39
C ARG B 175 -1.21 -43.04 15.84
N SER B 176 -0.96 -43.04 14.53
CA SER B 176 -0.17 -42.02 13.88
C SER B 176 -1.02 -41.07 13.04
N TYR B 177 -2.34 -41.02 13.27
CA TYR B 177 -3.17 -40.15 12.45
C TYR B 177 -2.75 -38.69 12.58
N TYR B 178 -2.46 -38.24 13.82
CA TYR B 178 -2.08 -36.84 14.04
C TYR B 178 -0.65 -36.53 13.60
N SER B 179 0.30 -37.41 13.90
CA SER B 179 1.71 -37.14 13.63
C SER B 179 2.01 -37.08 12.12
N ASP B 180 1.25 -37.80 11.29
CA ASP B 180 1.50 -37.75 9.85
C ASP B 180 1.13 -36.39 9.27
N LEU B 181 0.06 -35.77 9.78
CA LEU B 181 -0.39 -34.45 9.33
C LEU B 181 0.42 -33.31 9.97
N VAL B 182 0.89 -33.50 11.20
CA VAL B 182 1.71 -32.49 11.86
C VAL B 182 3.07 -33.16 12.09
N PRO B 183 3.90 -33.30 11.05
CA PRO B 183 5.13 -34.09 11.19
C PRO B 183 6.19 -33.41 12.02
N ALA B 184 6.08 -32.09 12.19
CA ALA B 184 7.04 -31.33 12.96
C ALA B 184 6.32 -30.17 13.61
N VAL B 185 6.90 -29.68 14.70
CA VAL B 185 6.34 -28.59 15.51
C VAL B 185 7.46 -27.62 15.84
N PRO B 186 7.22 -26.30 15.82
CA PRO B 186 8.29 -25.34 16.17
C PRO B 186 8.71 -25.50 17.63
N PRO B 187 10.01 -25.42 17.92
CA PRO B 187 10.51 -25.66 19.28
C PRO B 187 10.37 -24.46 20.22
N ARG B 188 9.87 -23.33 19.73
CA ARG B 188 9.64 -22.15 20.56
C ARG B 188 8.34 -21.50 20.10
N TYR B 189 7.78 -20.63 20.94
CA TYR B 189 6.58 -19.90 20.55
C TYR B 189 6.50 -18.59 21.32
N ARG B 190 5.66 -17.69 20.79
CA ARG B 190 5.27 -16.44 21.43
C ARG B 190 3.81 -16.58 21.88
N ARG B 191 3.57 -16.40 23.17
CA ARG B 191 2.29 -16.74 23.77
C ARG B 191 1.25 -15.64 23.53
N LEU B 192 0.09 -16.03 23.03
CA LEU B 192 -1.08 -15.18 22.93
C LEU B 192 -2.04 -15.48 24.08
N ARG B 193 -2.61 -14.43 24.67
CA ARG B 193 -3.63 -14.60 25.68
C ARG B 193 -4.84 -13.73 25.38
N ASP B 194 -6.00 -14.18 25.88
CA ASP B 194 -7.24 -13.44 25.75
C ASP B 194 -7.05 -11.98 26.15
N GLY B 195 -7.49 -11.08 25.26
CA GLY B 195 -7.36 -9.66 25.49
C GLY B 195 -6.09 -9.03 24.96
N ASP B 196 -5.10 -9.83 24.57
CA ASP B 196 -3.87 -9.28 24.04
C ASP B 196 -4.14 -8.46 22.78
N ALA B 197 -3.41 -7.36 22.62
CA ALA B 197 -3.46 -6.56 21.41
C ALA B 197 -2.28 -6.95 20.53
N VAL B 198 -2.57 -7.35 19.28
CA VAL B 198 -1.53 -7.67 18.30
C VAL B 198 -1.61 -6.62 17.21
N THR B 199 -0.58 -5.79 17.09
CA THR B 199 -0.50 -4.81 16.03
C THR B 199 -0.01 -5.46 14.74
N ILE B 200 -0.85 -5.44 13.72
CA ILE B 200 -0.58 -6.06 12.42
C ILE B 200 -0.91 -5.03 11.35
N GLY B 201 0.11 -4.50 10.69
CA GLY B 201 -0.12 -3.47 9.67
C GLY B 201 -0.76 -2.25 10.31
N THR B 202 -1.93 -1.87 9.80
CA THR B 202 -2.65 -0.68 10.24
C THR B 202 -3.72 -0.99 11.29
N ARG B 203 -3.80 -2.23 11.78
CA ARG B 203 -4.86 -2.63 12.69
C ARG B 203 -4.28 -3.05 14.04
N THR B 204 -5.12 -2.93 15.05
CA THR B 204 -4.89 -3.58 16.34
C THR B 204 -5.89 -4.71 16.43
N TRP B 205 -5.41 -5.93 16.34
CA TRP B 205 -6.25 -7.09 16.52
C TRP B 205 -6.21 -7.49 17.99
N ARG B 206 -7.36 -7.90 18.51
CA ARG B 206 -7.47 -8.39 19.87
C ARG B 206 -7.68 -9.90 19.87
N VAL B 207 -6.92 -10.58 20.74
CA VAL B 207 -7.13 -12.01 20.99
C VAL B 207 -8.46 -12.19 21.70
N VAL B 208 -9.30 -13.06 21.16
CA VAL B 208 -10.59 -13.43 21.73
C VAL B 208 -10.58 -14.95 21.84
N THR B 209 -10.46 -15.45 23.06
CA THR B 209 -10.30 -16.87 23.30
C THR B 209 -11.66 -17.59 23.25
N GLY B 210 -11.66 -18.80 22.75
CA GLY B 210 -12.86 -19.61 22.69
C GLY B 210 -12.54 -21.01 23.18
N TYR B 211 -13.52 -21.59 23.85
CA TYR B 211 -13.34 -22.88 24.50
C TYR B 211 -14.34 -23.89 23.96
N GLY B 212 -14.08 -25.16 24.25
CA GLY B 212 -15.02 -26.21 23.91
C GLY B 212 -14.64 -26.90 22.61
N HIS B 213 -14.18 -26.12 21.64
CA HIS B 213 -13.76 -26.74 20.40
C HIS B 213 -12.34 -27.26 20.51
N SER B 214 -11.51 -26.55 21.25
CA SER B 214 -10.10 -26.86 21.39
C SER B 214 -9.62 -26.22 22.69
N PRO B 215 -8.40 -26.52 23.14
CA PRO B 215 -7.97 -26.04 24.48
C PRO B 215 -8.12 -24.55 24.75
N GLU B 216 -7.68 -23.71 23.82
CA GLU B 216 -7.64 -22.26 24.05
C GLU B 216 -7.66 -21.53 22.70
N HIS B 217 -8.75 -21.67 21.95
CA HIS B 217 -8.80 -21.23 20.55
C HIS B 217 -8.61 -19.72 20.45
N CYS B 218 -7.72 -19.28 19.54
CA CYS B 218 -7.43 -17.86 19.34
C CYS B 218 -8.15 -17.34 18.10
N ALA B 219 -9.15 -16.50 18.31
CA ALA B 219 -9.73 -15.68 17.24
C ALA B 219 -9.19 -14.26 17.37
N LEU B 220 -9.14 -13.55 16.25
CA LEU B 220 -8.57 -12.20 16.21
C LEU B 220 -9.64 -11.20 15.78
N HIS B 221 -9.80 -10.15 16.56
CA HIS B 221 -10.85 -9.17 16.32
C HIS B 221 -10.21 -7.81 16.10
N SER B 222 -10.50 -7.19 14.95
CA SER B 222 -10.07 -5.82 14.63
C SER B 222 -11.31 -4.97 14.81
N GLU B 223 -11.40 -4.32 15.96
CA GLU B 223 -12.64 -3.70 16.40
C GLU B 223 -12.92 -2.41 15.62
N ALA B 224 -11.88 -1.62 15.34
CA ALA B 224 -12.09 -0.31 14.69
C ALA B 224 -12.81 -0.44 13.34
N ASP B 225 -12.43 -1.42 12.52
CA ASP B 225 -13.01 -1.59 11.19
C ASP B 225 -13.88 -2.83 11.06
N GLY B 226 -14.11 -3.57 12.15
CA GLY B 226 -15.07 -4.66 12.15
C GLY B 226 -14.68 -5.88 11.35
N VAL B 227 -13.52 -6.46 11.63
CA VAL B 227 -13.09 -7.69 10.99
C VAL B 227 -12.84 -8.72 12.09
N LEU B 228 -13.33 -9.94 11.86
CA LEU B 228 -13.19 -11.02 12.83
C LEU B 228 -12.66 -12.24 12.10
N ILE B 229 -11.45 -12.68 12.47
CA ILE B 229 -10.92 -13.97 12.07
C ILE B 229 -11.39 -14.98 13.12
N SER B 230 -12.43 -15.73 12.77
CA SER B 230 -13.16 -16.55 13.74
C SER B 230 -12.60 -17.96 13.89
N GLY B 231 -11.56 -18.32 13.12
CA GLY B 231 -11.04 -19.67 13.21
C GLY B 231 -12.14 -20.69 12.97
N ASP B 232 -12.25 -21.67 13.87
CA ASP B 232 -13.31 -22.65 13.79
C ASP B 232 -14.51 -22.34 14.66
N MET B 233 -14.52 -21.22 15.41
CA MET B 233 -15.57 -21.02 16.40
C MET B 233 -16.89 -20.60 15.79
N VAL B 234 -16.86 -19.85 14.69
CA VAL B 234 -18.06 -19.41 13.99
C VAL B 234 -17.86 -19.69 12.50
N LEU B 235 -18.54 -20.71 11.97
CA LEU B 235 -18.51 -21.13 10.57
C LEU B 235 -19.90 -20.99 9.97
N PRO B 236 -20.01 -20.43 8.76
CA PRO B 236 -21.36 -20.14 8.20
C PRO B 236 -22.16 -21.36 7.82
N ARG B 237 -21.52 -22.42 7.34
CA ARG B 237 -22.28 -23.54 6.79
C ARG B 237 -22.33 -24.74 7.68
N ILE B 238 -21.37 -24.91 8.59
CA ILE B 238 -21.33 -26.10 9.42
C ILE B 238 -21.24 -25.68 10.88
N SER B 239 -21.58 -26.62 11.73
CA SER B 239 -21.40 -26.43 13.16
C SER B 239 -19.94 -26.66 13.51
N THR B 240 -19.57 -26.15 14.67
CA THR B 240 -18.24 -26.36 15.19
C THR B 240 -18.24 -27.66 15.99
N ASN B 241 -17.28 -28.54 15.71
CA ASN B 241 -17.20 -29.81 16.43
C ASN B 241 -16.89 -29.58 17.92
N VAL B 242 -17.65 -30.26 18.79
CA VAL B 242 -17.38 -30.31 20.23
C VAL B 242 -17.32 -31.78 20.62
N SER B 243 -16.17 -32.23 21.11
CA SER B 243 -15.97 -33.64 21.38
C SER B 243 -15.39 -33.84 22.77
N VAL B 244 -15.77 -34.95 23.39
CA VAL B 244 -15.16 -35.43 24.62
C VAL B 244 -14.21 -36.56 24.26
N PHE B 245 -12.95 -36.41 24.66
CA PHE B 245 -11.91 -37.38 24.35
C PHE B 245 -11.37 -38.01 25.63
N ASP B 246 -10.48 -38.99 25.44
CA ASP B 246 -10.04 -39.86 26.54
C ASP B 246 -9.28 -39.11 27.63
N LEU B 247 -8.58 -38.04 27.27
CA LEU B 247 -7.72 -37.32 28.21
C LEU B 247 -8.53 -36.63 29.29
N GLU B 248 -9.71 -36.14 28.92
CA GLU B 248 -10.59 -35.39 29.82
C GLU B 248 -12.00 -35.96 29.71
N PRO B 249 -12.21 -37.17 30.22
CA PRO B 249 -13.45 -37.89 29.93
C PRO B 249 -14.70 -37.28 30.56
N GLU B 250 -14.56 -36.46 31.60
CA GLU B 250 -15.72 -35.77 32.16
C GLU B 250 -15.82 -34.33 31.64
N ALA B 251 -15.14 -34.00 30.56
CA ALA B 251 -15.17 -32.64 30.05
C ALA B 251 -16.59 -32.22 29.66
N ASN B 252 -16.79 -30.90 29.68
CA ASN B 252 -18.05 -30.28 29.25
C ASN B 252 -17.80 -29.31 28.08
N PRO B 253 -17.26 -29.81 26.95
CA PRO B 253 -16.93 -28.88 25.85
C PRO B 253 -18.13 -28.11 25.29
N LEU B 254 -19.33 -28.70 25.26
CA LEU B 254 -20.48 -27.97 24.71
C LEU B 254 -20.88 -26.79 25.58
N ALA B 255 -20.92 -26.96 26.90
CA ALA B 255 -21.16 -25.82 27.78
C ALA B 255 -20.10 -24.74 27.57
N LEU B 256 -18.83 -25.17 27.51
CA LEU B 256 -17.74 -24.22 27.27
C LEU B 256 -17.93 -23.51 25.95
N TYR B 257 -18.32 -24.25 24.93
CA TYR B 257 -18.53 -23.65 23.62
C TYR B 257 -19.70 -22.67 23.65
N LEU B 258 -20.85 -23.12 24.17
CA LEU B 258 -22.03 -22.23 24.22
C LEU B 258 -21.74 -20.98 25.02
N GLN B 259 -20.94 -21.09 26.07
CA GLN B 259 -20.57 -19.89 26.82
C GLN B 259 -19.65 -18.99 25.99
N SER B 260 -18.70 -19.59 25.27
CA SER B 260 -17.76 -18.82 24.47
C SER B 260 -18.46 -18.03 23.35
N LEU B 261 -19.58 -18.53 22.85
CA LEU B 261 -20.27 -17.84 21.76
C LEU B 261 -20.72 -16.45 22.15
N GLY B 262 -20.87 -16.17 23.46
CA GLY B 262 -21.25 -14.84 23.89
C GLY B 262 -20.28 -13.75 23.44
N ARG B 263 -18.98 -14.10 23.34
CA ARG B 263 -17.99 -13.13 22.93
C ARG B 263 -18.28 -12.56 21.54
N TYR B 264 -18.92 -13.35 20.67
CA TYR B 264 -19.29 -12.89 19.33
C TYR B 264 -20.71 -12.34 19.26
N GLU B 265 -21.59 -12.79 20.16
CA GLU B 265 -22.99 -12.39 20.15
C GLU B 265 -23.16 -10.89 20.27
N THR B 266 -22.25 -10.21 20.96
CA THR B 266 -22.30 -8.77 21.21
C THR B 266 -21.54 -7.93 20.19
N MET B 267 -20.83 -8.56 19.25
CA MET B 267 -20.05 -7.80 18.29
C MET B 267 -20.95 -7.03 17.33
N ALA B 268 -20.38 -6.00 16.72
CA ALA B 268 -21.17 -5.12 15.85
C ALA B 268 -21.85 -5.95 14.75
N PRO B 269 -23.11 -5.63 14.41
CA PRO B 269 -23.81 -6.43 13.38
C PRO B 269 -23.14 -6.43 12.02
N ASP B 270 -22.41 -5.37 11.66
CA ASP B 270 -21.75 -5.26 10.37
C ASP B 270 -20.39 -5.98 10.32
N THR B 271 -20.09 -6.77 11.34
CA THR B 271 -18.80 -7.43 11.44
C THR B 271 -18.58 -8.37 10.25
N LEU B 272 -17.44 -8.20 9.58
CA LEU B 272 -17.00 -9.09 8.51
C LEU B 272 -16.33 -10.31 9.14
N VAL B 273 -16.95 -11.47 9.04
CA VAL B 273 -16.40 -12.69 9.64
C VAL B 273 -15.60 -13.45 8.60
N LEU B 274 -14.36 -13.80 8.96
CA LEU B 274 -13.45 -14.57 8.11
C LEU B 274 -13.28 -15.96 8.73
N PRO B 275 -14.12 -16.91 8.35
CA PRO B 275 -14.09 -18.24 8.98
C PRO B 275 -13.07 -19.14 8.30
N SER B 276 -12.70 -20.21 9.01
CA SER B 276 -11.74 -21.15 8.47
C SER B 276 -12.32 -22.09 7.43
N HIS B 277 -13.65 -22.24 7.38
CA HIS B 277 -14.34 -23.02 6.36
C HIS B 277 -15.60 -22.29 5.95
N GLY B 278 -15.91 -22.30 4.65
CA GLY B 278 -16.96 -21.47 4.12
C GLY B 278 -16.42 -20.20 3.51
N LYS B 279 -17.28 -19.18 3.42
CA LYS B 279 -16.91 -17.94 2.76
C LYS B 279 -17.04 -16.76 3.72
N PRO B 280 -16.28 -15.68 3.51
CA PRO B 280 -16.48 -14.47 4.30
C PRO B 280 -17.95 -14.07 4.28
N PHE B 281 -18.47 -13.70 5.45
CA PHE B 281 -19.87 -13.35 5.55
C PHE B 281 -20.08 -12.23 6.57
N ARG B 282 -21.25 -11.61 6.47
CA ARG B 282 -21.75 -10.75 7.52
C ARG B 282 -23.02 -11.35 8.10
N GLY B 283 -23.29 -11.01 9.36
CA GLY B 283 -24.37 -11.63 10.11
C GLY B 283 -23.84 -12.47 11.26
N VAL B 284 -22.84 -11.95 11.99
CA VAL B 284 -22.24 -12.71 13.08
C VAL B 284 -23.28 -13.02 14.15
N ARG B 285 -24.18 -12.07 14.44
CA ARG B 285 -25.19 -12.28 15.47
C ARG B 285 -26.22 -13.30 15.03
N THR B 286 -26.60 -13.25 13.76
CA THR B 286 -27.55 -14.22 13.22
C THR B 286 -27.02 -15.65 13.30
N ARG B 287 -25.74 -15.84 12.96
CA ARG B 287 -25.16 -17.17 12.99
C ARG B 287 -25.07 -17.70 14.41
N ILE B 288 -24.75 -16.83 15.38
CA ILE B 288 -24.76 -17.26 16.77
C ILE B 288 -26.15 -17.71 17.17
N ALA B 289 -27.19 -16.94 16.78
CA ALA B 289 -28.56 -17.33 17.12
C ALA B 289 -28.92 -18.67 16.50
N GLN B 290 -28.42 -18.93 15.30
CA GLN B 290 -28.67 -20.21 14.63
C GLN B 290 -28.02 -21.36 15.38
N LEU B 291 -26.74 -21.18 15.74
CA LEU B 291 -26.00 -22.22 16.44
C LEU B 291 -26.66 -22.58 17.77
N ARG B 292 -27.10 -21.56 18.52
CA ARG B 292 -27.75 -21.83 19.81
C ARG B 292 -29.03 -22.62 19.62
N ALA B 293 -29.87 -22.22 18.66
CA ALA B 293 -31.10 -22.94 18.38
C ALA B 293 -30.80 -24.37 17.96
N HIS B 294 -29.73 -24.55 17.19
CA HIS B 294 -29.31 -25.88 16.75
C HIS B 294 -28.89 -26.76 17.92
N HIS B 295 -28.03 -26.25 18.80
CA HIS B 295 -27.57 -27.08 19.91
C HIS B 295 -28.70 -27.35 20.89
N ASP B 296 -29.68 -26.45 21.01
CA ASP B 296 -30.82 -26.72 21.87
C ASP B 296 -31.70 -27.83 21.31
N ALA B 297 -31.82 -27.91 19.97
CA ALA B 297 -32.62 -28.95 19.33
C ALA B 297 -31.96 -30.34 19.47
N ARG B 298 -30.63 -30.42 19.31
CA ARG B 298 -29.92 -31.69 19.56
C ARG B 298 -29.99 -32.10 21.04
N LEU B 299 -29.87 -31.14 21.95
CA LEU B 299 -29.98 -31.46 23.37
C LEU B 299 -31.35 -32.03 23.69
N ASP B 300 -32.41 -31.44 23.11
CA ASP B 300 -33.75 -31.95 23.33
C ASP B 300 -33.90 -33.38 22.83
N GLU B 301 -33.31 -33.70 21.66
CA GLU B 301 -33.39 -35.05 21.13
C GLU B 301 -32.73 -36.04 22.08
N VAL B 302 -31.60 -35.64 22.69
CA VAL B 302 -30.93 -36.50 23.66
C VAL B 302 -31.77 -36.66 24.93
N ARG B 303 -32.38 -35.57 25.43
CA ARG B 303 -33.28 -35.69 26.57
C ARG B 303 -34.39 -36.69 26.30
N VAL B 304 -35.03 -36.58 25.14
CA VAL B 304 -36.14 -37.48 24.82
C VAL B 304 -35.67 -38.93 24.80
N ALA B 305 -34.56 -39.20 24.10
CA ALA B 305 -34.09 -40.58 23.97
C ALA B 305 -33.72 -41.16 25.33
N CYS B 306 -33.11 -40.36 26.21
CA CYS B 306 -32.67 -40.87 27.50
C CYS B 306 -33.82 -41.02 28.48
N ALA B 307 -35.00 -40.51 28.15
CA ALA B 307 -36.20 -40.75 28.95
C ALA B 307 -36.82 -42.10 28.64
N GLU B 308 -36.52 -42.67 27.47
CA GLU B 308 -37.06 -43.96 27.01
C GLU B 308 -36.30 -45.14 27.61
N GLN B 309 -34.98 -45.17 27.45
CA GLN B 309 -34.14 -46.24 27.96
C GLN B 309 -32.76 -45.67 28.20
N PRO B 310 -31.90 -46.34 28.96
CA PRO B 310 -30.51 -45.88 29.08
C PRO B 310 -29.82 -45.91 27.72
N MET B 311 -29.09 -44.84 27.41
CA MET B 311 -28.49 -44.65 26.09
C MET B 311 -27.00 -44.44 26.23
N SER B 312 -26.24 -45.15 25.42
CA SER B 312 -24.82 -44.82 25.27
C SER B 312 -24.68 -43.79 24.17
N ALA B 313 -23.46 -43.27 24.03
CA ALA B 313 -23.19 -42.37 22.93
C ALA B 313 -23.40 -43.05 21.58
N ALA B 314 -23.04 -44.35 21.49
CA ALA B 314 -23.25 -45.08 20.25
C ALA B 314 -24.73 -45.14 19.89
N ASP B 315 -25.60 -45.20 20.90
CA ASP B 315 -27.05 -45.16 20.67
C ASP B 315 -27.54 -43.78 20.23
N ILE B 316 -26.87 -42.71 20.66
CA ILE B 316 -27.31 -41.37 20.29
C ILE B 316 -26.88 -41.04 18.85
N VAL B 317 -25.74 -41.59 18.38
CA VAL B 317 -25.24 -41.23 17.05
C VAL B 317 -26.27 -41.41 15.93
N PRO B 318 -26.99 -42.55 15.82
CA PRO B 318 -27.96 -42.67 14.74
C PRO B 318 -29.13 -41.71 14.88
N ILE B 319 -29.38 -41.21 16.10
CA ILE B 319 -30.41 -40.20 16.30
C ILE B 319 -29.88 -38.81 15.96
N MET B 320 -28.67 -38.50 16.45
CA MET B 320 -28.11 -37.17 16.24
C MET B 320 -27.75 -36.93 14.78
N PHE B 321 -27.30 -37.98 14.09
CA PHE B 321 -26.80 -37.92 12.72
C PHE B 321 -27.62 -38.83 11.81
N ARG B 322 -28.93 -38.56 11.74
CA ARG B 322 -29.93 -39.29 10.94
C ARG B 322 -29.44 -39.97 9.66
N ARG B 323 -29.48 -41.31 9.62
CA ARG B 323 -29.38 -42.10 8.38
C ARG B 323 -28.10 -41.81 7.60
N ARG B 324 -26.99 -41.68 8.32
CA ARG B 324 -25.73 -41.31 7.71
C ARG B 324 -24.73 -42.46 7.74
N GLU B 325 -23.96 -42.56 6.68
CA GLU B 325 -22.92 -43.58 6.55
C GLU B 325 -21.58 -42.94 6.91
N LEU B 326 -21.04 -43.30 8.07
CA LEU B 326 -19.85 -42.69 8.63
C LEU B 326 -18.69 -43.65 8.60
N ASP B 327 -17.54 -43.20 8.08
CA ASP B 327 -16.32 -43.98 8.17
C ASP B 327 -15.67 -43.75 9.55
N ILE B 328 -14.53 -44.40 9.78
CA ILE B 328 -13.98 -44.46 11.13
C ILE B 328 -13.52 -43.08 11.59
N HIS B 329 -12.99 -42.28 10.67
CA HIS B 329 -12.65 -40.91 11.02
C HIS B 329 -13.91 -40.12 11.37
N GLN B 330 -14.96 -40.26 10.54
CA GLN B 330 -16.21 -39.54 10.79
C GLN B 330 -16.89 -40.01 12.06
N MET B 331 -16.93 -41.33 12.27
CA MET B 331 -17.58 -41.87 13.45
C MET B 331 -16.91 -41.41 14.73
N THR B 332 -15.60 -41.16 14.67
CA THR B 332 -14.84 -40.71 15.83
C THR B 332 -15.37 -39.39 16.36
N PHE B 333 -15.60 -38.44 15.46
CA PHE B 333 -16.06 -37.11 15.85
C PHE B 333 -17.56 -37.10 16.11
N ALA B 334 -18.31 -37.94 15.41
CA ALA B 334 -19.73 -38.09 15.70
C ALA B 334 -19.92 -38.63 17.12
N LEU B 335 -19.16 -39.65 17.47
CA LEU B 335 -19.23 -40.26 18.80
C LEU B 335 -18.82 -39.27 19.88
N GLY B 336 -17.73 -38.54 19.66
CA GLY B 336 -17.31 -37.52 20.62
C GLY B 336 -18.33 -36.42 20.81
N GLU B 337 -19.04 -36.05 19.74
CA GLU B 337 -20.05 -35.03 19.89
C GLU B 337 -21.26 -35.56 20.65
N ALA B 338 -21.61 -36.82 20.44
CA ALA B 338 -22.70 -37.39 21.20
C ALA B 338 -22.35 -37.39 22.68
N ILE B 339 -21.11 -37.77 23.02
CA ILE B 339 -20.63 -37.72 24.41
C ILE B 339 -20.68 -36.30 24.95
N ALA B 340 -20.31 -35.31 24.12
CA ALA B 340 -20.39 -33.92 24.56
C ALA B 340 -21.81 -33.55 24.98
N HIS B 341 -22.82 -33.97 24.21
CA HIS B 341 -24.20 -33.63 24.54
C HIS B 341 -24.66 -34.41 25.75
N LEU B 342 -24.27 -35.67 25.84
CA LEU B 342 -24.62 -36.42 27.03
C LEU B 342 -23.99 -35.82 28.27
N ASN B 343 -22.69 -35.46 28.18
CA ASN B 343 -21.97 -34.94 29.36
C ASN B 343 -22.60 -33.65 29.84
N LEU B 344 -22.98 -32.76 28.90
CA LEU B 344 -23.59 -31.50 29.30
C LEU B 344 -24.82 -31.74 30.17
N LEU B 345 -25.70 -32.62 29.71
CA LEU B 345 -26.93 -32.90 30.44
C LEU B 345 -26.65 -33.61 31.77
N TRP B 346 -25.69 -34.53 31.77
CA TRP B 346 -25.29 -35.23 32.98
C TRP B 346 -24.76 -34.25 34.03
N LEU B 347 -23.74 -33.47 33.66
CA LEU B 347 -23.10 -32.57 34.61
C LEU B 347 -24.07 -31.51 35.12
N ALA B 348 -25.11 -31.19 34.35
CA ALA B 348 -26.14 -30.27 34.81
C ALA B 348 -27.18 -30.93 35.72
N GLY B 349 -27.11 -32.24 35.91
CA GLY B 349 -28.05 -32.96 36.74
C GLY B 349 -29.28 -33.49 36.04
N GLU B 350 -29.46 -33.25 34.75
CA GLU B 350 -30.64 -33.78 34.09
C GLU B 350 -30.50 -35.25 33.75
N LEU B 351 -29.29 -35.78 33.72
CA LEU B 351 -29.09 -37.20 33.43
C LEU B 351 -28.30 -37.84 34.54
N VAL B 352 -28.44 -39.17 34.64
CA VAL B 352 -27.70 -40.01 35.57
C VAL B 352 -26.86 -40.99 34.74
N ARG B 353 -25.57 -41.12 35.07
CA ARG B 353 -24.65 -41.94 34.32
C ARG B 353 -24.36 -43.22 35.09
N GLU B 354 -24.50 -44.38 34.42
CA GLU B 354 -24.24 -45.69 35.01
C GLU B 354 -23.43 -46.54 34.03
N GLN B 355 -22.45 -47.29 34.55
CA GLN B 355 -21.69 -48.23 33.75
C GLN B 355 -22.27 -49.62 33.89
N GLY B 356 -22.67 -50.22 32.78
CA GLY B 356 -23.25 -51.54 32.79
C GLY B 356 -22.23 -52.64 32.82
N ASP B 357 -22.73 -53.86 33.00
CA ASP B 357 -21.88 -55.05 33.12
C ASP B 357 -21.01 -55.27 31.89
N ASP B 358 -21.37 -54.67 30.75
CA ASP B 358 -20.57 -54.76 29.53
C ASP B 358 -19.49 -53.66 29.46
N GLY B 359 -19.33 -52.90 30.54
CA GLY B 359 -18.37 -51.82 30.59
C GLY B 359 -18.79 -50.54 29.89
N VAL B 360 -20.01 -50.48 29.35
CA VAL B 360 -20.46 -49.32 28.59
C VAL B 360 -21.17 -48.34 29.51
N LEU B 361 -20.85 -47.05 29.32
CA LEU B 361 -21.51 -45.98 30.04
C LEU B 361 -22.83 -45.65 29.36
N ARG B 362 -23.90 -45.55 30.14
CA ARG B 362 -25.21 -45.22 29.62
C ARG B 362 -25.83 -44.14 30.48
N PHE B 363 -26.70 -43.35 29.87
CA PHE B 363 -27.32 -42.20 30.51
C PHE B 363 -28.83 -42.34 30.45
N ARG B 364 -29.50 -41.98 31.54
CA ARG B 364 -30.96 -41.95 31.60
C ARG B 364 -31.40 -40.70 32.36
N ILE B 365 -32.63 -40.25 32.14
CA ILE B 365 -33.03 -39.00 32.78
C ILE B 365 -33.07 -39.17 34.30
N ALA B 366 -32.72 -38.10 35.01
CA ALA B 366 -32.82 -38.09 36.45
C ALA B 366 -34.29 -37.98 36.87
N ARG B 367 -34.73 -38.89 37.73
CA ARG B 367 -36.13 -38.92 38.15
C ARG B 367 -36.42 -38.01 39.33
N HIS C 6 24.53 28.32 -9.89
CA HIS C 6 24.49 29.24 -11.03
C HIS C 6 23.27 30.16 -10.95
N HIS C 7 22.49 30.01 -9.88
CA HIS C 7 21.28 30.79 -9.66
C HIS C 7 21.59 32.11 -8.98
N HIS C 8 20.61 33.02 -9.03
CA HIS C 8 20.70 34.31 -8.36
C HIS C 8 19.85 34.23 -7.08
N MET C 9 20.50 34.33 -5.92
CA MET C 9 19.79 34.19 -4.65
C MET C 9 19.09 35.47 -4.25
N ASN C 10 17.92 35.33 -3.64
CA ASN C 10 17.11 36.45 -3.19
C ASN C 10 17.60 36.92 -1.82
N ALA C 11 18.26 38.08 -1.78
CA ALA C 11 18.74 38.64 -0.52
C ALA C 11 17.63 39.31 0.28
N LEU C 12 16.49 39.61 -0.35
CA LEU C 12 15.35 40.19 0.33
C LEU C 12 14.32 39.13 0.69
N GLU C 13 14.78 37.90 0.95
CA GLU C 13 13.89 36.80 1.31
C GLU C 13 13.11 37.09 2.60
N HIS C 14 13.68 37.90 3.50
CA HIS C 14 13.00 38.28 4.74
C HIS C 14 11.76 39.13 4.49
N GLN C 15 11.62 39.72 3.29
CA GLN C 15 10.44 40.50 2.94
C GLN C 15 9.25 39.64 2.56
N LEU C 16 9.42 38.33 2.48
CA LEU C 16 8.33 37.39 2.25
C LEU C 16 7.85 36.81 3.57
N ASP C 17 6.66 36.24 3.55
CA ASP C 17 6.07 35.60 4.70
C ASP C 17 5.98 34.11 4.44
N TYR C 18 6.66 33.32 5.26
CA TYR C 18 6.61 31.87 5.13
C TYR C 18 5.61 31.37 6.16
N PRO C 19 4.38 31.07 5.77
CA PRO C 19 3.35 30.71 6.77
C PRO C 19 3.70 29.46 7.59
N PHE C 20 4.64 28.63 7.16
CA PHE C 20 5.05 27.48 7.96
C PHE C 20 6.49 27.56 8.43
N ALA C 21 7.11 28.74 8.33
CA ALA C 21 8.45 29.00 8.85
C ALA C 21 9.44 28.02 8.23
N ASP C 22 10.15 27.22 9.02
CA ASP C 22 11.16 26.31 8.52
C ASP C 22 10.67 24.87 8.47
N THR C 23 9.37 24.66 8.61
CA THR C 23 8.80 23.33 8.42
C THR C 23 9.01 22.85 6.98
N LEU C 24 9.45 21.58 6.86
CA LEU C 24 9.66 20.93 5.60
C LEU C 24 9.15 19.50 5.75
N PRO C 25 8.35 19.01 4.81
CA PRO C 25 7.98 17.59 4.86
C PRO C 25 9.22 16.74 4.62
N ALA C 26 9.38 15.71 5.45
CA ALA C 26 10.47 14.77 5.26
C ALA C 26 10.26 13.98 3.99
N ALA C 27 11.37 13.52 3.42
CA ALA C 27 11.30 12.61 2.29
C ALA C 27 10.39 11.44 2.62
N GLY C 28 9.45 11.15 1.72
CA GLY C 28 8.51 10.07 1.92
C GLY C 28 7.29 10.42 2.74
N ASP C 29 7.12 11.67 3.14
CA ASP C 29 6.01 12.12 3.97
C ASP C 29 5.28 13.26 3.26
N THR C 30 4.14 13.69 3.80
CA THR C 30 3.44 14.85 3.27
C THR C 30 3.14 15.84 4.37
N PHE C 31 2.89 17.08 3.96
CA PHE C 31 2.49 18.14 4.87
C PHE C 31 1.34 18.91 4.22
N GLU C 32 0.27 19.12 4.97
CA GLU C 32 -0.94 19.74 4.42
C GLU C 32 -0.79 21.26 4.45
N VAL C 33 -0.74 21.90 3.26
CA VAL C 33 -0.64 23.36 3.19
C VAL C 33 -2.00 24.04 2.99
N ALA C 34 -3.02 23.31 2.58
CA ALA C 34 -4.38 23.82 2.49
C ALA C 34 -5.30 22.61 2.49
N PRO C 35 -6.59 22.78 2.81
CA PRO C 35 -7.47 21.60 2.88
C PRO C 35 -7.47 20.87 1.54
N GLY C 36 -7.03 19.60 1.57
CA GLY C 36 -6.95 18.81 0.36
C GLY C 36 -5.77 19.09 -0.53
N VAL C 37 -4.73 19.76 -0.02
CA VAL C 37 -3.55 20.13 -0.78
C VAL C 37 -2.32 19.77 0.04
N ARG C 38 -1.61 18.73 -0.39
CA ARG C 38 -0.47 18.23 0.37
C ARG C 38 0.84 18.53 -0.35
N TRP C 39 1.86 18.81 0.46
CA TRP C 39 3.18 19.21 0.01
C TRP C 39 4.15 18.04 0.20
N LEU C 40 4.86 17.65 -0.86
CA LEU C 40 5.92 16.66 -0.84
C LEU C 40 7.21 17.30 -1.34
N ARG C 41 8.33 16.85 -0.80
CA ARG C 41 9.63 17.39 -1.17
C ARG C 41 10.56 16.24 -1.53
N MET C 42 11.03 16.24 -2.77
CA MET C 42 11.91 15.19 -3.22
C MET C 42 13.35 15.70 -3.28
N PRO C 43 14.32 14.83 -3.04
CA PRO C 43 15.72 15.25 -3.20
C PRO C 43 16.18 15.24 -4.65
N LEU C 44 17.12 16.16 -4.93
CA LEU C 44 17.75 16.31 -6.23
C LEU C 44 19.27 16.34 -6.07
N PRO C 45 20.00 15.72 -7.00
CA PRO C 45 21.46 15.64 -6.84
C PRO C 45 22.21 16.79 -7.50
N PHE C 46 21.62 17.98 -7.53
CA PHE C 46 22.26 19.16 -8.12
C PHE C 46 22.48 20.23 -7.06
N SER C 47 22.92 21.41 -7.51
CA SER C 47 23.06 22.54 -6.61
C SER C 47 21.71 22.96 -6.04
N LEU C 48 20.65 22.84 -6.83
CA LEU C 48 19.28 22.94 -6.34
C LEU C 48 18.87 21.54 -5.86
N ASP C 49 18.82 21.34 -4.55
CA ASP C 49 18.82 19.99 -4.00
C ASP C 49 17.43 19.40 -3.78
N HIS C 50 16.38 20.01 -4.33
CA HIS C 50 15.06 19.52 -4.00
C HIS C 50 14.06 20.04 -5.01
N ILE C 51 12.93 19.33 -5.13
CA ILE C 51 11.78 19.84 -5.86
C ILE C 51 10.55 19.52 -5.01
N ASN C 52 9.60 20.45 -4.99
CA ASN C 52 8.34 20.26 -4.30
C ASN C 52 7.31 19.74 -5.28
N LEU C 53 6.64 18.66 -4.92
CA LEU C 53 5.51 18.16 -5.69
C LEU C 53 4.26 18.29 -4.84
N TRP C 54 3.09 18.22 -5.51
CA TRP C 54 1.82 18.52 -4.89
C TRP C 54 0.87 17.35 -5.07
N LEU C 55 0.19 16.96 -3.98
CA LEU C 55 -0.89 15.97 -3.97
C LEU C 55 -2.20 16.68 -3.66
N LEU C 56 -3.19 16.55 -4.55
CA LEU C 56 -4.46 17.26 -4.40
C LEU C 56 -5.59 16.25 -4.26
N ARG C 57 -6.28 16.27 -3.12
CA ARG C 57 -7.42 15.39 -2.94
C ARG C 57 -8.46 15.66 -4.02
N ASP C 58 -9.04 14.59 -4.57
CA ASP C 58 -9.78 14.72 -5.80
C ASP C 58 -10.73 13.55 -5.91
N GLU C 59 -11.67 13.66 -6.84
CA GLU C 59 -12.59 12.57 -7.13
C GLU C 59 -13.06 12.70 -8.57
N ILE C 60 -12.78 11.67 -9.38
CA ILE C 60 -13.11 11.66 -10.79
C ILE C 60 -14.03 10.47 -11.06
N ASP C 61 -15.23 10.74 -11.55
CA ASP C 61 -16.18 9.71 -11.96
C ASP C 61 -16.50 8.75 -10.80
N GLY C 62 -16.64 9.30 -9.59
CA GLY C 62 -16.98 8.48 -8.46
C GLY C 62 -15.83 7.74 -7.81
N GLN C 63 -14.61 7.80 -8.38
CA GLN C 63 -13.46 7.14 -7.78
C GLN C 63 -12.69 8.18 -6.99
N ALA C 64 -12.69 8.05 -5.66
CA ALA C 64 -11.97 8.98 -4.82
C ALA C 64 -10.47 8.74 -4.92
N GLY C 65 -9.69 9.82 -4.94
CA GLY C 65 -8.26 9.68 -5.06
C GLY C 65 -7.47 10.96 -5.07
N TRP C 66 -6.40 10.98 -5.87
CA TRP C 66 -5.42 12.06 -5.85
C TRP C 66 -4.99 12.47 -7.25
N THR C 67 -4.91 13.78 -7.47
CA THR C 67 -4.26 14.36 -8.64
C THR C 67 -2.88 14.84 -8.23
N VAL C 68 -1.86 14.35 -8.94
CA VAL C 68 -0.47 14.73 -8.67
C VAL C 68 -0.10 15.90 -9.57
N VAL C 69 0.64 16.85 -9.02
CA VAL C 69 1.25 17.92 -9.80
C VAL C 69 2.75 17.73 -9.69
N ASP C 70 3.36 17.32 -10.81
CA ASP C 70 4.80 17.13 -11.01
C ASP C 70 5.36 15.89 -10.33
N CYS C 71 6.55 15.46 -10.76
CA CYS C 71 6.93 14.06 -10.66
C CYS C 71 8.31 13.77 -10.08
N GLY C 72 9.27 14.66 -10.30
CA GLY C 72 10.65 14.36 -9.99
C GLY C 72 11.44 13.82 -11.18
N ILE C 73 12.77 13.87 -11.06
CA ILE C 73 13.62 13.13 -11.98
C ILE C 73 13.49 11.64 -11.69
N ALA C 74 13.94 10.83 -12.64
CA ALA C 74 13.89 9.37 -12.49
C ALA C 74 15.10 8.87 -11.71
N SER C 75 15.05 9.01 -10.38
CA SER C 75 16.06 8.42 -9.53
C SER C 75 15.45 7.30 -8.69
N ASP C 76 16.30 6.38 -8.26
CA ASP C 76 15.85 5.35 -7.34
C ASP C 76 15.38 6.00 -6.04
N ALA C 77 16.10 7.03 -5.60
CA ALA C 77 15.69 7.75 -4.41
C ALA C 77 14.25 8.24 -4.53
N ILE C 78 13.92 8.91 -5.64
CA ILE C 78 12.58 9.50 -5.73
C ILE C 78 11.52 8.42 -5.93
N ARG C 79 11.77 7.44 -6.78
CA ARG C 79 10.85 6.30 -6.89
CA ARG C 79 10.84 6.31 -6.89
C ARG C 79 10.56 5.71 -5.52
N THR C 80 11.60 5.57 -4.69
CA THR C 80 11.43 4.96 -3.37
C THR C 80 10.52 5.79 -2.47
N HIS C 81 10.76 7.11 -2.42
CA HIS C 81 9.93 7.98 -1.58
C HIS C 81 8.48 8.02 -2.07
N TRP C 82 8.27 7.91 -3.38
CA TRP C 82 6.92 7.85 -3.93
C TRP C 82 6.17 6.61 -3.43
N GLU C 83 6.83 5.46 -3.48
CA GLU C 83 6.20 4.22 -3.03
C GLU C 83 5.83 4.30 -1.55
N GLN C 84 6.71 4.88 -0.73
CA GLN C 84 6.39 5.19 0.65
C GLN C 84 5.11 6.02 0.73
N ILE C 85 4.97 7.01 -0.16
CA ILE C 85 3.76 7.82 -0.18
C ILE C 85 2.56 6.99 -0.63
N PHE C 86 2.74 6.18 -1.68
CA PHE C 86 1.68 5.28 -2.12
C PHE C 86 1.22 4.38 -0.99
N ASP C 87 2.16 3.83 -0.24
CA ASP C 87 1.81 2.86 0.81
C ASP C 87 1.09 3.53 1.99
N ALA C 88 1.52 4.71 2.39
CA ALA C 88 1.15 5.24 3.70
C ALA C 88 0.30 6.49 3.68
N HIS C 89 0.45 7.37 2.70
CA HIS C 89 -0.07 8.72 2.82
C HIS C 89 -1.12 9.05 1.76
N LEU C 90 -1.67 8.04 1.08
CA LEU C 90 -2.76 8.23 0.14
C LEU C 90 -4.09 7.71 0.65
N ASP C 91 -4.16 7.33 1.94
CA ASP C 91 -5.36 6.70 2.50
C ASP C 91 -5.76 5.47 1.71
N GLY C 92 -4.78 4.80 1.10
CA GLY C 92 -5.11 3.67 0.25
C GLY C 92 -5.88 4.00 -1.01
N LEU C 93 -5.98 5.29 -1.40
CA LEU C 93 -6.69 5.64 -2.62
C LEU C 93 -5.70 5.79 -3.76
N PRO C 94 -6.13 5.58 -5.00
CA PRO C 94 -5.20 5.66 -6.13
C PRO C 94 -4.95 7.10 -6.58
N VAL C 95 -3.89 7.25 -7.38
CA VAL C 95 -3.73 8.45 -8.18
C VAL C 95 -4.72 8.39 -9.33
N LEU C 96 -5.32 9.55 -9.65
CA LEU C 96 -6.32 9.62 -10.72
C LEU C 96 -5.77 10.20 -12.01
N ARG C 97 -4.75 11.07 -11.94
CA ARG C 97 -4.14 11.70 -13.09
C ARG C 97 -2.89 12.43 -12.63
N VAL C 98 -2.02 12.74 -13.59
CA VAL C 98 -0.77 13.43 -13.34
C VAL C 98 -0.75 14.69 -14.20
N ILE C 99 -0.60 15.85 -13.56
CA ILE C 99 -0.42 17.12 -14.25
C ILE C 99 1.04 17.50 -14.16
N VAL C 100 1.61 17.97 -15.29
CA VAL C 100 3.01 18.40 -15.34
C VAL C 100 3.05 19.85 -15.80
N THR C 101 3.72 20.69 -15.00
CA THR C 101 3.71 22.13 -15.25
C THR C 101 4.58 22.48 -16.44
N HIS C 102 5.72 21.82 -16.60
CA HIS C 102 6.54 22.03 -17.79
C HIS C 102 7.51 20.86 -17.94
N CYS C 103 8.24 20.85 -19.08
CA CYS C 103 8.99 19.69 -19.57
C CYS C 103 10.32 19.46 -18.86
N HIS C 104 10.73 20.32 -17.95
CA HIS C 104 12.06 20.18 -17.39
C HIS C 104 12.19 18.94 -16.51
N PRO C 105 13.38 18.33 -16.49
CA PRO C 105 13.51 16.94 -16.01
C PRO C 105 13.05 16.71 -14.58
N ASP C 106 13.20 17.70 -13.71
CA ASP C 106 12.77 17.52 -12.32
C ASP C 106 11.26 17.52 -12.18
N HIS C 107 10.53 18.02 -13.19
CA HIS C 107 9.07 18.04 -13.16
C HIS C 107 8.44 16.87 -13.90
N PHE C 108 9.13 16.35 -14.91
CA PHE C 108 8.60 15.48 -15.94
C PHE C 108 9.23 14.09 -15.94
N GLY C 109 10.35 13.91 -15.23
CA GLY C 109 11.15 12.70 -15.39
C GLY C 109 10.41 11.43 -15.06
N LEU C 110 9.56 11.47 -14.05
CA LEU C 110 8.82 10.29 -13.63
C LEU C 110 7.34 10.33 -14.03
N ALA C 111 6.97 11.19 -14.98
CA ALA C 111 5.56 11.25 -15.38
C ALA C 111 5.08 9.90 -15.90
N ASN C 112 5.89 9.24 -16.72
CA ASN C 112 5.48 7.95 -17.28
C ASN C 112 5.44 6.85 -16.22
N TRP C 113 6.46 6.82 -15.36
CA TRP C 113 6.47 5.83 -14.29
C TRP C 113 5.22 5.96 -13.41
N LEU C 114 4.83 7.20 -13.11
CA LEU C 114 3.60 7.46 -12.35
C LEU C 114 2.36 7.05 -13.13
N CYS C 115 2.28 7.46 -14.41
CA CYS C 115 1.12 7.14 -15.21
C CYS C 115 0.93 5.63 -15.33
N GLU C 116 2.02 4.87 -15.27
CA GLU C 116 1.95 3.43 -15.31
C GLU C 116 1.82 2.83 -13.90
N GLY C 117 1.65 3.67 -12.87
CA GLY C 117 1.28 3.17 -11.56
C GLY C 117 2.41 2.88 -10.60
N GLY C 118 3.59 3.44 -10.80
CA GLY C 118 4.68 3.17 -9.91
C GLY C 118 5.20 1.73 -10.05
N ASP C 119 6.06 1.36 -9.10
CA ASP C 119 6.75 0.07 -9.20
C ASP C 119 5.80 -1.12 -9.21
N LYS C 120 4.60 -0.97 -8.64
CA LYS C 120 3.64 -2.07 -8.59
C LYS C 120 2.50 -1.92 -9.60
N ARG C 121 2.58 -0.96 -10.52
CA ARG C 121 1.56 -0.74 -11.54
C ARG C 121 0.15 -0.72 -10.92
N ARG C 122 -0.03 0.19 -9.96
CA ARG C 122 -1.24 0.23 -9.15
C ARG C 122 -2.43 0.84 -9.88
N TRP C 123 -2.19 1.53 -10.99
CA TRP C 123 -3.22 2.25 -11.74
C TRP C 123 -2.64 2.59 -13.09
N ASN C 124 -3.50 3.08 -13.99
CA ASN C 124 -3.06 3.61 -15.27
C ASN C 124 -3.85 4.86 -15.59
N VAL C 125 -3.18 6.01 -15.54
CA VAL C 125 -3.88 7.28 -15.61
C VAL C 125 -3.20 8.16 -16.64
N ARG C 126 -3.87 9.27 -16.95
CA ARG C 126 -3.54 10.15 -18.05
C ARG C 126 -2.67 11.32 -17.57
N LEU C 127 -1.69 11.68 -18.41
CA LEU C 127 -0.90 12.89 -18.25
C LEU C 127 -1.63 14.11 -18.78
N TRP C 128 -1.69 15.17 -17.97
CA TRP C 128 -2.22 16.47 -18.35
C TRP C 128 -1.07 17.47 -18.46
N MET C 129 -1.00 18.16 -19.60
CA MET C 129 0.19 18.94 -19.94
C MET C 129 -0.17 19.92 -21.05
N THR C 130 0.56 21.02 -21.14
CA THR C 130 0.36 21.89 -22.30
C THR C 130 1.02 21.30 -23.55
N LEU C 131 0.51 21.69 -24.72
CA LEU C 131 1.03 21.10 -25.97
C LEU C 131 2.51 21.45 -26.17
N GLY C 132 2.89 22.70 -25.94
CA GLY C 132 4.26 23.11 -26.16
C GLY C 132 5.26 22.39 -25.27
N GLU C 133 4.90 22.18 -23.99
CA GLU C 133 5.78 21.48 -23.04
C GLU C 133 5.86 20.00 -23.35
N TYR C 134 4.73 19.38 -23.69
CA TYR C 134 4.73 17.96 -24.02
C TYR C 134 5.52 17.68 -25.30
N MET C 135 5.32 18.48 -26.35
CA MET C 135 6.06 18.28 -27.59
C MET C 135 7.56 18.48 -27.37
N PHE C 136 7.92 19.56 -26.69
CA PHE C 136 9.34 19.83 -26.49
C PHE C 136 9.99 18.74 -25.64
N GLY C 137 9.25 18.22 -24.65
CA GLY C 137 9.78 17.11 -23.86
C GLY C 137 9.98 15.87 -24.69
N CYS C 138 8.99 15.52 -25.53
CA CYS C 138 9.15 14.39 -26.45
C CYS C 138 10.37 14.57 -27.33
N LEU C 139 10.54 15.76 -27.89
CA LEU C 139 11.67 16.02 -28.78
C LEU C 139 13.00 15.86 -28.04
N MET C 140 13.13 16.48 -26.87
CA MET C 140 14.39 16.39 -26.13
C MET C 140 14.64 14.96 -25.64
N ALA C 141 13.58 14.21 -25.32
CA ALA C 141 13.77 12.81 -24.95
C ALA C 141 14.05 11.92 -26.15
N ALA C 142 13.95 12.43 -27.37
CA ALA C 142 14.21 11.66 -28.59
C ALA C 142 15.50 12.11 -29.29
N GLY C 150 25.55 18.93 -28.16
CA GLY C 150 25.89 18.51 -29.52
C GLY C 150 26.66 19.58 -30.26
N ALA C 151 26.87 19.37 -31.56
CA ALA C 151 27.61 20.34 -32.38
C ALA C 151 26.81 21.63 -32.57
N ALA C 152 25.49 21.54 -32.67
CA ALA C 152 24.66 22.73 -32.80
C ALA C 152 24.81 23.62 -31.57
N ALA C 153 24.85 23.01 -30.38
CA ALA C 153 25.00 23.78 -29.14
C ALA C 153 26.36 24.46 -29.07
N ALA C 154 27.41 23.76 -29.47
CA ALA C 154 28.74 24.34 -29.43
C ALA C 154 28.89 25.48 -30.43
N ASP C 155 28.32 25.35 -31.63
CA ASP C 155 28.42 26.44 -32.60
C ASP C 155 27.66 27.68 -32.10
N HIS C 156 26.53 27.46 -31.43
CA HIS C 156 25.77 28.56 -30.84
C HIS C 156 26.59 29.35 -29.85
N PHE C 157 27.23 28.65 -28.90
CA PHE C 157 28.01 29.32 -27.86
C PHE C 157 29.28 29.95 -28.39
N ALA C 158 29.86 29.38 -29.46
CA ALA C 158 31.03 29.99 -30.10
C ALA C 158 30.67 31.34 -30.68
N ARG C 159 29.49 31.46 -31.29
CA ARG C 159 29.06 32.74 -31.82
C ARG C 159 28.81 33.75 -30.72
N HIS C 160 28.67 33.32 -29.47
CA HIS C 160 28.48 34.23 -28.36
C HIS C 160 29.70 34.31 -27.44
N GLY C 161 30.87 33.85 -27.91
CA GLY C 161 32.11 34.13 -27.22
C GLY C 161 32.81 32.98 -26.53
N LEU C 162 32.24 31.77 -26.50
CA LEU C 162 32.91 30.62 -25.87
C LEU C 162 34.01 30.11 -26.79
N THR C 163 35.27 30.36 -26.42
CA THR C 163 36.41 30.05 -27.26
C THR C 163 37.34 28.95 -26.75
N ASP C 164 37.20 28.51 -25.50
CA ASP C 164 38.03 27.41 -25.01
C ASP C 164 37.81 26.16 -25.86
N ALA C 165 38.81 25.82 -26.68
CA ALA C 165 38.65 24.72 -27.64
C ALA C 165 38.34 23.40 -26.92
N ALA C 166 38.98 23.18 -25.76
CA ALA C 166 38.69 21.98 -25.00
C ALA C 166 37.23 21.96 -24.56
N SER C 167 36.73 23.11 -24.11
CA SER C 167 35.33 23.21 -23.71
C SER C 167 34.41 23.07 -24.91
N LEU C 168 34.78 23.70 -26.04
CA LEU C 168 33.96 23.63 -27.25
C LEU C 168 33.83 22.20 -27.75
N GLU C 169 34.90 21.41 -27.65
CA GLU C 169 34.83 20.00 -27.99
C GLU C 169 33.97 19.23 -26.99
N LYS C 170 34.08 19.56 -25.69
CA LYS C 170 33.27 18.89 -24.68
C LYS C 170 31.78 19.09 -24.93
N LEU C 171 31.37 20.31 -25.32
CA LEU C 171 29.97 20.52 -25.63
C LEU C 171 29.56 19.71 -26.86
N ARG C 172 30.44 19.61 -27.86
CA ARG C 172 30.13 18.80 -29.03
C ARG C 172 30.11 17.31 -28.69
N ASN C 173 31.06 16.85 -27.88
CA ASN C 173 31.15 15.42 -27.55
C ASN C 173 30.24 14.99 -26.40
N ARG C 174 29.78 15.89 -25.53
CA ARG C 174 29.07 15.47 -24.32
C ARG C 174 27.67 14.97 -24.66
N ARG C 175 27.34 13.77 -24.16
CA ARG C 175 26.01 13.18 -24.38
C ARG C 175 24.93 14.03 -23.73
N SER C 176 23.67 13.59 -23.82
CA SER C 176 22.53 14.39 -23.40
C SER C 176 22.17 14.14 -21.94
N TYR C 177 22.09 15.22 -21.17
CA TYR C 177 21.63 15.16 -19.79
C TYR C 177 20.16 14.76 -19.69
N TYR C 178 19.33 15.18 -20.66
CA TYR C 178 17.87 15.05 -20.53
C TYR C 178 17.42 13.60 -20.55
N SER C 179 17.97 12.78 -21.44
CA SER C 179 17.48 11.41 -21.61
C SER C 179 17.72 10.54 -20.38
N ASP C 180 18.82 10.78 -19.65
CA ASP C 180 19.07 9.99 -18.43
C ASP C 180 18.06 10.35 -17.34
N LEU C 181 17.65 11.61 -17.28
CA LEU C 181 16.69 12.06 -16.26
C LEU C 181 15.24 11.77 -16.65
N VAL C 182 14.93 11.81 -17.95
CA VAL C 182 13.60 11.52 -18.48
C VAL C 182 13.71 10.30 -19.38
N PRO C 183 13.79 9.10 -18.82
CA PRO C 183 14.06 7.91 -19.65
C PRO C 183 12.88 7.52 -20.53
N ALA C 184 11.67 7.95 -20.17
CA ALA C 184 10.47 7.62 -20.93
C ALA C 184 9.49 8.78 -20.81
N VAL C 185 8.57 8.82 -21.76
CA VAL C 185 7.56 9.88 -21.88
C VAL C 185 6.22 9.17 -22.10
N PRO C 186 5.12 9.63 -21.53
CA PRO C 186 3.83 8.98 -21.81
C PRO C 186 3.49 9.10 -23.29
N PRO C 187 2.89 8.06 -23.89
CA PRO C 187 2.58 8.12 -25.32
C PRO C 187 1.32 8.89 -25.66
N ARG C 188 0.56 9.34 -24.67
CA ARG C 188 -0.65 10.13 -24.90
C ARG C 188 -0.72 11.21 -23.82
N TYR C 189 -1.49 12.25 -24.09
CA TYR C 189 -1.66 13.29 -23.10
C TYR C 189 -3.02 13.96 -23.25
N ARG C 190 -3.43 14.66 -22.18
CA ARG C 190 -4.59 15.54 -22.16
C ARG C 190 -4.10 16.99 -22.11
N ARG C 191 -4.49 17.78 -23.11
CA ARG C 191 -3.92 19.11 -23.34
C ARG C 191 -4.57 20.16 -22.45
N LEU C 192 -3.74 20.89 -21.71
CA LEU C 192 -4.13 22.09 -20.98
C LEU C 192 -3.79 23.34 -21.79
N ARG C 193 -4.68 24.33 -21.75
CA ARG C 193 -4.43 25.60 -22.40
CA ARG C 193 -4.53 25.60 -22.43
C ARG C 193 -4.78 26.73 -21.45
N ASP C 194 -4.16 27.88 -21.70
CA ASP C 194 -4.39 29.07 -20.89
C ASP C 194 -5.88 29.31 -20.71
N GLY C 195 -6.29 29.53 -19.46
CA GLY C 195 -7.70 29.77 -19.16
C GLY C 195 -8.51 28.52 -18.88
N ASP C 196 -7.99 27.32 -19.17
CA ASP C 196 -8.73 26.10 -18.92
C ASP C 196 -9.06 25.99 -17.43
N ALA C 197 -10.25 25.49 -17.15
CA ALA C 197 -10.71 25.20 -15.80
C ALA C 197 -10.44 23.74 -15.52
N VAL C 198 -9.69 23.47 -14.46
CA VAL C 198 -9.43 22.11 -14.00
C VAL C 198 -10.08 21.97 -12.64
N THR C 199 -11.12 21.15 -12.56
CA THR C 199 -11.80 20.89 -11.29
C THR C 199 -11.08 19.81 -10.49
N ILE C 200 -10.60 20.16 -9.29
CA ILE C 200 -9.87 19.24 -8.42
C ILE C 200 -10.43 19.30 -7.00
N GLY C 201 -11.14 18.26 -6.57
CA GLY C 201 -11.73 18.29 -5.26
C GLY C 201 -12.73 19.43 -5.17
N THR C 202 -12.57 20.30 -4.18
CA THR C 202 -13.55 21.35 -3.96
C THR C 202 -13.24 22.62 -4.74
N ARG C 203 -12.20 22.62 -5.55
CA ARG C 203 -11.71 23.83 -6.19
C ARG C 203 -11.83 23.72 -7.71
N THR C 204 -11.90 24.90 -8.34
CA THR C 204 -11.67 25.07 -9.77
C THR C 204 -10.33 25.79 -9.93
N TRP C 205 -9.33 25.06 -10.41
CA TRP C 205 -8.04 25.65 -10.73
C TRP C 205 -8.05 26.14 -12.18
N ARG C 206 -7.46 27.30 -12.41
CA ARG C 206 -7.35 27.88 -13.75
C ARG C 206 -5.93 27.76 -14.24
N VAL C 207 -5.76 27.31 -15.49
CA VAL C 207 -4.45 27.30 -16.12
C VAL C 207 -4.02 28.73 -16.39
N VAL C 208 -2.81 29.08 -15.98
CA VAL C 208 -2.24 30.39 -16.25
C VAL C 208 -0.90 30.15 -16.92
N THR C 209 -0.84 30.38 -18.22
CA THR C 209 0.36 30.04 -18.95
C THR C 209 1.43 31.11 -18.77
N GLY C 210 2.68 30.66 -18.69
CA GLY C 210 3.81 31.55 -18.58
C GLY C 210 4.87 31.17 -19.59
N TYR C 211 5.58 32.17 -20.07
CA TYR C 211 6.55 32.04 -21.14
C TYR C 211 7.93 32.53 -20.70
N GLY C 212 8.92 32.17 -21.52
CA GLY C 212 10.26 32.64 -21.31
C GLY C 212 11.14 31.64 -20.62
N HIS C 213 10.60 30.95 -19.62
CA HIS C 213 11.39 29.93 -18.94
C HIS C 213 11.34 28.62 -19.71
N SER C 214 10.19 28.31 -20.29
CA SER C 214 9.96 27.06 -20.99
C SER C 214 8.85 27.33 -22.01
N PRO C 215 8.58 26.39 -22.92
CA PRO C 215 7.63 26.69 -24.04
C PRO C 215 6.26 27.23 -23.63
N GLU C 216 5.59 26.62 -22.66
CA GLU C 216 4.21 26.93 -22.35
C GLU C 216 3.91 26.54 -20.90
N HIS C 217 4.54 27.23 -19.95
CA HIS C 217 4.51 26.83 -18.55
C HIS C 217 3.10 26.89 -17.96
N CYS C 218 2.68 25.79 -17.34
CA CYS C 218 1.35 25.67 -16.77
C CYS C 218 1.44 25.90 -15.27
N ALA C 219 0.96 27.06 -14.82
CA ALA C 219 0.71 27.32 -13.42
C ALA C 219 -0.79 27.16 -13.15
N LEU C 220 -1.12 26.83 -11.89
CA LEU C 220 -2.51 26.59 -11.49
C LEU C 220 -2.95 27.59 -10.44
N HIS C 221 -4.09 28.24 -10.69
CA HIS C 221 -4.60 29.30 -9.82
C HIS C 221 -5.99 28.93 -9.30
N SER C 222 -6.15 28.90 -7.97
CA SER C 222 -7.46 28.75 -7.34
C SER C 222 -7.81 30.10 -6.73
N GLU C 223 -8.63 30.86 -7.44
CA GLU C 223 -8.86 32.25 -7.09
C GLU C 223 -9.75 32.36 -5.87
N ALA C 224 -10.72 31.46 -5.74
CA ALA C 224 -11.69 31.56 -4.66
C ALA C 224 -11.02 31.64 -3.30
N ASP C 225 -9.98 30.83 -3.08
CA ASP C 225 -9.28 30.82 -1.81
C ASP C 225 -7.84 31.31 -1.91
N GLY C 226 -7.40 31.77 -3.07
CA GLY C 226 -6.10 32.40 -3.15
C GLY C 226 -4.94 31.45 -2.98
N VAL C 227 -4.85 30.44 -3.86
CA VAL C 227 -3.70 29.54 -3.88
C VAL C 227 -3.15 29.49 -5.28
N LEU C 228 -1.82 29.54 -5.39
CA LEU C 228 -1.14 29.54 -6.68
C LEU C 228 -0.06 28.47 -6.66
N ILE C 229 -0.19 27.48 -7.54
CA ILE C 229 0.89 26.56 -7.83
C ILE C 229 1.69 27.19 -8.96
N SER C 230 2.79 27.83 -8.60
CA SER C 230 3.49 28.73 -9.49
C SER C 230 4.54 28.03 -10.35
N GLY C 231 4.70 26.73 -10.20
CA GLY C 231 5.73 26.03 -10.94
C GLY C 231 7.09 26.64 -10.67
N ASP C 232 7.83 26.89 -11.74
CA ASP C 232 9.12 27.56 -11.69
C ASP C 232 9.05 29.03 -12.03
N MET C 233 7.85 29.58 -12.28
CA MET C 233 7.69 30.96 -12.75
C MET C 233 7.86 32.00 -11.63
N VAL C 234 7.49 31.65 -10.38
CA VAL C 234 7.68 32.53 -9.22
C VAL C 234 8.26 31.69 -8.08
N LEU C 235 9.54 31.86 -7.78
CA LEU C 235 10.23 31.14 -6.75
C LEU C 235 10.71 32.12 -5.67
N PRO C 236 10.57 31.76 -4.38
CA PRO C 236 10.86 32.74 -3.32
C PRO C 236 12.34 33.03 -3.14
N ARG C 237 13.22 32.05 -3.34
CA ARG C 237 14.63 32.24 -2.98
C ARG C 237 15.54 32.44 -4.19
N ILE C 238 15.12 32.01 -5.39
CA ILE C 238 15.97 32.09 -6.58
C ILE C 238 15.23 32.74 -7.75
N SER C 239 16.01 33.21 -8.71
CA SER C 239 15.48 33.70 -9.97
C SER C 239 15.11 32.54 -10.89
N THR C 240 14.24 32.83 -11.85
CA THR C 240 13.81 31.84 -12.84
C THR C 240 14.74 31.90 -14.05
N ASN C 241 15.29 30.76 -14.43
CA ASN C 241 16.22 30.75 -15.55
C ASN C 241 15.52 31.20 -16.83
N VAL C 242 16.15 32.14 -17.54
CA VAL C 242 15.75 32.52 -18.89
C VAL C 242 17.01 32.42 -19.76
N SER C 243 16.99 31.53 -20.74
CA SER C 243 18.17 31.27 -21.55
C SER C 243 17.78 31.30 -23.02
N VAL C 244 18.72 31.70 -23.87
CA VAL C 244 18.59 31.59 -25.32
C VAL C 244 19.45 30.43 -25.80
N PHE C 245 18.83 29.49 -26.48
CA PHE C 245 19.54 28.31 -26.95
C PHE C 245 19.52 28.27 -28.48
N ASP C 246 20.26 27.31 -29.03
CA ASP C 246 20.54 27.27 -30.45
C ASP C 246 19.28 27.03 -31.28
N LEU C 247 18.27 26.38 -30.72
CA LEU C 247 17.07 26.06 -31.47
C LEU C 247 16.34 27.33 -31.91
N GLU C 248 16.36 28.34 -31.06
CA GLU C 248 15.69 29.61 -31.33
C GLU C 248 16.64 30.76 -31.00
N PRO C 249 17.65 31.00 -31.85
CA PRO C 249 18.72 31.94 -31.50
C PRO C 249 18.29 33.40 -31.43
N GLU C 250 17.19 33.78 -32.07
CA GLU C 250 16.68 35.14 -31.95
C GLU C 250 15.53 35.24 -30.94
N ALA C 251 15.41 34.26 -30.03
CA ALA C 251 14.34 34.26 -29.03
C ALA C 251 14.49 35.44 -28.09
N ASN C 252 13.37 35.87 -27.53
CA ASN C 252 13.34 36.93 -26.53
C ASN C 252 12.72 36.43 -25.23
N PRO C 253 13.30 35.40 -24.62
CA PRO C 253 12.64 34.80 -23.43
C PRO C 253 12.53 35.75 -22.24
N LEU C 254 13.47 36.68 -22.04
CA LEU C 254 13.33 37.58 -20.89
C LEU C 254 12.13 38.51 -21.05
N ALA C 255 11.94 39.08 -22.24
CA ALA C 255 10.73 39.87 -22.47
C ALA C 255 9.48 39.01 -22.28
N LEU C 256 9.49 37.79 -22.83
CA LEU C 256 8.37 36.88 -22.62
C LEU C 256 8.14 36.62 -21.13
N TYR C 257 9.23 36.44 -20.38
CA TYR C 257 9.10 36.17 -18.94
C TYR C 257 8.55 37.38 -18.18
N LEU C 258 9.16 38.55 -18.37
CA LEU C 258 8.70 39.75 -17.67
C LEU C 258 7.25 40.09 -17.97
N GLN C 259 6.77 39.83 -19.19
CA GLN C 259 5.36 40.08 -19.45
C GLN C 259 4.48 39.02 -18.77
N SER C 260 4.93 37.76 -18.74
CA SER C 260 4.14 36.71 -18.09
C SER C 260 3.99 36.97 -16.58
N LEU C 261 4.97 37.60 -15.94
CA LEU C 261 4.89 37.92 -14.52
C LEU C 261 3.70 38.82 -14.20
N GLY C 262 3.21 39.59 -15.18
CA GLY C 262 2.03 40.41 -14.99
C GLY C 262 0.78 39.63 -14.62
N ARG C 263 0.67 38.37 -15.07
CA ARG C 263 -0.48 37.54 -14.69
C ARG C 263 -0.56 37.32 -13.19
N TYR C 264 0.57 37.24 -12.49
CA TYR C 264 0.56 37.02 -11.06
C TYR C 264 0.51 38.31 -10.26
N GLU C 265 0.97 39.41 -10.84
CA GLU C 265 0.96 40.68 -10.14
C GLU C 265 -0.46 41.12 -9.75
N THR C 266 -1.47 40.77 -10.54
CA THR C 266 -2.82 41.22 -10.28
C THR C 266 -3.54 40.30 -9.31
N MET C 267 -2.93 39.19 -8.94
CA MET C 267 -3.58 38.27 -8.04
C MET C 267 -3.68 38.89 -6.65
N ALA C 268 -4.59 38.34 -5.85
CA ALA C 268 -4.84 38.87 -4.52
C ALA C 268 -3.54 38.92 -3.71
N PRO C 269 -3.31 39.97 -2.92
CA PRO C 269 -2.05 40.08 -2.18
C PRO C 269 -1.80 38.94 -1.18
N ASP C 270 -2.83 38.36 -0.56
CA ASP C 270 -2.64 37.28 0.42
C ASP C 270 -2.55 35.89 -0.21
N THR C 271 -2.33 35.80 -1.53
CA THR C 271 -2.29 34.52 -2.22
C THR C 271 -1.21 33.60 -1.64
N LEU C 272 -1.57 32.35 -1.37
CA LEU C 272 -0.61 31.33 -0.96
C LEU C 272 0.10 30.81 -2.20
N VAL C 273 1.39 31.09 -2.32
CA VAL C 273 2.17 30.64 -3.46
C VAL C 273 2.83 29.32 -3.12
N LEU C 274 2.63 28.33 -3.98
CA LEU C 274 3.26 27.01 -3.81
C LEU C 274 4.30 26.84 -4.90
N PRO C 275 5.55 27.21 -4.66
CA PRO C 275 6.59 27.15 -5.68
C PRO C 275 7.23 25.77 -5.75
N SER C 276 7.86 25.50 -6.89
CA SER C 276 8.52 24.21 -7.09
C SER C 276 9.84 24.12 -6.33
N HIS C 277 10.44 25.26 -5.98
CA HIS C 277 11.63 25.26 -5.15
C HIS C 277 11.52 26.35 -4.09
N GLY C 278 12.03 26.07 -2.90
CA GLY C 278 11.81 26.95 -1.76
C GLY C 278 10.67 26.42 -0.91
N LYS C 279 10.00 27.31 -0.20
CA LYS C 279 8.90 26.99 0.69
C LYS C 279 7.64 27.75 0.27
N PRO C 280 6.46 27.24 0.61
CA PRO C 280 5.24 28.03 0.44
C PRO C 280 5.40 29.41 1.07
N PHE C 281 4.96 30.43 0.35
CA PHE C 281 5.11 31.81 0.81
C PHE C 281 3.90 32.63 0.41
N ARG C 282 3.68 33.70 1.17
CA ARG C 282 2.76 34.77 0.80
C ARG C 282 3.54 36.03 0.44
N GLY C 283 2.98 36.82 -0.46
CA GLY C 283 3.64 38.01 -0.95
C GLY C 283 3.99 37.86 -2.42
N VAL C 284 3.07 37.32 -3.21
CA VAL C 284 3.37 37.15 -4.62
C VAL C 284 3.67 38.51 -5.26
N ARG C 285 2.97 39.57 -4.83
CA ARG C 285 3.22 40.87 -5.43
C ARG C 285 4.59 41.40 -5.02
N THR C 286 4.98 41.19 -3.77
CA THR C 286 6.30 41.62 -3.32
C THR C 286 7.41 40.86 -4.05
N ARG C 287 7.24 39.55 -4.29
CA ARG C 287 8.26 38.79 -4.99
C ARG C 287 8.39 39.21 -6.46
N ILE C 288 7.27 39.50 -7.13
CA ILE C 288 7.32 39.96 -8.52
C ILE C 288 8.10 41.27 -8.61
N ALA C 289 7.89 42.18 -7.65
CA ALA C 289 8.61 43.45 -7.68
C ALA C 289 10.11 43.23 -7.54
N GLN C 290 10.50 42.24 -6.73
CA GLN C 290 11.92 41.89 -6.60
C GLN C 290 12.50 41.37 -7.91
N LEU C 291 11.78 40.47 -8.57
CA LEU C 291 12.26 39.90 -9.83
C LEU C 291 12.43 40.99 -10.88
N ARG C 292 11.47 41.90 -10.99
CA ARG C 292 11.60 42.99 -11.98
C ARG C 292 12.80 43.86 -11.67
N ALA C 293 12.98 44.25 -10.40
CA ALA C 293 14.13 45.07 -10.05
C ALA C 293 15.42 44.34 -10.38
N HIS C 294 15.46 43.03 -10.10
CA HIS C 294 16.65 42.24 -10.35
C HIS C 294 17.03 42.26 -11.83
N HIS C 295 16.07 41.98 -12.72
CA HIS C 295 16.38 41.95 -14.15
C HIS C 295 16.66 43.35 -14.68
N ASP C 296 16.04 44.38 -14.11
CA ASP C 296 16.38 45.75 -14.51
C ASP C 296 17.81 46.10 -14.11
N ALA C 297 18.30 45.59 -12.99
CA ALA C 297 19.68 45.84 -12.63
C ALA C 297 20.64 45.10 -13.58
N ARG C 298 20.31 43.86 -13.95
CA ARG C 298 21.16 43.16 -14.92
C ARG C 298 21.11 43.85 -16.28
N LEU C 299 19.92 44.29 -16.70
CA LEU C 299 19.81 45.02 -17.94
C LEU C 299 20.62 46.30 -17.91
N ASP C 300 20.56 47.03 -16.79
CA ASP C 300 21.34 48.27 -16.68
C ASP C 300 22.84 48.00 -16.81
N GLU C 301 23.32 46.92 -16.18
CA GLU C 301 24.74 46.57 -16.27
C GLU C 301 25.14 46.31 -17.72
N VAL C 302 24.28 45.62 -18.47
CA VAL C 302 24.57 45.33 -19.86
C VAL C 302 24.65 46.62 -20.66
N ARG C 303 23.71 47.54 -20.41
CA ARG C 303 23.75 48.84 -21.05
C ARG C 303 25.06 49.56 -20.78
N VAL C 304 25.48 49.60 -19.52
CA VAL C 304 26.71 50.32 -19.20
C VAL C 304 27.90 49.70 -19.93
N ALA C 305 28.01 48.37 -19.86
CA ALA C 305 29.14 47.67 -20.44
C ALA C 305 29.20 47.82 -21.96
N CYS C 306 28.05 47.76 -22.64
CA CYS C 306 28.03 47.85 -24.10
C CYS C 306 28.19 49.28 -24.60
N ALA C 307 28.17 50.27 -23.71
CA ALA C 307 28.44 51.66 -24.11
C ALA C 307 29.93 51.94 -24.21
N GLU C 308 30.78 51.13 -23.56
CA GLU C 308 32.21 51.32 -23.70
C GLU C 308 32.71 50.70 -24.99
N GLN C 309 32.48 49.41 -25.15
CA GLN C 309 32.99 48.63 -26.27
C GLN C 309 31.99 47.56 -26.62
N PRO C 310 32.09 46.99 -27.82
CA PRO C 310 31.22 45.86 -28.15
C PRO C 310 31.48 44.67 -27.22
N MET C 311 30.40 44.02 -26.82
CA MET C 311 30.43 42.93 -25.84
C MET C 311 29.78 41.67 -26.39
N SER C 312 30.40 40.53 -26.17
CA SER C 312 29.75 39.25 -26.38
C SER C 312 29.09 38.79 -25.09
N ALA C 313 28.29 37.71 -25.19
CA ALA C 313 27.72 37.10 -24.00
C ALA C 313 28.82 36.62 -23.08
N ALA C 314 29.89 36.06 -23.66
CA ALA C 314 31.03 35.64 -22.87
C ALA C 314 31.67 36.80 -22.13
N ASP C 315 31.61 38.02 -22.71
CA ASP C 315 32.09 39.21 -21.99
C ASP C 315 31.17 39.60 -20.85
N ILE C 316 29.87 39.39 -21.00
CA ILE C 316 28.88 39.82 -20.02
C ILE C 316 28.86 38.90 -18.81
N VAL C 317 29.19 37.62 -19.00
CA VAL C 317 29.04 36.63 -17.93
C VAL C 317 29.72 37.03 -16.62
N PRO C 318 30.99 37.46 -16.59
CA PRO C 318 31.61 37.83 -15.30
C PRO C 318 31.00 39.07 -14.66
N ILE C 319 30.32 39.93 -15.42
CA ILE C 319 29.65 41.08 -14.83
C ILE C 319 28.34 40.64 -14.20
N MET C 320 27.58 39.86 -14.95
CA MET C 320 26.27 39.38 -14.52
C MET C 320 26.38 38.40 -13.35
N PHE C 321 27.49 37.65 -13.27
CA PHE C 321 27.67 36.61 -12.27
C PHE C 321 28.89 36.83 -11.37
N ARG C 322 30.07 36.35 -11.80
CA ARG C 322 31.40 36.52 -11.19
C ARG C 322 31.86 35.42 -10.22
N ARG C 323 31.13 34.31 -10.11
CA ARG C 323 31.57 33.23 -9.23
C ARG C 323 31.29 31.86 -9.85
N HIS C 329 29.49 23.21 -18.53
CA HIS C 329 28.16 22.77 -18.11
C HIS C 329 27.57 23.83 -17.21
N GLN C 330 28.41 24.31 -16.28
CA GLN C 330 28.00 25.45 -15.47
C GLN C 330 27.80 26.66 -16.36
N MET C 331 28.72 26.86 -17.29
CA MET C 331 28.75 27.98 -18.23
C MET C 331 27.55 27.97 -19.19
N THR C 332 26.92 26.82 -19.40
CA THR C 332 25.81 26.72 -20.36
C THR C 332 24.68 27.70 -20.03
N PHE C 333 24.26 27.75 -18.77
CA PHE C 333 23.13 28.58 -18.42
C PHE C 333 23.51 30.04 -18.21
N ALA C 334 24.72 30.32 -17.73
CA ALA C 334 25.17 31.70 -17.62
C ALA C 334 25.24 32.35 -19.00
N LEU C 335 25.85 31.65 -19.95
CA LEU C 335 25.96 32.18 -21.30
C LEU C 335 24.58 32.41 -21.92
N GLY C 336 23.69 31.43 -21.76
CA GLY C 336 22.33 31.59 -22.25
C GLY C 336 21.56 32.73 -21.58
N GLU C 337 21.84 32.99 -20.31
CA GLU C 337 21.13 34.08 -19.64
C GLU C 337 21.66 35.43 -20.09
N ALA C 338 22.97 35.53 -20.32
CA ALA C 338 23.51 36.77 -20.87
C ALA C 338 22.97 37.04 -22.29
N ILE C 339 22.87 36.02 -23.14
CA ILE C 339 22.28 36.22 -24.48
C ILE C 339 20.84 36.68 -24.37
N ALA C 340 20.10 36.14 -23.39
CA ALA C 340 18.71 36.56 -23.15
C ALA C 340 18.64 38.06 -22.86
N HIS C 341 19.57 38.56 -22.04
CA HIS C 341 19.59 39.98 -21.70
C HIS C 341 20.06 40.82 -22.87
N LEU C 342 21.04 40.32 -23.63
CA LEU C 342 21.45 41.04 -24.82
C LEU C 342 20.31 41.07 -25.84
N ASN C 343 19.61 39.94 -26.01
CA ASN C 343 18.56 39.86 -27.04
C ASN C 343 17.42 40.84 -26.77
N LEU C 344 16.97 40.94 -25.52
CA LEU C 344 15.89 41.88 -25.21
C LEU C 344 16.26 43.30 -25.64
N LEU C 345 17.46 43.75 -25.26
CA LEU C 345 17.92 45.10 -25.56
C LEU C 345 18.20 45.29 -27.06
N TRP C 346 18.76 44.24 -27.71
CA TRP C 346 18.94 44.26 -29.15
C TRP C 346 17.59 44.42 -29.86
N LEU C 347 16.65 43.51 -29.57
CA LEU C 347 15.34 43.53 -30.20
C LEU C 347 14.54 44.77 -29.82
N ALA C 348 14.85 45.42 -28.70
CA ALA C 348 14.18 46.66 -28.38
C ALA C 348 14.79 47.85 -29.12
N GLY C 349 15.88 47.64 -29.84
CA GLY C 349 16.56 48.71 -30.55
C GLY C 349 17.64 49.41 -29.76
N GLU C 350 17.88 49.02 -28.51
CA GLU C 350 18.88 49.68 -27.69
C GLU C 350 20.31 49.24 -28.00
N LEU C 351 20.49 48.10 -28.67
CA LEU C 351 21.81 47.61 -29.02
C LEU C 351 21.85 47.28 -30.51
N VAL C 352 23.07 47.24 -31.04
CA VAL C 352 23.33 46.86 -32.42
C VAL C 352 24.16 45.60 -32.36
N ARG C 353 23.79 44.58 -33.13
CA ARG C 353 24.51 43.31 -33.11
C ARG C 353 25.31 43.14 -34.39
N GLU C 354 26.61 42.85 -34.23
CA GLU C 354 27.52 42.69 -35.36
C GLU C 354 28.40 41.46 -35.11
N GLN C 355 28.63 40.68 -36.17
CA GLN C 355 29.46 39.49 -36.12
C GLN C 355 30.89 39.79 -36.60
N GLY C 356 31.89 39.48 -35.76
CA GLY C 356 33.27 39.67 -36.13
C GLY C 356 33.82 38.52 -36.97
N ASP C 357 35.03 38.74 -37.50
CA ASP C 357 35.67 37.73 -38.35
C ASP C 357 35.96 36.42 -37.62
N ASP C 358 36.03 36.45 -36.28
CA ASP C 358 36.24 35.22 -35.53
C ASP C 358 34.94 34.50 -35.25
N GLY C 359 33.85 34.94 -35.89
CA GLY C 359 32.55 34.32 -35.75
C GLY C 359 31.76 34.66 -34.50
N VAL C 360 32.26 35.58 -33.66
CA VAL C 360 31.62 35.92 -32.39
C VAL C 360 30.72 37.14 -32.56
N LEU C 361 29.50 37.05 -32.04
CA LEU C 361 28.54 38.15 -32.08
C LEU C 361 28.79 39.13 -30.93
N ARG C 362 28.78 40.43 -31.24
CA ARG C 362 29.04 41.47 -30.24
C ARG C 362 27.98 42.56 -30.35
N PHE C 363 27.71 43.20 -29.21
CA PHE C 363 26.63 44.19 -29.11
C PHE C 363 27.18 45.53 -28.63
N ARG C 364 26.66 46.61 -29.22
CA ARG C 364 27.05 47.97 -28.89
CA ARG C 364 27.05 47.97 -28.86
C ARG C 364 25.79 48.82 -28.79
N ILE C 365 25.89 49.95 -28.09
CA ILE C 365 24.71 50.82 -27.95
C ILE C 365 24.45 51.51 -29.29
N ALA C 366 23.17 51.75 -29.57
CA ALA C 366 22.76 52.45 -30.79
C ALA C 366 23.13 53.93 -30.74
N HIS D 7 -13.47 15.85 -48.09
CA HIS D 7 -13.73 17.24 -47.69
C HIS D 7 -15.19 17.58 -47.96
N HIS D 8 -15.72 18.64 -47.32
CA HIS D 8 -17.12 19.06 -47.47
C HIS D 8 -17.18 20.28 -48.39
N MET D 9 -17.83 20.10 -49.56
CA MET D 9 -17.87 21.13 -50.58
C MET D 9 -18.92 22.20 -50.24
N ASN D 10 -18.59 23.45 -50.55
CA ASN D 10 -19.43 24.61 -50.24
C ASN D 10 -20.51 24.77 -51.32
N ALA D 11 -21.75 24.44 -50.97
CA ALA D 11 -22.86 24.63 -51.90
C ALA D 11 -23.33 26.08 -51.98
N LEU D 12 -22.99 26.91 -50.98
CA LEU D 12 -23.34 28.33 -50.98
C LEU D 12 -22.18 29.22 -51.42
N GLU D 13 -21.31 28.70 -52.30
CA GLU D 13 -20.18 29.48 -52.80
C GLU D 13 -20.64 30.72 -53.56
N HIS D 14 -21.84 30.70 -54.14
CA HIS D 14 -22.34 31.85 -54.89
C HIS D 14 -22.47 33.10 -54.03
N GLN D 15 -22.51 32.96 -52.71
CA GLN D 15 -22.59 34.10 -51.81
C GLN D 15 -21.26 34.81 -51.60
N LEU D 16 -20.15 34.24 -52.08
CA LEU D 16 -18.84 34.85 -51.96
C LEU D 16 -18.48 35.62 -53.23
N ASP D 17 -17.57 36.58 -53.07
CA ASP D 17 -17.13 37.44 -54.15
C ASP D 17 -15.68 37.12 -54.47
N TYR D 18 -15.42 36.75 -55.73
CA TYR D 18 -14.06 36.46 -56.21
C TYR D 18 -13.54 37.64 -57.01
N PRO D 19 -12.70 38.51 -56.45
CA PRO D 19 -12.28 39.72 -57.17
C PRO D 19 -11.52 39.43 -58.46
N PHE D 20 -10.96 38.23 -58.62
CA PHE D 20 -10.27 37.88 -59.85
C PHE D 20 -11.01 36.83 -60.67
N ALA D 21 -12.28 36.58 -60.36
CA ALA D 21 -13.14 35.71 -61.17
C ALA D 21 -12.46 34.36 -61.28
N ASP D 22 -12.14 33.86 -62.47
CA ASP D 22 -11.56 32.53 -62.61
C ASP D 22 -10.07 32.58 -62.93
N THR D 23 -9.41 33.71 -62.70
CA THR D 23 -7.96 33.80 -62.84
C THR D 23 -7.26 32.85 -61.88
N LEU D 24 -6.24 32.14 -62.40
CA LEU D 24 -5.41 31.25 -61.59
C LEU D 24 -3.97 31.43 -62.07
N PRO D 25 -3.01 31.60 -61.15
CA PRO D 25 -1.60 31.67 -61.60
C PRO D 25 -1.12 30.32 -62.13
N ALA D 26 -0.48 30.35 -63.29
CA ALA D 26 0.10 29.13 -63.83
C ALA D 26 1.32 28.73 -63.02
N ALA D 27 1.54 27.42 -62.93
CA ALA D 27 2.72 26.89 -62.24
C ALA D 27 4.00 27.52 -62.78
N GLY D 28 4.83 27.99 -61.86
CA GLY D 28 6.05 28.71 -62.20
C GLY D 28 5.86 30.18 -62.45
N ASP D 29 4.64 30.68 -62.32
CA ASP D 29 4.31 32.08 -62.55
C ASP D 29 3.70 32.67 -61.28
N THR D 30 3.57 33.99 -61.27
CA THR D 30 2.96 34.71 -60.16
C THR D 30 1.87 35.64 -60.68
N PHE D 31 0.96 36.01 -59.78
CA PHE D 31 -0.09 36.98 -60.05
C PHE D 31 -0.22 37.91 -58.85
N GLU D 32 -0.30 39.21 -59.11
CA GLU D 32 -0.35 40.19 -58.02
C GLU D 32 -1.80 40.33 -57.54
N VAL D 33 -2.05 39.92 -56.29
CA VAL D 33 -3.38 40.06 -55.69
C VAL D 33 -3.50 41.31 -54.82
N ALA D 34 -2.37 41.90 -54.42
CA ALA D 34 -2.33 43.19 -53.73
C ALA D 34 -0.93 43.75 -53.91
N PRO D 35 -0.75 45.06 -53.75
CA PRO D 35 0.58 45.66 -53.98
C PRO D 35 1.66 45.01 -53.13
N GLY D 36 2.64 44.38 -53.82
CA GLY D 36 3.71 43.70 -53.12
C GLY D 36 3.31 42.35 -52.55
N VAL D 37 2.21 41.76 -53.01
CA VAL D 37 1.72 40.48 -52.49
C VAL D 37 1.40 39.62 -53.70
N ARG D 38 2.24 38.61 -53.96
CA ARG D 38 2.12 37.83 -55.18
C ARG D 38 1.63 36.41 -54.85
N TRP D 39 0.82 35.88 -55.75
CA TRP D 39 0.13 34.60 -55.59
C TRP D 39 0.78 33.53 -56.44
N LEU D 40 1.11 32.39 -55.82
CA LEU D 40 1.64 31.22 -56.50
C LEU D 40 0.69 30.04 -56.26
N ARG D 41 0.58 29.15 -57.24
CA ARG D 41 -0.22 27.94 -57.08
C ARG D 41 0.59 26.75 -57.52
N MET D 42 0.82 25.88 -56.63
CA MET D 42 1.59 24.68 -56.87
C MET D 42 0.68 23.48 -56.97
N PRO D 43 1.02 22.51 -57.80
CA PRO D 43 0.20 21.30 -57.89
C PRO D 43 0.46 20.32 -56.75
N LEU D 44 -0.59 19.59 -56.39
CA LEU D 44 -0.48 18.53 -55.40
C LEU D 44 -1.10 17.26 -55.98
N PRO D 45 -0.53 16.09 -55.68
CA PRO D 45 -1.04 14.84 -56.25
C PRO D 45 -2.12 14.16 -55.39
N PHE D 46 -2.98 14.94 -54.75
CA PHE D 46 -4.06 14.39 -53.94
C PHE D 46 -5.42 14.78 -54.54
N SER D 47 -6.50 14.43 -53.84
CA SER D 47 -7.82 14.89 -54.25
C SER D 47 -7.91 16.41 -54.16
N LEU D 48 -7.22 17.00 -53.20
CA LEU D 48 -6.96 18.44 -53.15
C LEU D 48 -5.71 18.68 -53.99
N ASP D 49 -5.89 19.20 -55.21
CA ASP D 49 -4.86 19.12 -56.24
C ASP D 49 -3.93 20.33 -56.28
N HIS D 50 -3.95 21.20 -55.27
CA HIS D 50 -3.19 22.43 -55.38
C HIS D 50 -3.03 23.02 -53.98
N ILE D 51 -2.05 23.88 -53.84
CA ILE D 51 -1.94 24.76 -52.69
C ILE D 51 -1.50 26.14 -53.17
N ASN D 52 -2.03 27.17 -52.53
CA ASN D 52 -1.62 28.54 -52.79
C ASN D 52 -0.51 28.93 -51.83
N LEU D 53 0.58 29.46 -52.38
CA LEU D 53 1.69 30.01 -51.61
C LEU D 53 1.81 31.50 -51.92
N TRP D 54 2.48 32.24 -51.03
CA TRP D 54 2.48 33.70 -51.10
C TRP D 54 3.90 34.27 -51.09
N LEU D 55 4.13 35.24 -51.99
CA LEU D 55 5.35 36.02 -52.06
C LEU D 55 5.05 37.45 -51.65
N LEU D 56 5.72 37.93 -50.61
CA LEU D 56 5.49 39.28 -50.09
C LEU D 56 6.75 40.11 -50.27
N ARG D 57 6.63 41.16 -51.08
CA ARG D 57 7.71 42.11 -51.24
C ARG D 57 8.07 42.72 -49.89
N ASP D 58 9.37 42.83 -49.64
CA ASP D 58 9.86 43.09 -48.30
C ASP D 58 11.24 43.71 -48.38
N GLU D 59 11.67 44.27 -47.24
CA GLU D 59 13.01 44.83 -47.10
C GLU D 59 13.41 44.70 -45.64
N ILE D 60 14.49 43.98 -45.40
CA ILE D 60 15.00 43.71 -44.06
C ILE D 60 16.42 44.24 -43.99
N ASP D 61 16.68 45.16 -43.07
CA ASP D 61 18.02 45.70 -42.85
C ASP D 61 18.63 46.30 -44.12
N GLY D 62 17.79 46.97 -44.92
CA GLY D 62 18.27 47.60 -46.13
C GLY D 62 18.45 46.70 -47.32
N GLN D 63 18.27 45.39 -47.19
CA GLN D 63 18.37 44.46 -48.31
C GLN D 63 16.97 44.14 -48.80
N ALA D 64 16.67 44.55 -50.03
CA ALA D 64 15.38 44.28 -50.64
C ALA D 64 15.27 42.82 -51.03
N GLY D 65 14.07 42.27 -50.90
CA GLY D 65 13.84 40.89 -51.27
C GLY D 65 12.42 40.45 -51.03
N TRP D 66 12.23 39.19 -50.65
CA TRP D 66 10.90 38.60 -50.56
C TRP D 66 10.76 37.76 -49.29
N THR D 67 9.61 37.90 -48.64
CA THR D 67 9.20 36.97 -47.59
C THR D 67 8.22 35.98 -48.20
N VAL D 68 8.53 34.69 -48.08
CA VAL D 68 7.67 33.61 -48.58
C VAL D 68 6.75 33.14 -47.46
N VAL D 69 5.47 32.89 -47.78
CA VAL D 69 4.53 32.27 -46.86
C VAL D 69 4.09 30.93 -47.43
N ASP D 70 4.54 29.83 -46.79
CA ASP D 70 4.27 28.42 -47.08
C ASP D 70 4.98 27.89 -48.34
N CYS D 71 5.12 26.56 -48.44
CA CYS D 71 6.23 25.94 -49.16
C CYS D 71 5.90 24.87 -50.20
N GLY D 72 4.84 24.09 -50.01
CA GLY D 72 4.57 22.94 -50.85
C GLY D 72 5.10 21.64 -50.23
N ILE D 73 4.57 20.51 -50.73
CA ILE D 73 5.23 19.24 -50.44
C ILE D 73 6.54 19.16 -51.20
N ALA D 74 7.40 18.24 -50.75
CA ALA D 74 8.70 18.05 -51.39
C ALA D 74 8.52 17.07 -52.56
N SER D 75 7.98 17.59 -53.65
CA SER D 75 7.90 16.87 -54.90
C SER D 75 8.84 17.52 -55.90
N ASP D 76 9.29 16.71 -56.87
CA ASP D 76 10.14 17.23 -57.93
C ASP D 76 9.43 18.32 -58.73
N ALA D 77 8.13 18.13 -59.00
CA ALA D 77 7.35 19.13 -59.72
C ALA D 77 7.39 20.49 -59.01
N ILE D 78 7.12 20.49 -57.70
CA ILE D 78 7.05 21.75 -56.96
C ILE D 78 8.43 22.41 -56.86
N ARG D 79 9.47 21.62 -56.61
CA ARG D 79 10.82 22.15 -56.62
C ARG D 79 11.12 22.84 -57.95
N THR D 80 10.71 22.23 -59.05
CA THR D 80 11.00 22.79 -60.37
C THR D 80 10.29 24.13 -60.55
N HIS D 81 9.03 24.20 -60.16
CA HIS D 81 8.31 25.47 -60.26
C HIS D 81 8.91 26.52 -59.33
N TRP D 82 9.39 26.10 -58.16
CA TRP D 82 10.07 27.06 -57.29
C TRP D 82 11.32 27.60 -57.97
N GLU D 83 12.09 26.74 -58.62
CA GLU D 83 13.30 27.22 -59.31
C GLU D 83 12.95 28.24 -60.39
N GLN D 84 11.89 27.98 -61.17
CA GLN D 84 11.50 28.95 -62.18
CA GLN D 84 11.46 28.94 -62.18
C GLN D 84 11.07 30.28 -61.55
N ILE D 85 10.42 30.24 -60.37
CA ILE D 85 10.09 31.47 -59.67
C ILE D 85 11.35 32.23 -59.29
N PHE D 86 12.35 31.51 -58.76
CA PHE D 86 13.64 32.10 -58.40
C PHE D 86 14.28 32.77 -59.62
N ASP D 87 14.27 32.06 -60.76
CA ASP D 87 14.96 32.56 -61.94
C ASP D 87 14.25 33.78 -62.53
N ALA D 88 12.91 33.78 -62.54
CA ALA D 88 12.17 34.69 -63.40
C ALA D 88 11.32 35.72 -62.66
N HIS D 89 10.80 35.41 -61.48
CA HIS D 89 9.75 36.24 -60.89
C HIS D 89 10.13 36.82 -59.53
N LEU D 90 11.41 36.87 -59.20
CA LEU D 90 11.85 37.51 -57.97
C LEU D 90 12.54 38.86 -58.24
N ASP D 91 12.53 39.32 -59.50
CA ASP D 91 13.24 40.54 -59.92
C ASP D 91 14.72 40.50 -59.55
N GLY D 92 15.30 39.30 -59.51
CA GLY D 92 16.65 39.09 -59.03
C GLY D 92 16.89 39.33 -57.56
N LEU D 93 15.85 39.52 -56.76
CA LEU D 93 16.17 39.75 -55.36
C LEU D 93 16.10 38.42 -54.60
N PRO D 94 16.84 38.27 -53.51
CA PRO D 94 16.78 36.99 -52.78
C PRO D 94 15.54 36.92 -51.90
N VAL D 95 15.23 35.70 -51.48
CA VAL D 95 14.29 35.49 -50.38
C VAL D 95 15.01 35.82 -49.08
N LEU D 96 14.31 36.48 -48.16
CA LEU D 96 14.90 36.91 -46.90
C LEU D 96 14.54 36.03 -45.72
N ARG D 97 13.38 35.37 -45.75
CA ARG D 97 12.94 34.52 -44.65
C ARG D 97 11.71 33.77 -45.12
N VAL D 98 11.39 32.68 -44.44
CA VAL D 98 10.25 31.83 -44.80
C VAL D 98 9.32 31.74 -43.60
N ILE D 99 8.05 32.12 -43.80
CA ILE D 99 7.00 31.96 -42.81
C ILE D 99 6.17 30.73 -43.17
N VAL D 100 5.91 29.85 -42.19
CA VAL D 100 5.09 28.67 -42.42
C VAL D 100 3.90 28.72 -41.48
N THR D 101 2.69 28.59 -42.04
CA THR D 101 1.49 28.75 -41.24
C THR D 101 1.28 27.57 -40.30
N HIS D 102 1.56 26.35 -40.75
CA HIS D 102 1.41 25.20 -39.86
C HIS D 102 2.17 23.99 -40.43
N CYS D 103 2.23 22.93 -39.61
CA CYS D 103 3.14 21.80 -39.85
C CYS D 103 2.67 20.84 -40.94
N HIS D 104 1.49 20.99 -41.49
CA HIS D 104 1.01 19.96 -42.41
C HIS D 104 1.83 19.94 -43.71
N PRO D 105 2.00 18.77 -44.32
CA PRO D 105 3.09 18.60 -45.31
C PRO D 105 3.02 19.51 -46.53
N ASP D 106 1.84 19.90 -47.00
CA ASP D 106 1.79 20.76 -48.18
C ASP D 106 2.18 22.20 -47.86
N HIS D 107 2.19 22.58 -46.58
CA HIS D 107 2.65 23.89 -46.17
C HIS D 107 4.12 23.91 -45.74
N PHE D 108 4.63 22.78 -45.27
CA PHE D 108 5.90 22.70 -44.53
C PHE D 108 6.98 21.88 -45.23
N GLY D 109 6.63 21.06 -46.22
CA GLY D 109 7.54 20.04 -46.73
C GLY D 109 8.83 20.57 -47.33
N LEU D 110 8.76 21.70 -48.02
CA LEU D 110 9.96 22.26 -48.66
C LEU D 110 10.53 23.46 -47.90
N ALA D 111 10.14 23.64 -46.64
CA ALA D 111 10.65 24.77 -45.87
C ALA D 111 12.16 24.72 -45.75
N ASN D 112 12.71 23.55 -45.44
CA ASN D 112 14.15 23.47 -45.28
C ASN D 112 14.85 23.67 -46.61
N TRP D 113 14.28 23.13 -47.67
CA TRP D 113 14.84 23.34 -49.01
C TRP D 113 14.84 24.82 -49.36
N LEU D 114 13.75 25.54 -49.06
CA LEU D 114 13.69 26.97 -49.34
C LEU D 114 14.70 27.75 -48.49
N CYS D 115 14.73 27.48 -47.18
CA CYS D 115 15.65 28.20 -46.30
C CYS D 115 17.11 28.00 -46.70
N GLU D 116 17.44 26.86 -47.30
CA GLU D 116 18.81 26.60 -47.76
C GLU D 116 19.06 27.07 -49.20
N GLY D 117 18.09 27.74 -49.83
CA GLY D 117 18.30 28.39 -51.10
C GLY D 117 17.92 27.59 -52.32
N GLY D 118 17.16 26.52 -52.17
CA GLY D 118 16.78 25.76 -53.33
C GLY D 118 17.97 25.04 -53.92
N ASP D 119 17.75 24.51 -55.13
CA ASP D 119 18.72 23.63 -55.75
C ASP D 119 20.07 24.30 -55.97
N LYS D 120 20.11 25.63 -56.07
CA LYS D 120 21.38 26.33 -56.28
C LYS D 120 21.90 27.00 -55.01
N ARG D 121 21.32 26.67 -53.85
CA ARG D 121 21.75 27.17 -52.54
C ARG D 121 22.01 28.68 -52.61
N ARG D 122 20.97 29.40 -53.05
CA ARG D 122 21.09 30.81 -53.40
C ARG D 122 21.11 31.73 -52.19
N TRP D 123 20.73 31.23 -51.01
CA TRP D 123 20.66 32.03 -49.79
C TRP D 123 20.51 31.09 -48.60
N ASN D 124 20.67 31.64 -47.39
CA ASN D 124 20.44 30.91 -46.15
C ASN D 124 19.65 31.83 -45.22
N VAL D 125 18.38 31.49 -45.00
CA VAL D 125 17.45 32.38 -44.33
C VAL D 125 16.75 31.62 -43.20
N ARG D 126 16.02 32.38 -42.39
CA ARG D 126 15.43 31.87 -41.15
C ARG D 126 13.98 31.45 -41.37
N LEU D 127 13.62 30.30 -40.81
CA LEU D 127 12.23 29.88 -40.75
C LEU D 127 11.52 30.61 -39.60
N TRP D 128 10.35 31.18 -39.89
CA TRP D 128 9.46 31.78 -38.89
C TRP D 128 8.22 30.89 -38.79
N MET D 129 7.88 30.50 -37.57
CA MET D 129 6.85 29.50 -37.34
C MET D 129 6.39 29.61 -35.88
N THR D 130 5.18 29.16 -35.60
CA THR D 130 4.81 29.06 -34.20
C THR D 130 5.48 27.83 -33.58
N LEU D 131 5.70 27.91 -32.28
CA LEU D 131 6.38 26.84 -31.56
C LEU D 131 5.62 25.53 -31.67
N GLY D 132 4.30 25.58 -31.55
CA GLY D 132 3.52 24.36 -31.56
C GLY D 132 3.60 23.65 -32.89
N GLU D 133 3.59 24.41 -33.98
CA GLU D 133 3.69 23.80 -35.30
C GLU D 133 5.10 23.28 -35.57
N TYR D 134 6.11 24.05 -35.19
CA TYR D 134 7.49 23.63 -35.45
C TYR D 134 7.85 22.36 -34.70
N MET D 135 7.54 22.29 -33.40
CA MET D 135 7.85 21.09 -32.62
C MET D 135 7.12 19.87 -33.16
N PHE D 136 5.82 20.03 -33.42
CA PHE D 136 5.02 18.90 -33.89
C PHE D 136 5.51 18.42 -35.26
N GLY D 137 5.88 19.36 -36.13
CA GLY D 137 6.46 18.98 -37.40
C GLY D 137 7.80 18.28 -37.24
N CYS D 138 8.68 18.81 -36.39
CA CYS D 138 9.96 18.16 -36.14
C CYS D 138 9.77 16.74 -35.69
N LEU D 139 8.90 16.53 -34.70
CA LEU D 139 8.65 15.20 -34.14
C LEU D 139 8.13 14.26 -35.21
N MET D 140 7.17 14.72 -36.01
CA MET D 140 6.61 13.86 -37.06
C MET D 140 7.62 13.61 -38.17
N ALA D 141 8.52 14.56 -38.42
CA ALA D 141 9.48 14.34 -39.50
C ALA D 141 10.53 13.29 -39.16
N ALA D 142 10.58 12.80 -37.91
CA ALA D 142 11.57 11.80 -37.53
C ALA D 142 10.94 10.42 -37.39
N ASN D 147 0.90 10.55 -37.01
CA ASN D 147 -0.43 11.16 -36.95
C ASN D 147 -1.45 10.31 -37.68
N ALA D 148 -1.38 10.36 -39.01
CA ALA D 148 -2.19 9.54 -39.90
C ALA D 148 -1.44 8.32 -40.39
N GLY D 149 -0.58 7.76 -39.55
CA GLY D 149 0.20 6.59 -39.92
C GLY D 149 1.15 6.10 -38.85
N GLY D 150 1.28 4.78 -38.73
CA GLY D 150 2.10 4.15 -37.70
C GLY D 150 1.31 3.11 -36.95
N ALA D 151 2.04 2.28 -36.19
CA ALA D 151 1.40 1.30 -35.32
C ALA D 151 0.50 1.96 -34.27
N ALA D 152 0.88 3.14 -33.78
CA ALA D 152 0.04 3.87 -32.82
C ALA D 152 -1.26 4.35 -33.45
N ALA D 153 -1.20 4.85 -34.68
CA ALA D 153 -2.41 5.31 -35.35
C ALA D 153 -3.36 4.16 -35.65
N ALA D 154 -2.81 3.01 -36.07
CA ALA D 154 -3.68 1.88 -36.43
C ALA D 154 -4.43 1.35 -35.22
N ASP D 155 -3.79 1.33 -34.04
CA ASP D 155 -4.48 0.91 -32.82
C ASP D 155 -5.52 1.95 -32.41
N HIS D 156 -5.21 3.24 -32.63
CA HIS D 156 -6.19 4.30 -32.38
C HIS D 156 -7.42 4.14 -33.25
N PHE D 157 -7.25 3.99 -34.57
CA PHE D 157 -8.44 3.89 -35.41
C PHE D 157 -9.14 2.55 -35.24
N ALA D 158 -8.40 1.50 -34.86
CA ALA D 158 -9.04 0.20 -34.61
C ALA D 158 -10.06 0.29 -33.49
N ARG D 159 -9.72 0.98 -32.39
CA ARG D 159 -10.67 1.14 -31.29
C ARG D 159 -11.81 2.10 -31.63
N HIS D 160 -11.73 2.82 -32.74
CA HIS D 160 -12.84 3.66 -33.18
C HIS D 160 -13.60 3.04 -34.34
N GLY D 161 -13.45 1.74 -34.56
CA GLY D 161 -14.29 0.99 -35.46
C GLY D 161 -13.62 0.52 -36.74
N LEU D 162 -12.36 0.89 -36.99
CA LEU D 162 -11.68 0.44 -38.20
C LEU D 162 -11.21 -1.00 -37.97
N THR D 163 -11.95 -1.95 -38.53
CA THR D 163 -11.66 -3.37 -38.35
C THR D 163 -11.25 -4.04 -39.65
N ASP D 164 -11.37 -3.34 -40.77
CA ASP D 164 -10.96 -3.86 -42.06
C ASP D 164 -9.47 -4.21 -42.05
N ALA D 165 -9.18 -5.50 -42.22
CA ALA D 165 -7.80 -5.99 -42.10
C ALA D 165 -6.86 -5.31 -43.11
N ALA D 166 -7.33 -5.09 -44.34
CA ALA D 166 -6.51 -4.42 -45.35
C ALA D 166 -6.17 -3.00 -44.95
N SER D 167 -7.15 -2.27 -44.39
CA SER D 167 -6.91 -0.89 -43.99
C SER D 167 -5.94 -0.81 -42.81
N LEU D 168 -6.13 -1.66 -41.80
CA LEU D 168 -5.23 -1.64 -40.64
C LEU D 168 -3.82 -2.05 -41.02
N GLU D 169 -3.68 -3.03 -41.93
CA GLU D 169 -2.35 -3.39 -42.42
C GLU D 169 -1.75 -2.25 -43.23
N LYS D 170 -2.56 -1.58 -44.06
CA LYS D 170 -2.07 -0.40 -44.78
C LYS D 170 -1.70 0.70 -43.79
N LEU D 171 -2.46 0.83 -42.70
CA LEU D 171 -2.19 1.85 -41.69
C LEU D 171 -0.80 1.65 -41.06
N ARG D 172 -0.39 0.41 -40.85
CA ARG D 172 0.96 0.15 -40.34
C ARG D 172 2.03 0.56 -41.36
N ASN D 173 1.79 0.31 -42.65
CA ASN D 173 2.80 0.57 -43.67
C ASN D 173 2.92 2.04 -44.05
N ARG D 174 1.87 2.84 -43.82
CA ARG D 174 1.94 4.28 -44.08
C ARG D 174 2.66 5.04 -42.96
N ARG D 175 3.51 4.34 -42.20
CA ARG D 175 4.23 4.95 -41.08
C ARG D 175 5.20 6.05 -41.53
N SER D 176 5.60 6.04 -42.80
CA SER D 176 6.49 7.07 -43.33
C SER D 176 5.78 8.04 -44.26
N TYR D 177 4.46 8.16 -44.15
CA TYR D 177 3.71 9.06 -45.03
C TYR D 177 4.14 10.51 -44.84
N TYR D 178 4.30 10.95 -43.57
CA TYR D 178 4.70 12.33 -43.31
C TYR D 178 6.16 12.55 -43.69
N SER D 179 7.03 11.58 -43.38
CA SER D 179 8.45 11.72 -43.59
C SER D 179 8.82 11.80 -45.07
N ASP D 180 8.07 11.13 -45.95
CA ASP D 180 8.36 11.21 -47.39
C ASP D 180 8.01 12.58 -47.96
N LEU D 181 6.93 13.20 -47.47
CA LEU D 181 6.56 14.53 -47.96
C LEU D 181 7.41 15.63 -47.32
N VAL D 182 7.87 15.42 -46.10
CA VAL D 182 8.68 16.39 -45.36
C VAL D 182 10.05 15.76 -45.11
N PRO D 183 10.94 15.69 -46.10
CA PRO D 183 12.18 14.90 -45.91
C PRO D 183 13.17 15.56 -44.97
N ALA D 184 13.07 16.88 -44.76
CA ALA D 184 13.99 17.61 -43.92
C ALA D 184 13.25 18.77 -43.25
N VAL D 185 13.82 19.25 -42.16
CA VAL D 185 13.23 20.33 -41.37
C VAL D 185 14.34 21.30 -41.00
N PRO D 186 14.13 22.61 -40.99
CA PRO D 186 15.20 23.53 -40.56
C PRO D 186 15.53 23.29 -39.09
N PRO D 187 16.82 23.28 -38.74
CA PRO D 187 17.20 22.99 -37.35
C PRO D 187 17.06 24.16 -36.40
N ARG D 188 16.64 25.34 -36.91
CA ARG D 188 16.36 26.53 -36.10
C ARG D 188 15.12 27.22 -36.63
N TYR D 189 14.52 28.05 -35.77
CA TYR D 189 13.35 28.80 -36.21
C TYR D 189 13.26 30.08 -35.40
N ARG D 190 12.46 31.02 -35.93
CA ARG D 190 12.08 32.25 -35.23
C ARG D 190 10.61 32.11 -34.85
N ARG D 191 10.32 32.25 -33.55
CA ARG D 191 8.99 31.92 -33.05
C ARG D 191 8.02 33.08 -33.26
N LEU D 192 6.89 32.79 -33.88
CA LEU D 192 5.74 33.68 -33.96
C LEU D 192 4.71 33.30 -32.90
N ARG D 193 4.03 34.31 -32.36
CA ARG D 193 3.01 34.10 -31.34
C ARG D 193 1.80 34.96 -31.65
N ASP D 194 0.65 34.54 -31.13
CA ASP D 194 -0.60 35.27 -31.33
C ASP D 194 -0.42 36.74 -30.96
N GLY D 195 -0.78 37.64 -31.89
CA GLY D 195 -0.67 39.07 -31.66
C GLY D 195 0.65 39.70 -32.06
N ASP D 196 1.69 38.92 -32.34
CA ASP D 196 2.96 39.49 -32.78
C ASP D 196 2.77 40.33 -34.03
N ALA D 197 3.52 41.43 -34.12
CA ALA D 197 3.53 42.29 -35.30
C ALA D 197 4.71 41.89 -36.17
N VAL D 198 4.44 41.54 -37.43
CA VAL D 198 5.48 41.22 -38.40
C VAL D 198 5.45 42.30 -39.48
N THR D 199 6.51 43.08 -39.55
CA THR D 199 6.60 44.14 -40.55
C THR D 199 7.11 43.53 -41.85
N ILE D 200 6.28 43.57 -42.90
CA ILE D 200 6.62 42.97 -44.19
C ILE D 200 6.34 44.03 -45.27
N GLY D 201 7.41 44.57 -45.86
CA GLY D 201 7.24 45.65 -46.82
C GLY D 201 6.65 46.84 -46.13
N THR D 202 5.52 47.31 -46.65
CA THR D 202 4.83 48.49 -46.12
C THR D 202 3.73 48.14 -45.13
N ARG D 203 3.61 46.87 -44.75
CA ARG D 203 2.52 46.44 -43.90
C ARG D 203 3.04 45.98 -42.55
N THR D 204 2.15 46.06 -41.57
CA THR D 204 2.32 45.38 -40.30
C THR D 204 1.33 44.24 -40.30
N TRP D 205 1.85 43.01 -40.41
CA TRP D 205 0.99 41.84 -40.30
C TRP D 205 0.95 41.42 -38.84
N ARG D 206 -0.24 41.03 -38.40
CA ARG D 206 -0.44 40.51 -37.06
C ARG D 206 -0.69 39.01 -37.12
N VAL D 207 -0.03 38.28 -36.22
CA VAL D 207 -0.30 36.85 -36.06
C VAL D 207 -1.67 36.66 -35.43
N VAL D 208 -2.47 35.78 -36.02
CA VAL D 208 -3.78 35.41 -35.48
C VAL D 208 -3.77 33.88 -35.39
N THR D 209 -3.67 33.37 -34.17
CA THR D 209 -3.52 31.94 -33.97
C THR D 209 -4.88 31.26 -34.11
N GLY D 210 -4.87 30.06 -34.65
CA GLY D 210 -6.07 29.25 -34.74
C GLY D 210 -5.79 27.86 -34.23
N TYR D 211 -6.80 27.27 -33.61
CA TYR D 211 -6.65 25.96 -32.99
C TYR D 211 -7.64 24.98 -33.59
N GLY D 212 -7.41 23.71 -33.33
CA GLY D 212 -8.37 22.70 -33.72
C GLY D 212 -8.00 22.03 -35.01
N HIS D 213 -7.52 22.80 -35.98
CA HIS D 213 -7.07 22.19 -37.22
C HIS D 213 -5.65 21.65 -37.08
N SER D 214 -4.82 22.35 -36.33
CA SER D 214 -3.41 22.01 -36.16
C SER D 214 -2.97 22.60 -34.83
N PRO D 215 -1.76 22.27 -34.36
CA PRO D 215 -1.35 22.71 -33.00
C PRO D 215 -1.47 24.21 -32.70
N GLU D 216 -0.99 25.07 -33.59
CA GLU D 216 -0.95 26.51 -33.31
C GLU D 216 -0.87 27.25 -34.63
N HIS D 217 -1.94 27.14 -35.42
CA HIS D 217 -1.96 27.62 -36.80
C HIS D 217 -1.79 29.13 -36.84
N CYS D 218 -0.86 29.59 -37.68
CA CYS D 218 -0.51 31.01 -37.81
C CYS D 218 -1.20 31.58 -39.05
N ALA D 219 -2.18 32.45 -38.84
CA ALA D 219 -2.70 33.31 -39.90
C ALA D 219 -2.14 34.72 -39.74
N LEU D 220 -2.03 35.45 -40.86
CA LEU D 220 -1.46 36.80 -40.87
C LEU D 220 -2.52 37.80 -41.33
N HIS D 221 -2.71 38.85 -40.53
CA HIS D 221 -3.73 39.85 -40.77
C HIS D 221 -3.09 41.24 -40.85
N SER D 222 -3.34 41.94 -41.96
CA SER D 222 -2.94 43.33 -42.15
C SER D 222 -4.22 44.15 -42.04
N GLU D 223 -4.47 44.70 -40.84
CA GLU D 223 -5.77 45.28 -40.55
C GLU D 223 -5.96 46.61 -41.29
N ALA D 224 -4.89 47.40 -41.43
CA ALA D 224 -5.02 48.72 -42.02
C ALA D 224 -5.63 48.67 -43.42
N ASP D 225 -5.21 47.71 -44.23
CA ASP D 225 -5.73 47.61 -45.60
C ASP D 225 -6.60 46.37 -45.80
N GLY D 226 -6.88 45.61 -44.74
CA GLY D 226 -7.83 44.53 -44.82
C GLY D 226 -7.40 43.34 -45.66
N VAL D 227 -6.26 42.75 -45.34
CA VAL D 227 -5.80 41.53 -45.99
C VAL D 227 -5.55 40.47 -44.94
N LEU D 228 -6.02 39.24 -45.22
CA LEU D 228 -5.89 38.09 -44.33
C LEU D 228 -5.35 36.92 -45.13
N ILE D 229 -4.17 36.44 -44.76
CA ILE D 229 -3.65 35.16 -45.27
C ILE D 229 -4.16 34.11 -44.28
N SER D 230 -5.21 33.38 -44.66
CA SER D 230 -5.99 32.57 -43.73
C SER D 230 -5.47 31.14 -43.55
N GLY D 231 -4.41 30.74 -44.26
CA GLY D 231 -3.94 29.36 -44.14
C GLY D 231 -5.04 28.36 -44.44
N ASP D 232 -5.20 27.38 -43.55
CA ASP D 232 -6.26 26.40 -43.71
C ASP D 232 -7.49 26.71 -42.86
N MET D 233 -7.49 27.80 -42.08
CA MET D 233 -8.57 27.99 -41.11
C MET D 233 -9.87 28.45 -41.76
N VAL D 234 -9.81 29.23 -42.84
CA VAL D 234 -10.98 29.68 -43.57
C VAL D 234 -10.73 29.44 -45.06
N LEU D 235 -11.39 28.43 -45.61
CA LEU D 235 -11.26 28.06 -47.01
C LEU D 235 -12.60 28.26 -47.69
N PRO D 236 -12.65 28.88 -48.88
CA PRO D 236 -13.94 29.26 -49.47
C PRO D 236 -14.78 28.09 -49.95
N ARG D 237 -14.16 27.03 -50.43
CA ARG D 237 -14.91 25.96 -51.06
C ARG D 237 -15.03 24.70 -50.22
N ILE D 238 -14.13 24.49 -49.26
CA ILE D 238 -14.13 23.27 -48.49
C ILE D 238 -14.08 23.57 -47.00
N SER D 239 -14.49 22.59 -46.21
CA SER D 239 -14.39 22.67 -44.77
C SER D 239 -12.97 22.33 -44.31
N THR D 240 -12.61 22.90 -43.17
CA THR D 240 -11.30 22.69 -42.57
C THR D 240 -11.34 21.41 -41.74
N ASN D 241 -10.39 20.53 -41.99
CA ASN D 241 -10.34 19.23 -41.32
C ASN D 241 -10.04 19.39 -39.83
N VAL D 242 -10.82 18.71 -38.99
CA VAL D 242 -10.59 18.62 -37.55
C VAL D 242 -10.58 17.15 -37.18
N SER D 243 -9.46 16.68 -36.63
CA SER D 243 -9.29 15.25 -36.36
C SER D 243 -8.81 15.04 -34.94
N VAL D 244 -9.22 13.90 -34.38
CA VAL D 244 -8.68 13.38 -33.14
C VAL D 244 -7.74 12.22 -33.48
N PHE D 245 -6.50 12.34 -33.03
CA PHE D 245 -5.42 11.40 -33.31
C PHE D 245 -4.95 10.73 -32.02
N ASP D 246 -4.02 9.77 -32.17
CA ASP D 246 -3.60 8.89 -31.08
C ASP D 246 -2.88 9.64 -29.97
N LEU D 247 -2.19 10.73 -30.30
CA LEU D 247 -1.39 11.45 -29.33
C LEU D 247 -2.24 12.12 -28.26
N GLU D 248 -3.42 12.60 -28.65
CA GLU D 248 -4.32 13.32 -27.74
C GLU D 248 -5.71 12.72 -27.86
N PRO D 249 -5.93 11.52 -27.29
CA PRO D 249 -7.15 10.77 -27.60
C PRO D 249 -8.45 11.40 -27.11
N GLU D 250 -8.42 12.25 -26.09
CA GLU D 250 -9.61 12.97 -25.64
C GLU D 250 -9.64 14.42 -26.14
N ALA D 251 -8.88 14.74 -27.18
CA ALA D 251 -8.84 16.12 -27.68
C ALA D 251 -10.22 16.56 -28.14
N ASN D 252 -10.45 17.87 -28.09
CA ASN D 252 -11.71 18.46 -28.54
C ASN D 252 -11.46 19.46 -29.67
N PRO D 253 -10.88 18.99 -30.78
CA PRO D 253 -10.46 19.94 -31.86
C PRO D 253 -11.61 20.69 -32.50
N LEU D 254 -12.81 20.12 -32.60
CA LEU D 254 -13.89 20.88 -33.22
C LEU D 254 -14.31 22.05 -32.35
N ALA D 255 -14.44 21.84 -31.04
CA ALA D 255 -14.74 22.97 -30.16
C ALA D 255 -13.64 24.01 -30.24
N LEU D 256 -12.36 23.58 -30.25
CA LEU D 256 -11.27 24.54 -30.38
C LEU D 256 -11.36 25.30 -31.68
N TYR D 257 -11.70 24.60 -32.77
CA TYR D 257 -11.80 25.23 -34.09
C TYR D 257 -12.93 26.25 -34.10
N LEU D 258 -14.12 25.86 -33.65
CA LEU D 258 -15.26 26.76 -33.68
C LEU D 258 -15.00 28.02 -32.87
N GLN D 259 -14.27 27.91 -31.77
CA GLN D 259 -13.93 29.08 -30.96
C GLN D 259 -12.95 29.98 -31.70
N SER D 260 -11.98 29.38 -32.39
CA SER D 260 -10.99 30.14 -33.14
C SER D 260 -11.61 30.93 -34.28
N LEU D 261 -12.74 30.45 -34.82
CA LEU D 261 -13.40 31.14 -35.93
C LEU D 261 -13.91 32.51 -35.53
N GLY D 262 -14.16 32.76 -34.24
CA GLY D 262 -14.58 34.08 -33.79
C GLY D 262 -13.60 35.18 -34.14
N ARG D 263 -12.31 34.85 -34.23
CA ARG D 263 -11.29 35.84 -34.58
C ARG D 263 -11.54 36.43 -35.97
N TYR D 264 -12.09 35.65 -36.90
CA TYR D 264 -12.37 36.11 -38.25
C TYR D 264 -13.79 36.67 -38.40
N GLU D 265 -14.73 36.23 -37.55
CA GLU D 265 -16.11 36.70 -37.64
C GLU D 265 -16.21 38.21 -37.47
N THR D 266 -15.33 38.79 -36.66
CA THR D 266 -15.35 40.21 -36.36
C THR D 266 -14.55 41.06 -37.33
N MET D 267 -13.80 40.46 -38.25
CA MET D 267 -12.96 41.25 -39.13
C MET D 267 -13.80 42.03 -40.14
N ALA D 268 -13.18 43.05 -40.71
CA ALA D 268 -13.90 43.95 -41.61
C ALA D 268 -14.54 43.17 -42.75
N PRO D 269 -15.78 43.50 -43.13
CA PRO D 269 -16.46 42.76 -44.20
C PRO D 269 -15.73 42.81 -45.55
N ASP D 270 -14.99 43.88 -45.83
CA ASP D 270 -14.26 44.02 -47.09
C ASP D 270 -12.89 43.35 -47.05
N THR D 271 -12.63 42.51 -46.05
CA THR D 271 -11.34 41.84 -45.93
C THR D 271 -11.06 40.97 -47.14
N LEU D 272 -9.88 41.15 -47.73
CA LEU D 272 -9.42 40.25 -48.79
C LEU D 272 -8.82 39.02 -48.12
N VAL D 273 -9.51 37.89 -48.26
CA VAL D 273 -9.04 36.65 -47.66
C VAL D 273 -8.23 35.89 -48.71
N LEU D 274 -7.02 35.49 -48.33
CA LEU D 274 -6.12 34.72 -49.20
C LEU D 274 -6.01 33.32 -48.63
N PRO D 275 -6.82 32.37 -49.09
CA PRO D 275 -6.82 31.03 -48.52
C PRO D 275 -5.75 30.15 -49.14
N SER D 276 -5.41 29.07 -48.43
CA SER D 276 -4.40 28.13 -48.95
C SER D 276 -4.93 27.21 -50.04
N HIS D 277 -6.24 27.02 -50.13
CA HIS D 277 -6.82 26.27 -51.23
C HIS D 277 -8.06 27.02 -51.67
N GLY D 278 -8.29 27.06 -52.97
CA GLY D 278 -9.31 27.92 -53.55
C GLY D 278 -8.72 29.21 -54.09
N LYS D 279 -9.58 30.23 -54.18
CA LYS D 279 -9.21 31.49 -54.79
C LYS D 279 -9.37 32.65 -53.80
N PRO D 280 -8.64 33.75 -54.00
CA PRO D 280 -8.90 34.95 -53.20
C PRO D 280 -10.38 35.33 -53.25
N PHE D 281 -10.94 35.65 -52.09
CA PHE D 281 -12.35 35.96 -52.00
C PHE D 281 -12.59 37.05 -50.97
N ARG D 282 -13.77 37.67 -51.08
CA ARG D 282 -14.27 38.58 -50.05
C ARG D 282 -15.55 38.00 -49.48
N GLY D 283 -15.90 38.46 -48.28
CA GLY D 283 -17.06 37.93 -47.58
C GLY D 283 -16.64 36.98 -46.47
N VAL D 284 -15.61 37.38 -45.72
CA VAL D 284 -15.10 36.54 -44.64
C VAL D 284 -16.20 36.23 -43.64
N ARG D 285 -17.08 37.20 -43.37
CA ARG D 285 -18.16 36.98 -42.42
C ARG D 285 -19.17 35.99 -42.96
N THR D 286 -19.46 36.04 -44.25
CA THR D 286 -20.39 35.09 -44.84
C THR D 286 -19.85 33.67 -44.73
N ARG D 287 -18.55 33.48 -44.97
CA ARG D 287 -18.00 32.14 -44.95
C ARG D 287 -17.99 31.55 -43.55
N ILE D 288 -17.70 32.36 -42.53
CA ILE D 288 -17.74 31.86 -41.15
C ILE D 288 -19.14 31.38 -40.79
N ALA D 289 -20.16 32.14 -41.18
CA ALA D 289 -21.53 31.75 -40.85
C ALA D 289 -21.90 30.43 -41.53
N GLN D 290 -21.37 30.21 -42.74
CA GLN D 290 -21.59 28.94 -43.40
C GLN D 290 -20.94 27.80 -42.63
N LEU D 291 -19.67 28.00 -42.25
CA LEU D 291 -18.94 26.94 -41.55
C LEU D 291 -19.64 26.57 -40.25
N ARG D 292 -20.12 27.56 -39.50
CA ARG D 292 -20.86 27.26 -38.29
C ARG D 292 -22.14 26.49 -38.60
N ALA D 293 -22.89 26.93 -39.60
CA ALA D 293 -24.11 26.22 -39.97
C ALA D 293 -23.81 24.78 -40.37
N HIS D 294 -22.75 24.59 -41.16
CA HIS D 294 -22.38 23.26 -41.61
C HIS D 294 -22.04 22.35 -40.42
N HIS D 295 -21.19 22.84 -39.51
CA HIS D 295 -20.81 22.03 -38.36
C HIS D 295 -21.95 21.78 -37.40
N ASP D 296 -22.91 22.72 -37.29
CA ASP D 296 -24.07 22.44 -36.45
C ASP D 296 -24.95 21.36 -37.04
N ALA D 297 -25.02 21.28 -38.38
CA ALA D 297 -25.80 20.22 -38.99
C ALA D 297 -25.14 18.85 -38.79
N ARG D 298 -23.80 18.76 -38.91
CA ARG D 298 -23.12 17.49 -38.68
C ARG D 298 -23.25 17.00 -37.24
N LEU D 299 -23.20 17.92 -36.27
CA LEU D 299 -23.40 17.50 -34.88
C LEU D 299 -24.79 16.91 -34.67
N ASP D 300 -25.82 17.55 -35.22
CA ASP D 300 -27.18 17.05 -35.06
C ASP D 300 -27.34 15.67 -35.66
N GLU D 301 -26.75 15.41 -36.83
CA GLU D 301 -26.80 14.07 -37.39
C GLU D 301 -26.13 13.08 -36.45
N VAL D 302 -24.99 13.47 -35.88
CA VAL D 302 -24.34 12.60 -34.90
C VAL D 302 -25.22 12.44 -33.68
N ARG D 303 -25.85 13.54 -33.22
CA ARG D 303 -26.79 13.45 -32.11
C ARG D 303 -27.90 12.45 -32.40
N VAL D 304 -28.56 12.60 -33.55
CA VAL D 304 -29.67 11.72 -33.88
C VAL D 304 -29.19 10.28 -33.97
N ALA D 305 -28.06 10.06 -34.64
CA ALA D 305 -27.58 8.69 -34.85
C ALA D 305 -27.30 7.98 -33.52
N CYS D 306 -26.75 8.70 -32.54
CA CYS D 306 -26.41 8.11 -31.25
C CYS D 306 -27.61 7.92 -30.33
N ALA D 307 -28.79 8.42 -30.72
CA ALA D 307 -29.97 8.16 -29.91
C ALA D 307 -30.55 6.78 -30.17
N GLU D 308 -30.27 6.18 -31.33
CA GLU D 308 -30.82 4.86 -31.65
C GLU D 308 -30.00 3.71 -31.07
N GLN D 309 -28.71 3.67 -31.38
CA GLN D 309 -27.85 2.59 -30.96
C GLN D 309 -26.48 3.19 -30.66
N PRO D 310 -25.66 2.50 -29.87
CA PRO D 310 -24.29 2.99 -29.65
C PRO D 310 -23.52 2.98 -30.96
N MET D 311 -22.75 4.05 -31.19
CA MET D 311 -22.10 4.27 -32.47
C MET D 311 -20.60 4.44 -32.28
N SER D 312 -19.82 3.76 -33.11
CA SER D 312 -18.39 4.01 -33.20
C SER D 312 -18.14 5.10 -34.23
N ALA D 313 -16.89 5.55 -34.30
CA ALA D 313 -16.53 6.49 -35.35
C ALA D 313 -16.74 5.88 -36.74
N ALA D 314 -16.40 4.60 -36.91
CA ALA D 314 -16.62 3.92 -38.18
C ALA D 314 -18.10 3.85 -38.54
N ASP D 315 -18.98 3.77 -37.53
CA ASP D 315 -20.43 3.80 -37.77
C ASP D 315 -20.91 5.18 -38.24
N ILE D 316 -20.26 6.26 -37.78
CA ILE D 316 -20.69 7.61 -38.14
C ILE D 316 -20.21 8.01 -39.55
N VAL D 317 -19.05 7.52 -39.98
CA VAL D 317 -18.49 7.94 -41.27
C VAL D 317 -19.49 7.79 -42.42
N PRO D 318 -20.18 6.66 -42.58
CA PRO D 318 -21.14 6.57 -43.69
C PRO D 318 -22.30 7.54 -43.56
N ILE D 319 -22.61 7.99 -42.36
CA ILE D 319 -23.66 8.99 -42.16
C ILE D 319 -23.12 10.38 -42.42
N MET D 320 -21.94 10.68 -41.88
CA MET D 320 -21.34 11.99 -42.03
C MET D 320 -20.92 12.28 -43.46
N PHE D 321 -20.52 11.25 -44.20
CA PHE D 321 -19.97 11.42 -45.55
C PHE D 321 -20.81 10.72 -46.62
N ARG D 322 -22.08 10.46 -46.34
CA ARG D 322 -23.04 9.87 -47.30
C ARG D 322 -22.47 8.85 -48.29
N LEU D 326 -13.94 6.38 -50.41
CA LEU D 326 -12.92 6.72 -49.41
C LEU D 326 -11.80 5.68 -49.33
N ASP D 327 -10.58 6.10 -49.64
CA ASP D 327 -9.44 5.19 -49.62
C ASP D 327 -8.72 5.27 -48.27
N ILE D 328 -7.53 4.67 -48.20
CA ILE D 328 -6.73 4.65 -46.96
C ILE D 328 -6.55 6.06 -46.42
N HIS D 329 -5.90 6.93 -47.21
CA HIS D 329 -5.64 8.29 -46.77
C HIS D 329 -6.93 9.04 -46.46
N GLN D 330 -7.95 8.88 -47.31
CA GLN D 330 -9.22 9.56 -47.08
C GLN D 330 -9.93 9.04 -45.83
N MET D 331 -9.99 7.71 -45.65
CA MET D 331 -10.70 7.16 -44.50
C MET D 331 -10.05 7.56 -43.17
N THR D 332 -8.75 7.80 -43.15
CA THR D 332 -8.09 8.22 -41.91
C THR D 332 -8.65 9.55 -41.42
N PHE D 333 -8.76 10.52 -42.34
CA PHE D 333 -9.20 11.86 -41.98
C PHE D 333 -10.73 11.93 -41.82
N ALA D 334 -11.48 11.10 -42.54
CA ALA D 334 -12.90 10.97 -42.26
C ALA D 334 -13.14 10.41 -40.85
N LEU D 335 -12.41 9.34 -40.51
CA LEU D 335 -12.53 8.78 -39.19
C LEU D 335 -12.13 9.80 -38.12
N GLY D 336 -11.05 10.54 -38.37
CA GLY D 336 -10.64 11.55 -37.42
C GLY D 336 -11.68 12.65 -37.22
N GLU D 337 -12.37 13.03 -38.30
CA GLU D 337 -13.38 14.07 -38.18
C GLU D 337 -14.63 13.55 -37.47
N ALA D 338 -15.00 12.28 -37.70
CA ALA D 338 -16.12 11.69 -36.97
C ALA D 338 -15.81 11.61 -35.46
N ILE D 339 -14.60 11.19 -35.10
CA ILE D 339 -14.19 11.20 -33.71
C ILE D 339 -14.22 12.60 -33.14
N ALA D 340 -13.81 13.60 -33.94
CA ALA D 340 -13.87 14.99 -33.47
C ALA D 340 -15.29 15.38 -33.10
N HIS D 341 -16.28 14.97 -33.90
CA HIS D 341 -17.67 15.31 -33.62
C HIS D 341 -18.20 14.54 -32.42
N LEU D 342 -17.83 13.27 -32.28
CA LEU D 342 -18.26 12.52 -31.12
C LEU D 342 -17.64 13.09 -29.85
N ASN D 343 -16.35 13.42 -29.88
CA ASN D 343 -15.69 13.89 -28.67
C ASN D 343 -16.31 15.19 -28.17
N LEU D 344 -16.62 16.13 -29.07
CA LEU D 344 -17.27 17.37 -28.65
C LEU D 344 -18.54 17.08 -27.87
N LEU D 345 -19.39 16.20 -28.40
CA LEU D 345 -20.65 15.87 -27.75
C LEU D 345 -20.42 15.08 -26.48
N TRP D 346 -19.44 14.18 -26.51
CA TRP D 346 -19.04 13.43 -25.31
C TRP D 346 -18.57 14.37 -24.20
N LEU D 347 -17.54 15.18 -24.49
CA LEU D 347 -16.97 16.08 -23.49
C LEU D 347 -17.97 17.13 -23.01
N ALA D 348 -18.99 17.45 -23.81
CA ALA D 348 -20.04 18.36 -23.36
C ALA D 348 -21.11 17.67 -22.53
N GLY D 349 -21.05 16.34 -22.40
CA GLY D 349 -22.02 15.62 -21.61
C GLY D 349 -23.24 15.12 -22.35
N GLU D 350 -23.36 15.38 -23.66
CA GLU D 350 -24.52 14.91 -24.40
C GLU D 350 -24.42 13.44 -24.76
N LEU D 351 -23.22 12.87 -24.76
CA LEU D 351 -23.05 11.46 -25.10
C LEU D 351 -22.27 10.75 -23.99
N VAL D 352 -22.44 9.44 -23.93
CA VAL D 352 -21.74 8.57 -22.99
C VAL D 352 -20.83 7.64 -23.79
N ARG D 353 -19.59 7.48 -23.34
CA ARG D 353 -18.64 6.66 -24.06
C ARG D 353 -18.38 5.37 -23.28
N GLU D 354 -18.52 4.23 -23.96
CA GLU D 354 -18.34 2.92 -23.36
C GLU D 354 -17.50 2.05 -24.29
N GLN D 355 -16.60 1.26 -23.71
CA GLN D 355 -15.84 0.29 -24.49
C GLN D 355 -16.59 -1.03 -24.51
N GLY D 356 -16.88 -1.53 -25.69
CA GLY D 356 -17.59 -2.79 -25.82
C GLY D 356 -16.66 -3.97 -25.63
N ASP D 357 -17.25 -5.17 -25.61
CA ASP D 357 -16.47 -6.38 -25.42
C ASP D 357 -15.44 -6.58 -26.53
N ASP D 358 -15.65 -5.95 -27.68
CA ASP D 358 -14.74 -6.03 -28.82
C ASP D 358 -13.64 -4.98 -28.77
N GLY D 359 -13.54 -4.22 -27.69
CA GLY D 359 -12.51 -3.20 -27.59
C GLY D 359 -12.79 -1.91 -28.33
N VAL D 360 -13.98 -1.77 -28.92
CA VAL D 360 -14.33 -0.58 -29.71
C VAL D 360 -15.08 0.41 -28.84
N LEU D 361 -14.75 1.69 -28.99
CA LEU D 361 -15.45 2.75 -28.27
C LEU D 361 -16.71 3.13 -29.02
N ARG D 362 -17.83 3.22 -28.30
CA ARG D 362 -19.11 3.58 -28.90
C ARG D 362 -19.78 4.64 -28.05
N PHE D 363 -20.63 5.44 -28.68
CA PHE D 363 -21.23 6.60 -28.05
C PHE D 363 -22.74 6.50 -28.15
N ARG D 364 -23.42 6.85 -27.05
CA ARG D 364 -24.87 6.80 -26.95
C ARG D 364 -25.34 8.00 -26.14
N ILE D 365 -26.57 8.46 -26.43
CA ILE D 365 -27.10 9.64 -25.74
C ILE D 365 -27.05 9.41 -24.25
N ALA D 366 -26.75 10.47 -23.52
CA ALA D 366 -26.80 10.45 -22.07
C ALA D 366 -28.27 10.51 -21.69
N ARG D 367 -28.87 9.36 -21.42
CA ARG D 367 -30.25 9.35 -21.00
C ARG D 367 -30.26 9.73 -19.51
#